data_3DLR
# 
_entry.id   3DLR 
# 
_audit_conform.dict_name       mmcif_pdbx.dic 
_audit_conform.dict_version    5.398 
_audit_conform.dict_location   http://mmcif.pdb.org/dictionaries/ascii/mmcif_pdbx.dic 
# 
loop_
_database_2.database_id 
_database_2.database_code 
_database_2.pdbx_database_accession 
_database_2.pdbx_DOI 
PDB   3DLR         pdb_00003dlr 10.2210/pdb3dlr/pdb 
RCSB  RCSB048196   ?            ?                   
WWPDB D_1000048196 ?            ?                   
# 
loop_
_pdbx_audit_revision_history.ordinal 
_pdbx_audit_revision_history.data_content_type 
_pdbx_audit_revision_history.major_revision 
_pdbx_audit_revision_history.minor_revision 
_pdbx_audit_revision_history.revision_date 
1 'Structure model' 1 0 2008-12-09 
2 'Structure model' 1 1 2011-07-13 
3 'Structure model' 1 2 2019-07-24 
4 'Structure model' 1 3 2019-10-23 
5 'Structure model' 1 4 2023-08-30 
6 'Structure model' 1 5 2023-11-15 
7 'Structure model' 1 6 2024-10-30 
# 
_pdbx_audit_revision_details.ordinal             1 
_pdbx_audit_revision_details.revision_ordinal    1 
_pdbx_audit_revision_details.data_content_type   'Structure model' 
_pdbx_audit_revision_details.provider            repository 
_pdbx_audit_revision_details.type                'Initial release' 
_pdbx_audit_revision_details.description         ? 
_pdbx_audit_revision_details.details             ? 
# 
loop_
_pdbx_audit_revision_group.ordinal 
_pdbx_audit_revision_group.revision_ordinal 
_pdbx_audit_revision_group.data_content_type 
_pdbx_audit_revision_group.group 
1  2 'Structure model' 'Version format compliance' 
2  3 'Structure model' Advisory                    
3  3 'Structure model' 'Data collection'           
4  3 'Structure model' 'Derived calculations'      
5  3 'Structure model' 'Refinement description'    
6  3 'Structure model' 'Source and taxonomy'       
7  3 'Structure model' 'Structure summary'         
8  4 'Structure model' 'Data collection'           
9  4 'Structure model' 'Database references'       
10 5 'Structure model' Advisory                    
11 5 'Structure model' 'Data collection'           
12 5 'Structure model' 'Database references'       
13 5 'Structure model' 'Derived calculations'      
14 5 'Structure model' 'Refinement description'    
15 6 'Structure model' 'Data collection'           
16 7 'Structure model' 'Structure summary'         
# 
loop_
_pdbx_audit_revision_category.ordinal 
_pdbx_audit_revision_category.revision_ordinal 
_pdbx_audit_revision_category.data_content_type 
_pdbx_audit_revision_category.category 
1  3 'Structure model' entity_src_gen                
2  3 'Structure model' pdbx_unobs_or_zero_occ_atoms  
3  3 'Structure model' software                      
4  3 'Structure model' struct                        
5  3 'Structure model' struct_conn                   
6  4 'Structure model' struct_ref_seq_dif            
7  5 'Structure model' chem_comp_atom                
8  5 'Structure model' chem_comp_bond                
9  5 'Structure model' database_2                    
10 5 'Structure model' pdbx_initial_refinement_model 
11 5 'Structure model' pdbx_struct_conn_angle        
12 5 'Structure model' pdbx_unobs_or_zero_occ_atoms  
13 5 'Structure model' struct_conn                   
14 5 'Structure model' struct_site                   
15 6 'Structure model' chem_comp_atom                
16 6 'Structure model' chem_comp_bond                
17 7 'Structure model' pdbx_entry_details            
18 7 'Structure model' pdbx_modification_feature     
# 
loop_
_pdbx_audit_revision_item.ordinal 
_pdbx_audit_revision_item.revision_ordinal 
_pdbx_audit_revision_item.data_content_type 
_pdbx_audit_revision_item.item 
1  3 'Structure model' '_entity_src_gen.pdbx_host_org_ncbi_taxonomy_id' 
2  3 'Structure model' '_software.name'                                 
3  3 'Structure model' '_software.version'                              
4  3 'Structure model' '_struct.pdbx_descriptor'                        
5  3 'Structure model' '_struct_conn.pdbx_leaving_atom_flag'            
6  4 'Structure model' '_struct_ref_seq_dif.details'                    
7  5 'Structure model' '_database_2.pdbx_DOI'                           
8  5 'Structure model' '_database_2.pdbx_database_accession'            
9  5 'Structure model' '_pdbx_struct_conn_angle.ptnr1_auth_comp_id'     
10 5 'Structure model' '_pdbx_struct_conn_angle.ptnr1_auth_seq_id'      
11 5 'Structure model' '_pdbx_struct_conn_angle.ptnr1_label_asym_id'    
12 5 'Structure model' '_pdbx_struct_conn_angle.ptnr1_label_atom_id'    
13 5 'Structure model' '_pdbx_struct_conn_angle.ptnr1_label_comp_id'    
14 5 'Structure model' '_pdbx_struct_conn_angle.ptnr1_label_seq_id'     
15 5 'Structure model' '_pdbx_struct_conn_angle.ptnr3_auth_comp_id'     
16 5 'Structure model' '_pdbx_struct_conn_angle.ptnr3_auth_seq_id'      
17 5 'Structure model' '_pdbx_struct_conn_angle.ptnr3_label_asym_id'    
18 5 'Structure model' '_pdbx_struct_conn_angle.ptnr3_label_atom_id'    
19 5 'Structure model' '_pdbx_struct_conn_angle.ptnr3_label_comp_id'    
20 5 'Structure model' '_pdbx_struct_conn_angle.ptnr3_label_seq_id'     
21 5 'Structure model' '_pdbx_struct_conn_angle.value'                  
22 5 'Structure model' '_struct_conn.pdbx_dist_value'                   
23 5 'Structure model' '_struct_conn.ptnr1_auth_comp_id'                
24 5 'Structure model' '_struct_conn.ptnr1_auth_seq_id'                 
25 5 'Structure model' '_struct_conn.ptnr1_label_asym_id'               
26 5 'Structure model' '_struct_conn.ptnr1_label_atom_id'               
27 5 'Structure model' '_struct_conn.ptnr1_label_comp_id'               
28 5 'Structure model' '_struct_conn.ptnr1_label_seq_id'                
29 5 'Structure model' '_struct_conn.ptnr2_auth_comp_id'                
30 5 'Structure model' '_struct_conn.ptnr2_auth_seq_id'                 
31 5 'Structure model' '_struct_conn.ptnr2_label_asym_id'               
32 5 'Structure model' '_struct_conn.ptnr2_label_atom_id'               
33 5 'Structure model' '_struct_conn.ptnr2_label_comp_id'               
34 5 'Structure model' '_struct_conn.ptnr2_label_seq_id'                
35 5 'Structure model' '_struct_site.pdbx_auth_asym_id'                 
36 5 'Structure model' '_struct_site.pdbx_auth_comp_id'                 
37 5 'Structure model' '_struct_site.pdbx_auth_seq_id'                  
38 6 'Structure model' '_chem_comp_atom.atom_id'                        
39 6 'Structure model' '_chem_comp_bond.atom_id_2'                      
# 
_pdbx_database_status.status_code                     REL 
_pdbx_database_status.entry_id                        3DLR 
_pdbx_database_status.recvd_initial_deposition_date   2008-06-29 
_pdbx_database_status.deposit_site                    RCSB 
_pdbx_database_status.process_site                    RCSB 
_pdbx_database_status.status_code_sf                  REL 
_pdbx_database_status.status_code_mr                  ? 
_pdbx_database_status.SG_entry                        ? 
_pdbx_database_status.pdb_format_compatible           Y 
_pdbx_database_status.status_code_cs                  ? 
_pdbx_database_status.methods_development_category    ? 
_pdbx_database_status.status_code_nmr_data            ? 
# 
_pdbx_database_related.db_name        PDB 
_pdbx_database_related.db_id          1cxu 
_pdbx_database_related.details        '1.42A RESOLUTION ASV INTEGRASE CORE DOMAIN FROM CITRATE' 
_pdbx_database_related.content_type   unspecified 
# 
loop_
_audit_author.name 
_audit_author.pdbx_ordinal 
'Valkov, E.'     1 
'Cherepanov, P.' 2 
# 
_citation.id                        primary 
_citation.title                     'Functional and structural characterization of the integrase from the prototype foamy virus.' 
_citation.journal_abbrev            'Nucleic Acids Res.' 
_citation.journal_volume            37 
_citation.page_first                243 
_citation.page_last                 255 
_citation.year                      2009 
_citation.journal_id_ASTM           NARHAD 
_citation.country                   UK 
_citation.journal_id_ISSN           0305-1048 
_citation.journal_id_CSD            0389 
_citation.book_publisher            ? 
_citation.pdbx_database_id_PubMed   19036793 
_citation.pdbx_database_id_DOI      10.1093/nar/gkn938 
# 
loop_
_citation_author.citation_id 
_citation_author.name 
_citation_author.ordinal 
_citation_author.identifier_ORCID 
primary 'Valkov, E.'     1 ? 
primary 'Gupta, S.S.'    2 ? 
primary 'Hare, S.'       3 ? 
primary 'Helander, A.'   4 ? 
primary 'Roversi, P.'    5 ? 
primary 'McClure, M.'    6 ? 
primary 'Cherepanov, P.' 7 ? 
# 
loop_
_entity.id 
_entity.type 
_entity.src_method 
_entity.pdbx_description 
_entity.formula_weight 
_entity.pdbx_number_of_molecules 
_entity.pdbx_ec 
_entity.pdbx_mutation 
_entity.pdbx_fragment 
_entity.details 
1 polymer     man Integrase       22646.635 1  ? ? 'catalytic core domain' ? 
2 non-polymer syn 'MAGNESIUM ION' 24.305    1  ? ? ?                       ? 
3 water       nat water           18.015    48 ? ? ?                       ? 
# 
_entity_name_com.entity_id   1 
_entity_name_com.name        'Integrase, IN, p42In' 
# 
_entity_poly.entity_id                      1 
_entity_poly.type                           'polypeptide(L)' 
_entity_poly.nstd_linkage                   no 
_entity_poly.nstd_monomer                   yes 
_entity_poly.pdbx_seq_one_letter_code       
;GPGSGPILRPDRPQKPFDKFFIDYIGPLPPSQGYLYVLVVVDG(MSE)TGFTWLYPTKAPSTSATVKSLNVLTSIAIPKV
IHSDQGAAFTSSTFAEWAKERGIHLEFSTPYHPQSSGKVERKNSDIKRLLTKLLVGRPTKWYDLLPVVQLALNNTYSPVL
KYTPHQLLFGIDSNTPFANQDTLDLTREEELSLLQEIRTSLYHPST
;
_entity_poly.pdbx_seq_one_letter_code_can   
;GPGSGPILRPDRPQKPFDKFFIDYIGPLPPSQGYLYVLVVVDGMTGFTWLYPTKAPSTSATVKSLNVLTSIAIPKVIHSD
QGAAFTSSTFAEWAKERGIHLEFSTPYHPQSSGKVERKNSDIKRLLTKLLVGRPTKWYDLLPVVQLALNNTYSPVLKYTP
HQLLFGIDSNTPFANQDTLDLTREEELSLLQEIRTSLYHPST
;
_entity_poly.pdbx_strand_id                 A 
_entity_poly.pdbx_target_identifier         ? 
# 
loop_
_pdbx_entity_nonpoly.entity_id 
_pdbx_entity_nonpoly.name 
_pdbx_entity_nonpoly.comp_id 
2 'MAGNESIUM ION' MG  
3 water           HOH 
# 
loop_
_entity_poly_seq.entity_id 
_entity_poly_seq.num 
_entity_poly_seq.mon_id 
_entity_poly_seq.hetero 
1 1   GLY n 
1 2   PRO n 
1 3   GLY n 
1 4   SER n 
1 5   GLY n 
1 6   PRO n 
1 7   ILE n 
1 8   LEU n 
1 9   ARG n 
1 10  PRO n 
1 11  ASP n 
1 12  ARG n 
1 13  PRO n 
1 14  GLN n 
1 15  LYS n 
1 16  PRO n 
1 17  PHE n 
1 18  ASP n 
1 19  LYS n 
1 20  PHE n 
1 21  PHE n 
1 22  ILE n 
1 23  ASP n 
1 24  TYR n 
1 25  ILE n 
1 26  GLY n 
1 27  PRO n 
1 28  LEU n 
1 29  PRO n 
1 30  PRO n 
1 31  SER n 
1 32  GLN n 
1 33  GLY n 
1 34  TYR n 
1 35  LEU n 
1 36  TYR n 
1 37  VAL n 
1 38  LEU n 
1 39  VAL n 
1 40  VAL n 
1 41  VAL n 
1 42  ASP n 
1 43  GLY n 
1 44  MSE n 
1 45  THR n 
1 46  GLY n 
1 47  PHE n 
1 48  THR n 
1 49  TRP n 
1 50  LEU n 
1 51  TYR n 
1 52  PRO n 
1 53  THR n 
1 54  LYS n 
1 55  ALA n 
1 56  PRO n 
1 57  SER n 
1 58  THR n 
1 59  SER n 
1 60  ALA n 
1 61  THR n 
1 62  VAL n 
1 63  LYS n 
1 64  SER n 
1 65  LEU n 
1 66  ASN n 
1 67  VAL n 
1 68  LEU n 
1 69  THR n 
1 70  SER n 
1 71  ILE n 
1 72  ALA n 
1 73  ILE n 
1 74  PRO n 
1 75  LYS n 
1 76  VAL n 
1 77  ILE n 
1 78  HIS n 
1 79  SER n 
1 80  ASP n 
1 81  GLN n 
1 82  GLY n 
1 83  ALA n 
1 84  ALA n 
1 85  PHE n 
1 86  THR n 
1 87  SER n 
1 88  SER n 
1 89  THR n 
1 90  PHE n 
1 91  ALA n 
1 92  GLU n 
1 93  TRP n 
1 94  ALA n 
1 95  LYS n 
1 96  GLU n 
1 97  ARG n 
1 98  GLY n 
1 99  ILE n 
1 100 HIS n 
1 101 LEU n 
1 102 GLU n 
1 103 PHE n 
1 104 SER n 
1 105 THR n 
1 106 PRO n 
1 107 TYR n 
1 108 HIS n 
1 109 PRO n 
1 110 GLN n 
1 111 SER n 
1 112 SER n 
1 113 GLY n 
1 114 LYS n 
1 115 VAL n 
1 116 GLU n 
1 117 ARG n 
1 118 LYS n 
1 119 ASN n 
1 120 SER n 
1 121 ASP n 
1 122 ILE n 
1 123 LYS n 
1 124 ARG n 
1 125 LEU n 
1 126 LEU n 
1 127 THR n 
1 128 LYS n 
1 129 LEU n 
1 130 LEU n 
1 131 VAL n 
1 132 GLY n 
1 133 ARG n 
1 134 PRO n 
1 135 THR n 
1 136 LYS n 
1 137 TRP n 
1 138 TYR n 
1 139 ASP n 
1 140 LEU n 
1 141 LEU n 
1 142 PRO n 
1 143 VAL n 
1 144 VAL n 
1 145 GLN n 
1 146 LEU n 
1 147 ALA n 
1 148 LEU n 
1 149 ASN n 
1 150 ASN n 
1 151 THR n 
1 152 TYR n 
1 153 SER n 
1 154 PRO n 
1 155 VAL n 
1 156 LEU n 
1 157 LYS n 
1 158 TYR n 
1 159 THR n 
1 160 PRO n 
1 161 HIS n 
1 162 GLN n 
1 163 LEU n 
1 164 LEU n 
1 165 PHE n 
1 166 GLY n 
1 167 ILE n 
1 168 ASP n 
1 169 SER n 
1 170 ASN n 
1 171 THR n 
1 172 PRO n 
1 173 PHE n 
1 174 ALA n 
1 175 ASN n 
1 176 GLN n 
1 177 ASP n 
1 178 THR n 
1 179 LEU n 
1 180 ASP n 
1 181 LEU n 
1 182 THR n 
1 183 ARG n 
1 184 GLU n 
1 185 GLU n 
1 186 GLU n 
1 187 LEU n 
1 188 SER n 
1 189 LEU n 
1 190 LEU n 
1 191 GLN n 
1 192 GLU n 
1 193 ILE n 
1 194 ARG n 
1 195 THR n 
1 196 SER n 
1 197 LEU n 
1 198 TYR n 
1 199 HIS n 
1 200 PRO n 
1 201 SER n 
1 202 THR n 
# 
_entity_src_gen.entity_id                          1 
_entity_src_gen.pdbx_src_id                        1 
_entity_src_gen.pdbx_alt_source_flag               sample 
_entity_src_gen.pdbx_seq_type                      ? 
_entity_src_gen.pdbx_beg_seq_num                   ? 
_entity_src_gen.pdbx_end_seq_num                   ? 
_entity_src_gen.gene_src_common_name               'SFVcpz(hu)' 
_entity_src_gen.gene_src_genus                     ? 
_entity_src_gen.pdbx_gene_src_gene                 pol 
_entity_src_gen.gene_src_species                   ? 
_entity_src_gen.gene_src_strain                    HSRV2 
_entity_src_gen.gene_src_tissue                    ? 
_entity_src_gen.gene_src_tissue_fraction           ? 
_entity_src_gen.gene_src_details                   ? 
_entity_src_gen.pdbx_gene_src_fragment             ? 
_entity_src_gen.pdbx_gene_src_scientific_name      'Human spumaretrovirus' 
_entity_src_gen.pdbx_gene_src_ncbi_taxonomy_id     11963 
_entity_src_gen.pdbx_gene_src_variant              ? 
_entity_src_gen.pdbx_gene_src_cell_line            ? 
_entity_src_gen.pdbx_gene_src_atcc                 ? 
_entity_src_gen.pdbx_gene_src_organ                ? 
_entity_src_gen.pdbx_gene_src_organelle            ? 
_entity_src_gen.pdbx_gene_src_cell                 ? 
_entity_src_gen.pdbx_gene_src_cellular_location    ? 
_entity_src_gen.host_org_common_name               ? 
_entity_src_gen.pdbx_host_org_scientific_name      'Escherichia coli' 
_entity_src_gen.pdbx_host_org_ncbi_taxonomy_id     562 
_entity_src_gen.host_org_genus                     ? 
_entity_src_gen.pdbx_host_org_gene                 ? 
_entity_src_gen.pdbx_host_org_organ                ? 
_entity_src_gen.host_org_species                   ? 
_entity_src_gen.pdbx_host_org_tissue               ? 
_entity_src_gen.pdbx_host_org_tissue_fraction      ? 
_entity_src_gen.pdbx_host_org_strain               B834 
_entity_src_gen.pdbx_host_org_variant              ? 
_entity_src_gen.pdbx_host_org_cell_line            ? 
_entity_src_gen.pdbx_host_org_atcc                 ? 
_entity_src_gen.pdbx_host_org_culture_collection   ? 
_entity_src_gen.pdbx_host_org_cell                 ? 
_entity_src_gen.pdbx_host_org_organelle            ? 
_entity_src_gen.pdbx_host_org_cellular_location    ? 
_entity_src_gen.pdbx_host_org_vector_type          PLASMID 
_entity_src_gen.pdbx_host_org_vector               ? 
_entity_src_gen.host_org_details                   ? 
_entity_src_gen.expression_system_id               ? 
_entity_src_gen.plasmid_name                       'pCPH6P-HSRV2(88-286)' 
_entity_src_gen.plasmid_details                    ? 
_entity_src_gen.pdbx_description                   ? 
# 
loop_
_chem_comp.id 
_chem_comp.type 
_chem_comp.mon_nstd_flag 
_chem_comp.name 
_chem_comp.pdbx_synonyms 
_chem_comp.formula 
_chem_comp.formula_weight 
ALA 'L-peptide linking' y ALANINE          ? 'C3 H7 N O2'     89.093  
ARG 'L-peptide linking' y ARGININE         ? 'C6 H15 N4 O2 1' 175.209 
ASN 'L-peptide linking' y ASPARAGINE       ? 'C4 H8 N2 O3'    132.118 
ASP 'L-peptide linking' y 'ASPARTIC ACID'  ? 'C4 H7 N O4'     133.103 
GLN 'L-peptide linking' y GLUTAMINE        ? 'C5 H10 N2 O3'   146.144 
GLU 'L-peptide linking' y 'GLUTAMIC ACID'  ? 'C5 H9 N O4'     147.129 
GLY 'peptide linking'   y GLYCINE          ? 'C2 H5 N O2'     75.067  
HIS 'L-peptide linking' y HISTIDINE        ? 'C6 H10 N3 O2 1' 156.162 
HOH non-polymer         . WATER            ? 'H2 O'           18.015  
ILE 'L-peptide linking' y ISOLEUCINE       ? 'C6 H13 N O2'    131.173 
LEU 'L-peptide linking' y LEUCINE          ? 'C6 H13 N O2'    131.173 
LYS 'L-peptide linking' y LYSINE           ? 'C6 H15 N2 O2 1' 147.195 
MG  non-polymer         . 'MAGNESIUM ION'  ? 'Mg 2'           24.305  
MSE 'L-peptide linking' n SELENOMETHIONINE ? 'C5 H11 N O2 Se' 196.106 
PHE 'L-peptide linking' y PHENYLALANINE    ? 'C9 H11 N O2'    165.189 
PRO 'L-peptide linking' y PROLINE          ? 'C5 H9 N O2'     115.130 
SER 'L-peptide linking' y SERINE           ? 'C3 H7 N O3'     105.093 
THR 'L-peptide linking' y THREONINE        ? 'C4 H9 N O3'     119.119 
TRP 'L-peptide linking' y TRYPTOPHAN       ? 'C11 H12 N2 O2'  204.225 
TYR 'L-peptide linking' y TYROSINE         ? 'C9 H11 N O3'    181.189 
VAL 'L-peptide linking' y VALINE           ? 'C5 H11 N O2'    117.146 
# 
loop_
_pdbx_poly_seq_scheme.asym_id 
_pdbx_poly_seq_scheme.entity_id 
_pdbx_poly_seq_scheme.seq_id 
_pdbx_poly_seq_scheme.mon_id 
_pdbx_poly_seq_scheme.ndb_seq_num 
_pdbx_poly_seq_scheme.pdb_seq_num 
_pdbx_poly_seq_scheme.auth_seq_num 
_pdbx_poly_seq_scheme.pdb_mon_id 
_pdbx_poly_seq_scheme.auth_mon_id 
_pdbx_poly_seq_scheme.pdb_strand_id 
_pdbx_poly_seq_scheme.pdb_ins_code 
_pdbx_poly_seq_scheme.hetero 
A 1 1   GLY 1   106 ?   ?   ?   A . n 
A 1 2   PRO 2   107 ?   ?   ?   A . n 
A 1 3   GLY 3   108 ?   ?   ?   A . n 
A 1 4   SER 4   109 ?   ?   ?   A . n 
A 1 5   GLY 5   110 ?   ?   ?   A . n 
A 1 6   PRO 6   111 ?   ?   ?   A . n 
A 1 7   ILE 7   112 ?   ?   ?   A . n 
A 1 8   LEU 8   113 ?   ?   ?   A . n 
A 1 9   ARG 9   114 ?   ?   ?   A . n 
A 1 10  PRO 10  115 ?   ?   ?   A . n 
A 1 11  ASP 11  116 ?   ?   ?   A . n 
A 1 12  ARG 12  117 ?   ?   ?   A . n 
A 1 13  PRO 13  118 ?   ?   ?   A . n 
A 1 14  GLN 14  119 119 GLN GLN A . n 
A 1 15  LYS 15  120 120 LYS LYS A . n 
A 1 16  PRO 16  121 121 PRO PRO A . n 
A 1 17  PHE 17  122 122 PHE PHE A . n 
A 1 18  ASP 18  123 123 ASP ASP A . n 
A 1 19  LYS 19  124 124 LYS LYS A . n 
A 1 20  PHE 20  125 125 PHE PHE A . n 
A 1 21  PHE 21  126 126 PHE PHE A . n 
A 1 22  ILE 22  127 127 ILE ILE A . n 
A 1 23  ASP 23  128 128 ASP ASP A . n 
A 1 24  TYR 24  129 129 TYR TYR A . n 
A 1 25  ILE 25  130 130 ILE ILE A . n 
A 1 26  GLY 26  131 131 GLY GLY A . n 
A 1 27  PRO 27  132 132 PRO PRO A . n 
A 1 28  LEU 28  133 133 LEU LEU A . n 
A 1 29  PRO 29  134 134 PRO PRO A . n 
A 1 30  PRO 30  135 135 PRO PRO A . n 
A 1 31  SER 31  136 136 SER SER A . n 
A 1 32  GLN 32  137 137 GLN GLN A . n 
A 1 33  GLY 33  138 138 GLY GLY A . n 
A 1 34  TYR 34  139 139 TYR TYR A . n 
A 1 35  LEU 35  140 140 LEU LEU A . n 
A 1 36  TYR 36  141 141 TYR TYR A . n 
A 1 37  VAL 37  142 142 VAL VAL A . n 
A 1 38  LEU 38  143 143 LEU LEU A . n 
A 1 39  VAL 39  144 144 VAL VAL A . n 
A 1 40  VAL 40  145 145 VAL VAL A . n 
A 1 41  VAL 41  146 146 VAL VAL A . n 
A 1 42  ASP 42  147 147 ASP ASP A . n 
A 1 43  GLY 43  148 148 GLY GLY A . n 
A 1 44  MSE 44  149 149 MSE MSE A . n 
A 1 45  THR 45  150 150 THR THR A . n 
A 1 46  GLY 46  151 151 GLY GLY A . n 
A 1 47  PHE 47  152 152 PHE PHE A . n 
A 1 48  THR 48  153 153 THR THR A . n 
A 1 49  TRP 49  154 154 TRP TRP A . n 
A 1 50  LEU 50  155 155 LEU LEU A . n 
A 1 51  TYR 51  156 156 TYR TYR A . n 
A 1 52  PRO 52  157 157 PRO PRO A . n 
A 1 53  THR 53  158 158 THR THR A . n 
A 1 54  LYS 54  159 159 LYS LYS A . n 
A 1 55  ALA 55  160 160 ALA ALA A . n 
A 1 56  PRO 56  161 161 PRO PRO A . n 
A 1 57  SER 57  162 162 SER SER A . n 
A 1 58  THR 58  163 163 THR THR A . n 
A 1 59  SER 59  164 164 SER SER A . n 
A 1 60  ALA 60  165 165 ALA ALA A . n 
A 1 61  THR 61  166 166 THR THR A . n 
A 1 62  VAL 62  167 167 VAL VAL A . n 
A 1 63  LYS 63  168 168 LYS LYS A . n 
A 1 64  SER 64  169 169 SER SER A . n 
A 1 65  LEU 65  170 170 LEU LEU A . n 
A 1 66  ASN 66  171 171 ASN ASN A . n 
A 1 67  VAL 67  172 172 VAL VAL A . n 
A 1 68  LEU 68  173 173 LEU LEU A . n 
A 1 69  THR 69  174 174 THR THR A . n 
A 1 70  SER 70  175 175 SER SER A . n 
A 1 71  ILE 71  176 176 ILE ILE A . n 
A 1 72  ALA 72  177 177 ALA ALA A . n 
A 1 73  ILE 73  178 178 ILE ILE A . n 
A 1 74  PRO 74  179 179 PRO PRO A . n 
A 1 75  LYS 75  180 180 LYS LYS A . n 
A 1 76  VAL 76  181 181 VAL VAL A . n 
A 1 77  ILE 77  182 182 ILE ILE A . n 
A 1 78  HIS 78  183 183 HIS HIS A . n 
A 1 79  SER 79  184 184 SER SER A . n 
A 1 80  ASP 80  185 185 ASP ASP A . n 
A 1 81  GLN 81  186 186 GLN GLN A . n 
A 1 82  GLY 82  187 187 GLY GLY A . n 
A 1 83  ALA 83  188 188 ALA ALA A . n 
A 1 84  ALA 84  189 189 ALA ALA A . n 
A 1 85  PHE 85  190 190 PHE PHE A . n 
A 1 86  THR 86  191 191 THR THR A . n 
A 1 87  SER 87  192 192 SER SER A . n 
A 1 88  SER 88  193 193 SER SER A . n 
A 1 89  THR 89  194 194 THR THR A . n 
A 1 90  PHE 90  195 195 PHE PHE A . n 
A 1 91  ALA 91  196 196 ALA ALA A . n 
A 1 92  GLU 92  197 197 GLU GLU A . n 
A 1 93  TRP 93  198 198 TRP TRP A . n 
A 1 94  ALA 94  199 199 ALA ALA A . n 
A 1 95  LYS 95  200 200 LYS LYS A . n 
A 1 96  GLU 96  201 201 GLU GLU A . n 
A 1 97  ARG 97  202 202 ARG ARG A . n 
A 1 98  GLY 98  203 203 GLY GLY A . n 
A 1 99  ILE 99  204 204 ILE ILE A . n 
A 1 100 HIS 100 205 205 HIS HIS A . n 
A 1 101 LEU 101 206 206 LEU LEU A . n 
A 1 102 GLU 102 207 207 GLU GLU A . n 
A 1 103 PHE 103 208 208 PHE PHE A . n 
A 1 104 SER 104 209 209 SER SER A . n 
A 1 105 THR 105 210 ?   ?   ?   A . n 
A 1 106 PRO 106 211 ?   ?   ?   A . n 
A 1 107 TYR 107 212 ?   ?   ?   A . n 
A 1 108 HIS 108 213 ?   ?   ?   A . n 
A 1 109 PRO 109 214 ?   ?   ?   A . n 
A 1 110 GLN 110 215 ?   ?   ?   A . n 
A 1 111 SER 111 216 ?   ?   ?   A . n 
A 1 112 SER 112 217 ?   ?   ?   A . n 
A 1 113 GLY 113 218 ?   ?   ?   A . n 
A 1 114 LYS 114 219 ?   ?   ?   A . n 
A 1 115 VAL 115 220 220 VAL VAL A . n 
A 1 116 GLU 116 221 221 GLU GLU A . n 
A 1 117 ARG 117 222 222 ARG ARG A . n 
A 1 118 LYS 118 223 223 LYS LYS A . n 
A 1 119 ASN 119 224 224 ASN ASN A . n 
A 1 120 SER 120 225 225 SER SER A . n 
A 1 121 ASP 121 226 226 ASP ASP A . n 
A 1 122 ILE 122 227 227 ILE ILE A . n 
A 1 123 LYS 123 228 228 LYS LYS A . n 
A 1 124 ARG 124 229 229 ARG ARG A . n 
A 1 125 LEU 125 230 230 LEU LEU A . n 
A 1 126 LEU 126 231 231 LEU LEU A . n 
A 1 127 THR 127 232 232 THR THR A . n 
A 1 128 LYS 128 233 233 LYS LYS A . n 
A 1 129 LEU 129 234 234 LEU LEU A . n 
A 1 130 LEU 130 235 235 LEU LEU A . n 
A 1 131 VAL 131 236 236 VAL VAL A . n 
A 1 132 GLY 132 237 237 GLY GLY A . n 
A 1 133 ARG 133 238 238 ARG ARG A . n 
A 1 134 PRO 134 239 239 PRO PRO A . n 
A 1 135 THR 135 240 240 THR THR A . n 
A 1 136 LYS 136 241 241 LYS LYS A . n 
A 1 137 TRP 137 242 242 TRP TRP A . n 
A 1 138 TYR 138 243 243 TYR TYR A . n 
A 1 139 ASP 139 244 244 ASP ASP A . n 
A 1 140 LEU 140 245 245 LEU LEU A . n 
A 1 141 LEU 141 246 246 LEU LEU A . n 
A 1 142 PRO 142 247 247 PRO PRO A . n 
A 1 143 VAL 143 248 248 VAL VAL A . n 
A 1 144 VAL 144 249 249 VAL VAL A . n 
A 1 145 GLN 145 250 250 GLN GLN A . n 
A 1 146 LEU 146 251 251 LEU LEU A . n 
A 1 147 ALA 147 252 252 ALA ALA A . n 
A 1 148 LEU 148 253 253 LEU LEU A . n 
A 1 149 ASN 149 254 254 ASN ASN A . n 
A 1 150 ASN 150 255 255 ASN ASN A . n 
A 1 151 THR 151 256 256 THR THR A . n 
A 1 152 TYR 152 257 257 TYR TYR A . n 
A 1 153 SER 153 258 258 SER SER A . n 
A 1 154 PRO 154 259 259 PRO PRO A . n 
A 1 155 VAL 155 260 260 VAL VAL A . n 
A 1 156 LEU 156 261 261 LEU LEU A . n 
A 1 157 LYS 157 262 262 LYS LYS A . n 
A 1 158 TYR 158 263 263 TYR TYR A . n 
A 1 159 THR 159 264 264 THR THR A . n 
A 1 160 PRO 160 265 265 PRO PRO A . n 
A 1 161 HIS 161 266 266 HIS HIS A . n 
A 1 162 GLN 162 267 267 GLN GLN A . n 
A 1 163 LEU 163 268 268 LEU LEU A . n 
A 1 164 LEU 164 269 269 LEU LEU A . n 
A 1 165 PHE 165 270 270 PHE PHE A . n 
A 1 166 GLY 166 271 271 GLY GLY A . n 
A 1 167 ILE 167 272 ?   ?   ?   A . n 
A 1 168 ASP 168 273 ?   ?   ?   A . n 
A 1 169 SER 169 274 ?   ?   ?   A . n 
A 1 170 ASN 170 275 ?   ?   ?   A . n 
A 1 171 THR 171 276 ?   ?   ?   A . n 
A 1 172 PRO 172 277 ?   ?   ?   A . n 
A 1 173 PHE 173 278 ?   ?   ?   A . n 
A 1 174 ALA 174 279 ?   ?   ?   A . n 
A 1 175 ASN 175 280 ?   ?   ?   A . n 
A 1 176 GLN 176 281 ?   ?   ?   A . n 
A 1 177 ASP 177 282 ?   ?   ?   A . n 
A 1 178 THR 178 283 ?   ?   ?   A . n 
A 1 179 LEU 179 284 ?   ?   ?   A . n 
A 1 180 ASP 180 285 ?   ?   ?   A . n 
A 1 181 LEU 181 286 ?   ?   ?   A . n 
A 1 182 THR 182 287 ?   ?   ?   A . n 
A 1 183 ARG 183 288 ?   ?   ?   A . n 
A 1 184 GLU 184 289 ?   ?   ?   A . n 
A 1 185 GLU 185 290 ?   ?   ?   A . n 
A 1 186 GLU 186 291 ?   ?   ?   A . n 
A 1 187 LEU 187 292 ?   ?   ?   A . n 
A 1 188 SER 188 293 293 SER SER A . n 
A 1 189 LEU 189 294 294 LEU LEU A . n 
A 1 190 LEU 190 295 295 LEU LEU A . n 
A 1 191 GLN 191 296 296 GLN GLN A . n 
A 1 192 GLU 192 297 297 GLU GLU A . n 
A 1 193 ILE 193 298 298 ILE ILE A . n 
A 1 194 ARG 194 299 299 ARG ARG A . n 
A 1 195 THR 195 300 300 THR THR A . n 
A 1 196 SER 196 301 301 SER SER A . n 
A 1 197 LEU 197 302 302 LEU LEU A . n 
A 1 198 TYR 198 303 303 TYR TYR A . n 
A 1 199 HIS 199 304 304 HIS HIS A . n 
A 1 200 PRO 200 305 ?   ?   ?   A . n 
A 1 201 SER 201 306 ?   ?   ?   A . n 
A 1 202 THR 202 307 ?   ?   ?   A . n 
# 
loop_
_pdbx_nonpoly_scheme.asym_id 
_pdbx_nonpoly_scheme.entity_id 
_pdbx_nonpoly_scheme.mon_id 
_pdbx_nonpoly_scheme.ndb_seq_num 
_pdbx_nonpoly_scheme.pdb_seq_num 
_pdbx_nonpoly_scheme.auth_seq_num 
_pdbx_nonpoly_scheme.pdb_mon_id 
_pdbx_nonpoly_scheme.auth_mon_id 
_pdbx_nonpoly_scheme.pdb_strand_id 
_pdbx_nonpoly_scheme.pdb_ins_code 
B 2 MG  1  49 49 MG  MG  A . 
C 3 HOH 1  1  1  HOH HOH A . 
C 3 HOH 2  2  2  HOH HOH A . 
C 3 HOH 3  3  3  HOH HOH A . 
C 3 HOH 4  4  4  HOH HOH A . 
C 3 HOH 5  5  5  HOH HOH A . 
C 3 HOH 6  6  6  HOH HOH A . 
C 3 HOH 7  7  7  HOH HOH A . 
C 3 HOH 8  8  8  HOH HOH A . 
C 3 HOH 9  9  9  HOH HOH A . 
C 3 HOH 10 10 10 HOH HOH A . 
C 3 HOH 11 11 11 HOH HOH A . 
C 3 HOH 12 12 12 HOH HOH A . 
C 3 HOH 13 13 13 HOH HOH A . 
C 3 HOH 14 14 14 HOH HOH A . 
C 3 HOH 15 15 15 HOH HOH A . 
C 3 HOH 16 16 16 HOH HOH A . 
C 3 HOH 17 17 17 HOH HOH A . 
C 3 HOH 18 18 18 HOH HOH A . 
C 3 HOH 19 19 19 HOH HOH A . 
C 3 HOH 20 20 20 HOH HOH A . 
C 3 HOH 21 21 21 HOH HOH A . 
C 3 HOH 22 22 22 HOH HOH A . 
C 3 HOH 23 23 23 HOH HOH A . 
C 3 HOH 24 24 24 HOH HOH A . 
C 3 HOH 25 25 25 HOH HOH A . 
C 3 HOH 26 26 26 HOH HOH A . 
C 3 HOH 27 27 27 HOH HOH A . 
C 3 HOH 28 28 28 HOH HOH A . 
C 3 HOH 29 29 29 HOH HOH A . 
C 3 HOH 30 30 30 HOH HOH A . 
C 3 HOH 31 31 31 HOH HOH A . 
C 3 HOH 32 32 32 HOH HOH A . 
C 3 HOH 33 33 33 HOH HOH A . 
C 3 HOH 34 34 34 HOH HOH A . 
C 3 HOH 35 35 35 HOH HOH A . 
C 3 HOH 36 36 36 HOH HOH A . 
C 3 HOH 37 37 37 HOH HOH A . 
C 3 HOH 38 38 38 HOH HOH A . 
C 3 HOH 39 39 39 HOH HOH A . 
C 3 HOH 40 40 40 HOH HOH A . 
C 3 HOH 41 41 41 HOH HOH A . 
C 3 HOH 42 42 42 HOH HOH A . 
C 3 HOH 43 43 43 HOH HOH A . 
C 3 HOH 44 44 44 HOH HOH A . 
C 3 HOH 45 45 45 HOH HOH A . 
C 3 HOH 46 46 46 HOH HOH A . 
C 3 HOH 47 47 47 HOH HOH A . 
C 3 HOH 48 48 48 HOH HOH A . 
# 
loop_
_pdbx_unobs_or_zero_occ_atoms.id 
_pdbx_unobs_or_zero_occ_atoms.PDB_model_num 
_pdbx_unobs_or_zero_occ_atoms.polymer_flag 
_pdbx_unobs_or_zero_occ_atoms.occupancy_flag 
_pdbx_unobs_or_zero_occ_atoms.auth_asym_id 
_pdbx_unobs_or_zero_occ_atoms.auth_comp_id 
_pdbx_unobs_or_zero_occ_atoms.auth_seq_id 
_pdbx_unobs_or_zero_occ_atoms.PDB_ins_code 
_pdbx_unobs_or_zero_occ_atoms.auth_atom_id 
_pdbx_unobs_or_zero_occ_atoms.label_alt_id 
_pdbx_unobs_or_zero_occ_atoms.label_asym_id 
_pdbx_unobs_or_zero_occ_atoms.label_comp_id 
_pdbx_unobs_or_zero_occ_atoms.label_seq_id 
_pdbx_unobs_or_zero_occ_atoms.label_atom_id 
1  1 Y 0 A LYS 120 ? CE  ? A LYS 15  CE  
2  1 Y 0 A LYS 120 ? NZ  ? A LYS 15  NZ  
3  1 Y 0 A GLU 197 ? CD  ? A GLU 92  CD  
4  1 Y 0 A GLU 197 ? OE1 ? A GLU 92  OE1 
5  1 Y 0 A GLU 197 ? OE2 ? A GLU 92  OE2 
6  1 Y 0 A GLU 221 ? CG  ? A GLU 116 CG  
7  1 Y 0 A GLU 221 ? CD  ? A GLU 116 CD  
8  1 Y 0 A GLU 221 ? OE1 ? A GLU 116 OE1 
9  1 Y 0 A GLU 221 ? OE2 ? A GLU 116 OE2 
10 1 Y 0 A ARG 222 ? CD  ? A ARG 117 CD  
11 1 Y 0 A ARG 222 ? NE  ? A ARG 117 NE  
12 1 Y 0 A ARG 222 ? CZ  ? A ARG 117 CZ  
13 1 Y 0 A ARG 222 ? NH1 ? A ARG 117 NH1 
14 1 Y 0 A ARG 222 ? NH2 ? A ARG 117 NH2 
15 1 Y 0 A LYS 233 ? CD  ? A LYS 128 CD  
16 1 Y 0 A LYS 233 ? CE  ? A LYS 128 CE  
17 1 Y 0 A LYS 233 ? NZ  ? A LYS 128 NZ  
18 1 Y 0 A GLU 297 ? CD  ? A GLU 192 CD  
19 1 Y 0 A GLU 297 ? OE1 ? A GLU 192 OE1 
20 1 Y 0 A GLU 297 ? OE2 ? A GLU 192 OE2 
# 
loop_
_software.name 
_software.classification 
_software.version 
_software.citation_id 
_software.pdbx_ordinal 
PHENIX refinement       .        ? 1 
MOSFLM 'data reduction' .        ? 2 
SCALA  'data scaling'   .        ? 3 
SHARP  phasing          .        ? 4 
REFMAC refinement       5.2.0019 ? 5 
# 
_cell.entry_id           3DLR 
_cell.length_a           52.140 
_cell.length_b           52.140 
_cell.length_c           239.780 
_cell.angle_alpha        90.00 
_cell.angle_beta         90.00 
_cell.angle_gamma        120.00 
_cell.Z_PDB              12 
_cell.pdbx_unique_axis   ? 
_cell.length_a_esd       ? 
_cell.length_b_esd       ? 
_cell.length_c_esd       ? 
_cell.angle_alpha_esd    ? 
_cell.angle_beta_esd     ? 
_cell.angle_gamma_esd    ? 
# 
_symmetry.entry_id                         3DLR 
_symmetry.space_group_name_H-M             'P 61 2 2' 
_symmetry.pdbx_full_space_group_name_H-M   ? 
_symmetry.cell_setting                     ? 
_symmetry.Int_Tables_number                178 
_symmetry.space_group_name_Hall            ? 
# 
_exptl.entry_id          3DLR 
_exptl.method            'X-RAY DIFFRACTION' 
_exptl.crystals_number   1 
# 
_exptl_crystal.id                    1 
_exptl_crystal.density_meas          ? 
_exptl_crystal.density_Matthews      2.08 
_exptl_crystal.density_percent_sol   40.79 
_exptl_crystal.description           
;1cxu was used as a search model for molecular replacement. Solution found in PHASER (Euler angles  310.7, 84.0, 41.7; fractional coordinates -1.272, 0.422, 0.077) was used as a starting model for density modification in SOLOMON to improve and extend Se-SAD derived phases.
;
_exptl_crystal.F_000                 ? 
_exptl_crystal.preparation           ? 
# 
_exptl_crystal_grow.crystal_id      1 
_exptl_crystal_grow.method          'VAPOR DIFFUSION, HANGING DROP' 
_exptl_crystal_grow.temp            291 
_exptl_crystal_grow.temp_details    ? 
_exptl_crystal_grow.pH              6.5 
_exptl_crystal_grow.pdbx_details    
;1.0 M ammonium formate, 0.2 M magnesium cloride, 5 mM dithiotreitol, 0.1 M 2-(N-morpholino)ethanesulfonic acid, pH 6.5, VAPOR DIFFUSION, HANGING DROP, temperature 291K
;
_exptl_crystal_grow.pdbx_pH_range   . 
# 
loop_
_diffrn.id 
_diffrn.ambient_temp 
_diffrn.ambient_temp_details 
_diffrn.crystal_id 
1 100 ? 1 
2 ?   ? 1 
# 
loop_
_diffrn_detector.diffrn_id 
_diffrn_detector.detector 
_diffrn_detector.type 
_diffrn_detector.pdbx_collection_date 
_diffrn_detector.details 
1 CCD 'MARMOSAIC 225 mm CCD' 2008-01-26 ? 
2 CCD 'MARMOSAIC 225 mm CCD' 2008-01-26 ? 
# 
loop_
_diffrn_radiation.diffrn_id 
_diffrn_radiation.wavelength_id 
_diffrn_radiation.pdbx_monochromatic_or_laue_m_l 
_diffrn_radiation.monochromator 
_diffrn_radiation.pdbx_diffrn_protocol 
_diffrn_radiation.pdbx_scattering_type 
1 1 M 'Si(111) monochromator' 'SINGLE WAVELENGTH' x-ray 
2 2 M 'Si(111) monochromator' 'SINGLE WAVELENGTH' x-ray 
# 
loop_
_diffrn_radiation_wavelength.id 
_diffrn_radiation_wavelength.wavelength 
_diffrn_radiation_wavelength.wt 
1 0.95373 1.0 
2 0.97837 1.0 
# 
loop_
_diffrn_source.diffrn_id 
_diffrn_source.source 
_diffrn_source.type 
_diffrn_source.pdbx_synchrotron_site 
_diffrn_source.pdbx_synchrotron_beamline 
_diffrn_source.pdbx_wavelength 
_diffrn_source.pdbx_wavelength_list 
1 SYNCHROTRON 'ESRF BEAMLINE BM14' ESRF BM14 ? 0.95373 
2 SYNCHROTRON 'ESRF BEAMLINE BM14' ESRF BM14 ? 0.97837 
# 
_reflns.entry_id                     3DLR 
_reflns.observed_criterion_sigma_F   0 
_reflns.observed_criterion_sigma_I   0 
_reflns.d_resolution_high            2.20 
_reflns.d_resolution_low             45.18 
_reflns.number_all                   10584 
_reflns.number_obs                   10584 
_reflns.percent_possible_obs         99.5 
_reflns.pdbx_Rmerge_I_obs            ? 
_reflns.pdbx_Rsym_value              0.105 
_reflns.pdbx_netI_over_sigmaI        17.4 
_reflns.B_iso_Wilson_estimate        32.6 
_reflns.pdbx_redundancy              8.9 
_reflns.R_free_details               ? 
_reflns.limit_h_max                  ? 
_reflns.limit_h_min                  ? 
_reflns.limit_k_max                  ? 
_reflns.limit_k_min                  ? 
_reflns.limit_l_max                  ? 
_reflns.limit_l_min                  ? 
_reflns.observed_criterion_F_max     ? 
_reflns.observed_criterion_F_min     ? 
_reflns.pdbx_chi_squared             ? 
_reflns.pdbx_scaling_rejects         ? 
_reflns.pdbx_diffrn_id               1,2 
_reflns.pdbx_ordinal                 1 
# 
_reflns_shell.d_res_high             2.20 
_reflns_shell.d_res_low              2.32 
_reflns_shell.percent_possible_all   99.3 
_reflns_shell.Rmerge_I_obs           ? 
_reflns_shell.pdbx_Rsym_value        0.681 
_reflns_shell.meanI_over_sigI_obs    3.4 
_reflns_shell.pdbx_redundancy        9.3 
_reflns_shell.percent_possible_obs   ? 
_reflns_shell.number_unique_all      1477 
_reflns_shell.number_measured_all    ? 
_reflns_shell.number_measured_obs    ? 
_reflns_shell.number_unique_obs      ? 
_reflns_shell.pdbx_chi_squared       ? 
_reflns_shell.pdbx_diffrn_id         ? 
_reflns_shell.pdbx_ordinal           1 
# 
_refine.entry_id                                 3DLR 
_refine.ls_number_reflns_obs                     9540 
_refine.ls_number_reflns_all                     ? 
_refine.pdbx_ls_sigma_I                          ? 
_refine.pdbx_ls_sigma_F                          ? 
_refine.pdbx_data_cutoff_high_absF               ? 
_refine.pdbx_data_cutoff_low_absF                ? 
_refine.pdbx_data_cutoff_high_rms_absF           ? 
_refine.ls_d_res_low                             45.18 
_refine.ls_d_res_high                            2.20 
_refine.ls_percent_reflns_obs                    99.20 
_refine.ls_R_factor_obs                          0.21394 
_refine.ls_R_factor_all                          ? 
_refine.ls_R_factor_R_work                       0.20905 
_refine.ls_R_factor_R_free                       0.25922 
_refine.ls_R_factor_R_free_error                 ? 
_refine.ls_R_factor_R_free_error_details         ? 
_refine.ls_percent_reflns_R_free                 9.8 
_refine.ls_number_reflns_R_free                  1042 
_refine.ls_number_parameters                     ? 
_refine.ls_number_restraints                     ? 
_refine.occupancy_min                            ? 
_refine.occupancy_max                            ? 
_refine.correlation_coeff_Fo_to_Fc               0.939 
_refine.correlation_coeff_Fo_to_Fc_free          0.909 
_refine.B_iso_mean                               32.046 
_refine.aniso_B[1][1]                            0.82 
_refine.aniso_B[2][2]                            0.82 
_refine.aniso_B[3][3]                            -1.23 
_refine.aniso_B[1][2]                            0.41 
_refine.aniso_B[1][3]                            0.00 
_refine.aniso_B[2][3]                            0.00 
_refine.solvent_model_details                    MASK 
_refine.solvent_model_param_ksol                 ? 
_refine.solvent_model_param_bsol                 ? 
_refine.pdbx_solvent_vdw_probe_radii             1.20 
_refine.pdbx_solvent_ion_probe_radii             0.80 
_refine.pdbx_solvent_shrinkage_radii             0.80 
_refine.pdbx_ls_cross_valid_method               THROUGHOUT 
_refine.details                                  'HYDROGENS HAVE BEEN ADDED IN THE RIDING POSITIONS' 
_refine.pdbx_starting_model                      'PDB ENTRY 1cxu' 
_refine.pdbx_method_to_determine_struct          SAD 
_refine.pdbx_isotropic_thermal_model             ? 
_refine.pdbx_stereochemistry_target_values       'MAXIMUM LIKELIHOOD' 
_refine.pdbx_stereochem_target_val_spec_case     ? 
_refine.pdbx_R_Free_selection_details            RANDOM 
_refine.pdbx_overall_ESU_R                       0.255 
_refine.pdbx_overall_ESU_R_Free                  0.216 
_refine.overall_SU_ML                            0.141 
_refine.overall_SU_B                             10.771 
_refine.ls_redundancy_reflns_obs                 ? 
_refine.B_iso_min                                ? 
_refine.B_iso_max                                ? 
_refine.overall_SU_R_Cruickshank_DPI             ? 
_refine.overall_SU_R_free                        ? 
_refine.ls_wR_factor_R_free                      ? 
_refine.ls_wR_factor_R_work                      ? 
_refine.overall_FOM_free_R_set                   ? 
_refine.overall_FOM_work_R_set                   ? 
_refine.pdbx_overall_phase_error                 ? 
_refine.pdbx_refine_id                           'X-RAY DIFFRACTION' 
_refine.pdbx_diffrn_id                           1 
_refine.pdbx_TLS_residual_ADP_flag               ? 
_refine.pdbx_overall_SU_R_free_Cruickshank_DPI   ? 
_refine.pdbx_overall_SU_R_Blow_DPI               ? 
_refine.pdbx_overall_SU_R_free_Blow_DPI          ? 
# 
_refine_hist.pdbx_refine_id                   'X-RAY DIFFRACTION' 
_refine_hist.cycle_id                         LAST 
_refine_hist.pdbx_number_atoms_protein        1241 
_refine_hist.pdbx_number_atoms_nucleic_acid   0 
_refine_hist.pdbx_number_atoms_ligand         1 
_refine_hist.number_atoms_solvent             48 
_refine_hist.number_atoms_total               1290 
_refine_hist.d_res_high                       2.20 
_refine_hist.d_res_low                        45.18 
# 
loop_
_refine_ls_restr.type 
_refine_ls_restr.dev_ideal 
_refine_ls_restr.dev_ideal_target 
_refine_ls_restr.weight 
_refine_ls_restr.number 
_refine_ls_restr.pdbx_refine_id 
_refine_ls_restr.pdbx_restraint_function 
f_bond_refined_d             0.010  0.022  ? 1255 'X-RAY DIFFRACTION' ? 
f_bond_other_d               ?      ?      ? ?    'X-RAY DIFFRACTION' ? 
f_angle_refined_deg          1.122  1.969  ? 1712 'X-RAY DIFFRACTION' ? 
f_angle_other_deg            ?      ?      ? ?    'X-RAY DIFFRACTION' ? 
f_dihedral_angle_1_deg       5.838  5.000  ? 152  'X-RAY DIFFRACTION' ? 
f_dihedral_angle_2_deg       35.371 23.111 ? 45   'X-RAY DIFFRACTION' ? 
f_dihedral_angle_3_deg       16.041 15.000 ? 202  'X-RAY DIFFRACTION' ? 
f_dihedral_angle_4_deg       16.931 15.000 ? 4    'X-RAY DIFFRACTION' ? 
f_chiral_restr               0.073  0.200  ? 201  'X-RAY DIFFRACTION' ? 
f_gen_planes_refined         0.004  0.020  ? 918  'X-RAY DIFFRACTION' ? 
f_gen_planes_other           ?      ?      ? ?    'X-RAY DIFFRACTION' ? 
f_nbd_refined                0.197  0.200  ? 523  'X-RAY DIFFRACTION' ? 
f_nbd_other                  ?      ?      ? ?    'X-RAY DIFFRACTION' ? 
f_nbtor_refined              0.307  0.200  ? 860  'X-RAY DIFFRACTION' ? 
f_nbtor_other                ?      ?      ? ?    'X-RAY DIFFRACTION' ? 
f_xyhbond_nbd_refined        0.114  0.200  ? 60   'X-RAY DIFFRACTION' ? 
f_xyhbond_nbd_other          ?      ?      ? ?    'X-RAY DIFFRACTION' ? 
f_metal_ion_refined          0.099  0.200  ? 1    'X-RAY DIFFRACTION' ? 
f_metal_ion_other            ?      ?      ? ?    'X-RAY DIFFRACTION' ? 
f_symmetry_vdw_refined       0.149  0.200  ? 39   'X-RAY DIFFRACTION' ? 
f_symmetry_vdw_other         ?      ?      ? ?    'X-RAY DIFFRACTION' ? 
f_symmetry_hbond_refined     0.131  0.200  ? 4    'X-RAY DIFFRACTION' ? 
f_symmetry_hbond_other       ?      ?      ? ?    'X-RAY DIFFRACTION' ? 
f_symmetry_metal_ion_refined ?      ?      ? ?    'X-RAY DIFFRACTION' ? 
f_symmetry_metal_ion_other   ?      ?      ? ?    'X-RAY DIFFRACTION' ? 
f_mcbond_it                  0.558  1.500  ? 791  'X-RAY DIFFRACTION' ? 
f_mcbond_other               ?      ?      ? ?    'X-RAY DIFFRACTION' ? 
f_mcangle_it                 1.025  2.000  ? 1264 'X-RAY DIFFRACTION' ? 
f_scbond_it                  1.746  3.000  ? 535  'X-RAY DIFFRACTION' ? 
f_scangle_it                 2.472  4.500  ? 448  'X-RAY DIFFRACTION' ? 
f_rigid_bond_restr           ?      ?      ? ?    'X-RAY DIFFRACTION' ? 
f_sphericity_free            ?      ?      ? ?    'X-RAY DIFFRACTION' ? 
f_sphericity_bonded          ?      ?      ? ?    'X-RAY DIFFRACTION' ? 
# 
_refine_ls_shell.pdbx_total_number_of_bins_used   20 
_refine_ls_shell.d_res_high                       2.200 
_refine_ls_shell.d_res_low                        2.257 
_refine_ls_shell.number_reflns_R_work             683 
_refine_ls_shell.R_factor_R_work                  0.219 
_refine_ls_shell.percent_reflns_obs               98.83 
_refine_ls_shell.R_factor_R_free                  0.223 
_refine_ls_shell.R_factor_R_free_error            ? 
_refine_ls_shell.percent_reflns_R_free            ? 
_refine_ls_shell.number_reflns_R_free             75 
_refine_ls_shell.number_reflns_all                ? 
_refine_ls_shell.R_factor_all                     ? 
_refine_ls_shell.number_reflns_obs                ? 
_refine_ls_shell.redundancy_reflns_obs            ? 
_refine_ls_shell.pdbx_refine_id                   'X-RAY DIFFRACTION' 
# 
_struct.entry_id                  3DLR 
_struct.title                     'Crystal structure of the catalytic core domain from PFV integrase' 
_struct.pdbx_model_details        ? 
_struct.pdbx_CASP_flag            ? 
_struct.pdbx_model_type_details   ? 
# 
_struct_keywords.entry_id        3DLR 
_struct_keywords.pdbx_keywords   TRANSFERASE 
_struct_keywords.text            
;Retroviral integrase, RVE superfamily domain, DNA integration, DNA recombination, Endonuclease, Hydrolase, Magnesium, Metal-binding, Multifunctional enzyme, Nuclease, Nucleotidyltransferase, Nucleus, Transferase, Virion
;
# 
loop_
_struct_asym.id 
_struct_asym.pdbx_blank_PDB_chainid_flag 
_struct_asym.pdbx_modified 
_struct_asym.entity_id 
_struct_asym.details 
A N N 1 ? 
B N N 2 ? 
C N N 3 ? 
# 
_struct_ref.id                         1 
_struct_ref.db_name                    UNP 
_struct_ref.db_code                    POL_FOAMV 
_struct_ref.pdbx_db_accession          P14350 
_struct_ref.entity_id                  1 
_struct_ref.pdbx_seq_one_letter_code   
;ASGPILRPDRPQKPFDKFFIDYIGPLPPSQGYLYVLVVVDGMTGFTWLYPTKAPSTSATVKSLNVLTSIAIPKVIHSDQG
AAFTSSTFAEWAKERGIHLEFSTPYHPQSGSKVERKNSDIKRLLTKLLVGRPTKWYDLLPVVQLALNNTYSPVLKYTPHQ
LLFGIDSNTPFANQDTLDLTREEELSLLQEIRTSLYHPST
;
_struct_ref.pdbx_align_begin           859 
_struct_ref.pdbx_db_isoform            ? 
# 
_struct_ref_seq.align_id                      1 
_struct_ref_seq.ref_id                        1 
_struct_ref_seq.pdbx_PDB_id_code              3DLR 
_struct_ref_seq.pdbx_strand_id                A 
_struct_ref_seq.seq_align_beg                 3 
_struct_ref_seq.pdbx_seq_align_beg_ins_code   ? 
_struct_ref_seq.seq_align_end                 202 
_struct_ref_seq.pdbx_seq_align_end_ins_code   ? 
_struct_ref_seq.pdbx_db_accession             P14350 
_struct_ref_seq.db_align_beg                  859 
_struct_ref_seq.pdbx_db_align_beg_ins_code    ? 
_struct_ref_seq.db_align_end                  1058 
_struct_ref_seq.pdbx_db_align_end_ins_code    ? 
_struct_ref_seq.pdbx_auth_seq_align_beg       108 
_struct_ref_seq.pdbx_auth_seq_align_end       307 
# 
loop_
_struct_ref_seq_dif.align_id 
_struct_ref_seq_dif.pdbx_pdb_id_code 
_struct_ref_seq_dif.mon_id 
_struct_ref_seq_dif.pdbx_pdb_strand_id 
_struct_ref_seq_dif.seq_num 
_struct_ref_seq_dif.pdbx_pdb_ins_code 
_struct_ref_seq_dif.pdbx_seq_db_name 
_struct_ref_seq_dif.pdbx_seq_db_accession_code 
_struct_ref_seq_dif.db_mon_id 
_struct_ref_seq_dif.pdbx_seq_db_seq_num 
_struct_ref_seq_dif.details 
_struct_ref_seq_dif.pdbx_auth_seq_num 
_struct_ref_seq_dif.pdbx_ordinal 
1 3DLR GLY A 1   ? UNP P14350 ?   ?   'expression tag' 106 1 
1 3DLR PRO A 2   ? UNP P14350 ?   ?   'expression tag' 107 2 
1 3DLR GLY A 3   ? UNP P14350 ALA 859 variant          108 3 
1 3DLR SER A 112 ? UNP P14350 GLY 968 variant          217 4 
1 3DLR GLY A 113 ? UNP P14350 SER 969 variant          218 5 
# 
_pdbx_struct_assembly.id                   1 
_pdbx_struct_assembly.details              author_and_software_defined_assembly 
_pdbx_struct_assembly.method_details       PISA 
_pdbx_struct_assembly.oligomeric_details   dimeric 
_pdbx_struct_assembly.oligomeric_count     2 
# 
loop_
_pdbx_struct_assembly_prop.biol_id 
_pdbx_struct_assembly_prop.type 
_pdbx_struct_assembly_prop.value 
_pdbx_struct_assembly_prop.details 
1 'ABSA (A^2)' 2180  ? 
1 MORE         -24   ? 
1 'SSA (A^2)'  14860 ? 
# 
_pdbx_struct_assembly_gen.assembly_id       1 
_pdbx_struct_assembly_gen.oper_expression   1,2 
_pdbx_struct_assembly_gen.asym_id_list      A,B,C 
# 
loop_
_pdbx_struct_oper_list.id 
_pdbx_struct_oper_list.type 
_pdbx_struct_oper_list.name 
_pdbx_struct_oper_list.symmetry_operation 
_pdbx_struct_oper_list.matrix[1][1] 
_pdbx_struct_oper_list.matrix[1][2] 
_pdbx_struct_oper_list.matrix[1][3] 
_pdbx_struct_oper_list.vector[1] 
_pdbx_struct_oper_list.matrix[2][1] 
_pdbx_struct_oper_list.matrix[2][2] 
_pdbx_struct_oper_list.matrix[2][3] 
_pdbx_struct_oper_list.vector[2] 
_pdbx_struct_oper_list.matrix[3][1] 
_pdbx_struct_oper_list.matrix[3][2] 
_pdbx_struct_oper_list.matrix[3][3] 
_pdbx_struct_oper_list.vector[3] 
1 'identity operation'         1_555  x,y,z          1.0000000000  0.0000000000  0.0000000000 0.0000000000  0.0000000000  1.0000000000  0.0000000000  0.0000000000  0.0000000000 0.0000000000  1.0000000000 0.0000000000 
2 'crystal symmetry operation' 12_565 x,x-y+1,-z+1/6 -0.5531601407 -0.2990970956 0.7775312123 11.8428332900 -0.2990970956 -0.7997961222 -0.5204489316 19.3209595331 0.7775312123 -0.5204489316 0.3529562629 0.6263323098 
# 
_struct_biol.id        1 
_struct_biol.details   
'The second part of the biologically-relevant dimer is generated by the two-fold operation:   x, 1-x+y, 1/6-z' 
# 
loop_
_struct_conf.conf_type_id 
_struct_conf.id 
_struct_conf.pdbx_PDB_helix_id 
_struct_conf.beg_label_comp_id 
_struct_conf.beg_label_asym_id 
_struct_conf.beg_label_seq_id 
_struct_conf.pdbx_beg_PDB_ins_code 
_struct_conf.end_label_comp_id 
_struct_conf.end_label_asym_id 
_struct_conf.end_label_seq_id 
_struct_conf.pdbx_end_PDB_ins_code 
_struct_conf.beg_auth_comp_id 
_struct_conf.beg_auth_asym_id 
_struct_conf.beg_auth_seq_id 
_struct_conf.end_auth_comp_id 
_struct_conf.end_auth_asym_id 
_struct_conf.end_auth_seq_id 
_struct_conf.pdbx_PDB_helix_class 
_struct_conf.details 
_struct_conf.pdbx_PDB_helix_length 
HELX_P HELX_P1 1 SER A 57  ? THR A 69  ? SER A 162 THR A 174 1 ? 13 
HELX_P HELX_P2 2 GLY A 82  ? SER A 87  ? GLY A 187 SER A 192 1 ? 6  
HELX_P HELX_P3 3 SER A 87  ? GLY A 98  ? SER A 192 GLY A 203 1 ? 12 
HELX_P HELX_P4 4 VAL A 115 ? VAL A 131 ? VAL A 220 VAL A 236 1 ? 17 
HELX_P HELX_P5 5 ARG A 133 ? THR A 135 ? ARG A 238 THR A 240 5 ? 3  
HELX_P HELX_P6 6 LYS A 136 ? ASN A 150 ? LYS A 241 ASN A 255 1 ? 15 
HELX_P HELX_P7 7 THR A 159 ? PHE A 165 ? THR A 264 PHE A 270 1 ? 7  
HELX_P HELX_P8 8 SER A 188 ? HIS A 199 ? SER A 293 HIS A 304 1 ? 12 
# 
_struct_conf_type.id          HELX_P 
_struct_conf_type.criteria    ? 
_struct_conf_type.reference   ? 
# 
loop_
_struct_conn.id 
_struct_conn.conn_type_id 
_struct_conn.pdbx_leaving_atom_flag 
_struct_conn.pdbx_PDB_id 
_struct_conn.ptnr1_label_asym_id 
_struct_conn.ptnr1_label_comp_id 
_struct_conn.ptnr1_label_seq_id 
_struct_conn.ptnr1_label_atom_id 
_struct_conn.pdbx_ptnr1_label_alt_id 
_struct_conn.pdbx_ptnr1_PDB_ins_code 
_struct_conn.pdbx_ptnr1_standard_comp_id 
_struct_conn.ptnr1_symmetry 
_struct_conn.ptnr2_label_asym_id 
_struct_conn.ptnr2_label_comp_id 
_struct_conn.ptnr2_label_seq_id 
_struct_conn.ptnr2_label_atom_id 
_struct_conn.pdbx_ptnr2_label_alt_id 
_struct_conn.pdbx_ptnr2_PDB_ins_code 
_struct_conn.ptnr1_auth_asym_id 
_struct_conn.ptnr1_auth_comp_id 
_struct_conn.ptnr1_auth_seq_id 
_struct_conn.ptnr2_auth_asym_id 
_struct_conn.ptnr2_auth_comp_id 
_struct_conn.ptnr2_auth_seq_id 
_struct_conn.ptnr2_symmetry 
_struct_conn.pdbx_ptnr3_label_atom_id 
_struct_conn.pdbx_ptnr3_label_seq_id 
_struct_conn.pdbx_ptnr3_label_comp_id 
_struct_conn.pdbx_ptnr3_label_asym_id 
_struct_conn.pdbx_ptnr3_label_alt_id 
_struct_conn.pdbx_ptnr3_PDB_ins_code 
_struct_conn.details 
_struct_conn.pdbx_dist_value 
_struct_conn.pdbx_value_order 
_struct_conn.pdbx_role 
covale1 covale both ? A GLY 43 C  ? ? ? 1_555 A MSE 44 N   ? ? A GLY 148 A MSE 149 1_555 ? ? ? ? ? ? ? 1.329 ? ? 
covale2 covale both ? A MSE 44 C  ? ? ? 1_555 A THR 45 N   ? ? A MSE 149 A THR 150 1_555 ? ? ? ? ? ? ? 1.329 ? ? 
metalc1 metalc ?    ? C HOH .  O  ? ? ? 1_555 B MG  .  MG  ? ? A HOH 36  A MG  49  1_555 ? ? ? ? ? ? ? 2.125 ? ? 
metalc2 metalc ?    ? C HOH .  O  ? ? ? 1_555 B MG  .  MG  ? ? A HOH 39  A MG  49  1_555 ? ? ? ? ? ? ? 2.073 ? ? 
metalc3 metalc ?    ? C HOH .  O  ? ? ? 1_555 B MG  .  MG  ? ? A HOH 43  A MG  49  1_555 ? ? ? ? ? ? ? 1.891 ? ? 
metalc4 metalc ?    ? C HOH .  O  ? ? ? 1_555 B MG  .  MG  ? ? A HOH 44  A MG  49  1_555 ? ? ? ? ? ? ? 2.451 ? ? 
metalc5 metalc ?    ? B MG  .  MG ? ? ? 1_555 A ASP 23 OD1 ? ? A MG  49  A ASP 128 1_555 ? ? ? ? ? ? ? 2.271 ? ? 
metalc6 metalc ?    ? B MG  .  MG ? ? ? 1_555 A ASP 80 OD1 ? ? A MG  49  A ASP 185 1_555 ? ? ? ? ? ? ? 2.100 ? ? 
# 
loop_
_struct_conn_type.id 
_struct_conn_type.criteria 
_struct_conn_type.reference 
covale ? ? 
metalc ? ? 
# 
loop_
_pdbx_struct_conn_angle.id 
_pdbx_struct_conn_angle.ptnr1_label_atom_id 
_pdbx_struct_conn_angle.ptnr1_label_alt_id 
_pdbx_struct_conn_angle.ptnr1_label_asym_id 
_pdbx_struct_conn_angle.ptnr1_label_comp_id 
_pdbx_struct_conn_angle.ptnr1_label_seq_id 
_pdbx_struct_conn_angle.ptnr1_auth_atom_id 
_pdbx_struct_conn_angle.ptnr1_auth_asym_id 
_pdbx_struct_conn_angle.ptnr1_auth_comp_id 
_pdbx_struct_conn_angle.ptnr1_auth_seq_id 
_pdbx_struct_conn_angle.ptnr1_PDB_ins_code 
_pdbx_struct_conn_angle.ptnr1_symmetry 
_pdbx_struct_conn_angle.ptnr2_label_atom_id 
_pdbx_struct_conn_angle.ptnr2_label_alt_id 
_pdbx_struct_conn_angle.ptnr2_label_asym_id 
_pdbx_struct_conn_angle.ptnr2_label_comp_id 
_pdbx_struct_conn_angle.ptnr2_label_seq_id 
_pdbx_struct_conn_angle.ptnr2_auth_atom_id 
_pdbx_struct_conn_angle.ptnr2_auth_asym_id 
_pdbx_struct_conn_angle.ptnr2_auth_comp_id 
_pdbx_struct_conn_angle.ptnr2_auth_seq_id 
_pdbx_struct_conn_angle.ptnr2_PDB_ins_code 
_pdbx_struct_conn_angle.ptnr2_symmetry 
_pdbx_struct_conn_angle.ptnr3_label_atom_id 
_pdbx_struct_conn_angle.ptnr3_label_alt_id 
_pdbx_struct_conn_angle.ptnr3_label_asym_id 
_pdbx_struct_conn_angle.ptnr3_label_comp_id 
_pdbx_struct_conn_angle.ptnr3_label_seq_id 
_pdbx_struct_conn_angle.ptnr3_auth_atom_id 
_pdbx_struct_conn_angle.ptnr3_auth_asym_id 
_pdbx_struct_conn_angle.ptnr3_auth_comp_id 
_pdbx_struct_conn_angle.ptnr3_auth_seq_id 
_pdbx_struct_conn_angle.ptnr3_PDB_ins_code 
_pdbx_struct_conn_angle.ptnr3_symmetry 
_pdbx_struct_conn_angle.value 
_pdbx_struct_conn_angle.value_esd 
1  O   ? C HOH .  ? A HOH 36  ? 1_555 MG ? B MG . ? A MG 49 ? 1_555 O   ? C HOH .  ? A HOH 39  ? 1_555 117.1 ? 
2  O   ? C HOH .  ? A HOH 36  ? 1_555 MG ? B MG . ? A MG 49 ? 1_555 O   ? C HOH .  ? A HOH 43  ? 1_555 87.0  ? 
3  O   ? C HOH .  ? A HOH 39  ? 1_555 MG ? B MG . ? A MG 49 ? 1_555 O   ? C HOH .  ? A HOH 43  ? 1_555 100.4 ? 
4  O   ? C HOH .  ? A HOH 36  ? 1_555 MG ? B MG . ? A MG 49 ? 1_555 O   ? C HOH .  ? A HOH 44  ? 1_555 79.8  ? 
5  O   ? C HOH .  ? A HOH 39  ? 1_555 MG ? B MG . ? A MG 49 ? 1_555 O   ? C HOH .  ? A HOH 44  ? 1_555 160.3 ? 
6  O   ? C HOH .  ? A HOH 43  ? 1_555 MG ? B MG . ? A MG 49 ? 1_555 O   ? C HOH .  ? A HOH 44  ? 1_555 89.9  ? 
7  O   ? C HOH .  ? A HOH 36  ? 1_555 MG ? B MG . ? A MG 49 ? 1_555 OD1 ? A ASP 23 ? A ASP 128 ? 1_555 162.4 ? 
8  O   ? C HOH .  ? A HOH 39  ? 1_555 MG ? B MG . ? A MG 49 ? 1_555 OD1 ? A ASP 23 ? A ASP 128 ? 1_555 77.7  ? 
9  O   ? C HOH .  ? A HOH 43  ? 1_555 MG ? B MG . ? A MG 49 ? 1_555 OD1 ? A ASP 23 ? A ASP 128 ? 1_555 100.2 ? 
10 O   ? C HOH .  ? A HOH 44  ? 1_555 MG ? B MG . ? A MG 49 ? 1_555 OD1 ? A ASP 23 ? A ASP 128 ? 1_555 84.1  ? 
11 O   ? C HOH .  ? A HOH 36  ? 1_555 MG ? B MG . ? A MG 49 ? 1_555 OD1 ? A ASP 80 ? A ASP 185 ? 1_555 87.5  ? 
12 O   ? C HOH .  ? A HOH 39  ? 1_555 MG ? B MG . ? A MG 49 ? 1_555 OD1 ? A ASP 80 ? A ASP 185 ? 1_555 91.0  ? 
13 O   ? C HOH .  ? A HOH 43  ? 1_555 MG ? B MG . ? A MG 49 ? 1_555 OD1 ? A ASP 80 ? A ASP 185 ? 1_555 168.6 ? 
14 O   ? C HOH .  ? A HOH 44  ? 1_555 MG ? B MG . ? A MG 49 ? 1_555 OD1 ? A ASP 80 ? A ASP 185 ? 1_555 79.3  ? 
15 OD1 ? A ASP 23 ? A ASP 128 ? 1_555 MG ? B MG . ? A MG 49 ? 1_555 OD1 ? A ASP 80 ? A ASP 185 ? 1_555 82.5  ? 
# 
_pdbx_modification_feature.ordinal                            1 
_pdbx_modification_feature.label_comp_id                      MSE 
_pdbx_modification_feature.label_asym_id                      A 
_pdbx_modification_feature.label_seq_id                       44 
_pdbx_modification_feature.label_alt_id                       ? 
_pdbx_modification_feature.modified_residue_label_comp_id     . 
_pdbx_modification_feature.modified_residue_label_asym_id     . 
_pdbx_modification_feature.modified_residue_label_seq_id      . 
_pdbx_modification_feature.modified_residue_label_alt_id      . 
_pdbx_modification_feature.auth_comp_id                       MSE 
_pdbx_modification_feature.auth_asym_id                       A 
_pdbx_modification_feature.auth_seq_id                        149 
_pdbx_modification_feature.PDB_ins_code                       ? 
_pdbx_modification_feature.symmetry                           1_555 
_pdbx_modification_feature.modified_residue_auth_comp_id      . 
_pdbx_modification_feature.modified_residue_auth_asym_id      . 
_pdbx_modification_feature.modified_residue_auth_seq_id       . 
_pdbx_modification_feature.modified_residue_PDB_ins_code      . 
_pdbx_modification_feature.modified_residue_symmetry          . 
_pdbx_modification_feature.comp_id_linking_atom               . 
_pdbx_modification_feature.modified_residue_id_linking_atom   . 
_pdbx_modification_feature.modified_residue_id                MET 
_pdbx_modification_feature.ref_pcm_id                         1 
_pdbx_modification_feature.ref_comp_id                        MSE 
_pdbx_modification_feature.type                               Selenomethionine 
_pdbx_modification_feature.category                           'Named protein modification' 
# 
_struct_mon_prot_cis.pdbx_id                1 
_struct_mon_prot_cis.label_comp_id          GLY 
_struct_mon_prot_cis.label_seq_id           26 
_struct_mon_prot_cis.label_asym_id          A 
_struct_mon_prot_cis.label_alt_id           . 
_struct_mon_prot_cis.pdbx_PDB_ins_code      ? 
_struct_mon_prot_cis.auth_comp_id           GLY 
_struct_mon_prot_cis.auth_seq_id            131 
_struct_mon_prot_cis.auth_asym_id           A 
_struct_mon_prot_cis.pdbx_label_comp_id_2   PRO 
_struct_mon_prot_cis.pdbx_label_seq_id_2    27 
_struct_mon_prot_cis.pdbx_label_asym_id_2   A 
_struct_mon_prot_cis.pdbx_PDB_ins_code_2    ? 
_struct_mon_prot_cis.pdbx_auth_comp_id_2    PRO 
_struct_mon_prot_cis.pdbx_auth_seq_id_2     132 
_struct_mon_prot_cis.pdbx_auth_asym_id_2    A 
_struct_mon_prot_cis.pdbx_PDB_model_num     1 
_struct_mon_prot_cis.pdbx_omega_angle       5.74 
# 
_struct_sheet.id               A 
_struct_sheet.type             ? 
_struct_sheet.number_strands   5 
_struct_sheet.details          ? 
# 
loop_
_struct_sheet_order.sheet_id 
_struct_sheet_order.range_id_1 
_struct_sheet_order.range_id_2 
_struct_sheet_order.offset 
_struct_sheet_order.sense 
A 1 2 ? anti-parallel 
A 2 3 ? anti-parallel 
A 3 4 ? parallel      
A 4 5 ? parallel      
# 
loop_
_struct_sheet_range.sheet_id 
_struct_sheet_range.id 
_struct_sheet_range.beg_label_comp_id 
_struct_sheet_range.beg_label_asym_id 
_struct_sheet_range.beg_label_seq_id 
_struct_sheet_range.pdbx_beg_PDB_ins_code 
_struct_sheet_range.end_label_comp_id 
_struct_sheet_range.end_label_asym_id 
_struct_sheet_range.end_label_seq_id 
_struct_sheet_range.pdbx_end_PDB_ins_code 
_struct_sheet_range.beg_auth_comp_id 
_struct_sheet_range.beg_auth_asym_id 
_struct_sheet_range.beg_auth_seq_id 
_struct_sheet_range.end_auth_comp_id 
_struct_sheet_range.end_auth_asym_id 
_struct_sheet_range.end_auth_seq_id 
A 1 THR A 48  ? THR A 53  ? THR A 153 THR A 158 
A 2 TYR A 36  ? ASP A 42  ? TYR A 141 ASP A 147 
A 3 LYS A 19  ? ILE A 25  ? LYS A 124 ILE A 130 
A 4 VAL A 76  ? ASP A 80  ? VAL A 181 ASP A 185 
A 5 HIS A 100 ? SER A 104 ? HIS A 205 SER A 209 
# 
loop_
_pdbx_struct_sheet_hbond.sheet_id 
_pdbx_struct_sheet_hbond.range_id_1 
_pdbx_struct_sheet_hbond.range_id_2 
_pdbx_struct_sheet_hbond.range_1_label_atom_id 
_pdbx_struct_sheet_hbond.range_1_label_comp_id 
_pdbx_struct_sheet_hbond.range_1_label_asym_id 
_pdbx_struct_sheet_hbond.range_1_label_seq_id 
_pdbx_struct_sheet_hbond.range_1_PDB_ins_code 
_pdbx_struct_sheet_hbond.range_1_auth_atom_id 
_pdbx_struct_sheet_hbond.range_1_auth_comp_id 
_pdbx_struct_sheet_hbond.range_1_auth_asym_id 
_pdbx_struct_sheet_hbond.range_1_auth_seq_id 
_pdbx_struct_sheet_hbond.range_2_label_atom_id 
_pdbx_struct_sheet_hbond.range_2_label_comp_id 
_pdbx_struct_sheet_hbond.range_2_label_asym_id 
_pdbx_struct_sheet_hbond.range_2_label_seq_id 
_pdbx_struct_sheet_hbond.range_2_PDB_ins_code 
_pdbx_struct_sheet_hbond.range_2_auth_atom_id 
_pdbx_struct_sheet_hbond.range_2_auth_comp_id 
_pdbx_struct_sheet_hbond.range_2_auth_asym_id 
_pdbx_struct_sheet_hbond.range_2_auth_seq_id 
A 1 2 O TYR A 51 ? O TYR A 156 N LEU A 38  ? N LEU A 143 
A 2 3 O VAL A 39 ? O VAL A 144 N ASP A 23  ? N ASP A 128 
A 3 4 N PHE A 20 ? N PHE A 125 O HIS A 78  ? O HIS A 183 
A 4 5 N ILE A 77 ? N ILE A 182 O GLU A 102 ? O GLU A 207 
# 
_struct_site.id                   AC1 
_struct_site.pdbx_evidence_code   Software 
_struct_site.pdbx_auth_asym_id    A 
_struct_site.pdbx_auth_comp_id    MG 
_struct_site.pdbx_auth_seq_id     49 
_struct_site.pdbx_auth_ins_code   ? 
_struct_site.pdbx_num_residues    6 
_struct_site.details              'BINDING SITE FOR RESIDUE MG A 49' 
# 
loop_
_struct_site_gen.id 
_struct_site_gen.site_id 
_struct_site_gen.pdbx_num_res 
_struct_site_gen.label_comp_id 
_struct_site_gen.label_asym_id 
_struct_site_gen.label_seq_id 
_struct_site_gen.pdbx_auth_ins_code 
_struct_site_gen.auth_comp_id 
_struct_site_gen.auth_asym_id 
_struct_site_gen.auth_seq_id 
_struct_site_gen.label_atom_id 
_struct_site_gen.label_alt_id 
_struct_site_gen.symmetry 
_struct_site_gen.details 
1 AC1 6 HOH C .  ? HOH A 36  . ? 1_555 ? 
2 AC1 6 HOH C .  ? HOH A 39  . ? 1_555 ? 
3 AC1 6 HOH C .  ? HOH A 43  . ? 1_555 ? 
4 AC1 6 HOH C .  ? HOH A 44  . ? 1_555 ? 
5 AC1 6 ASP A 23 ? ASP A 128 . ? 1_555 ? 
6 AC1 6 ASP A 80 ? ASP A 185 . ? 1_555 ? 
# 
_pdbx_entry_details.entry_id                   3DLR 
_pdbx_entry_details.compound_details           ? 
_pdbx_entry_details.source_details             ? 
_pdbx_entry_details.nonpolymer_details         ? 
_pdbx_entry_details.sequence_details           ? 
_pdbx_entry_details.has_ligand_of_interest     ? 
_pdbx_entry_details.has_protein_modification   Y 
# 
loop_
_pdbx_validate_rmsd_bond.id 
_pdbx_validate_rmsd_bond.PDB_model_num 
_pdbx_validate_rmsd_bond.auth_atom_id_1 
_pdbx_validate_rmsd_bond.auth_asym_id_1 
_pdbx_validate_rmsd_bond.auth_comp_id_1 
_pdbx_validate_rmsd_bond.auth_seq_id_1 
_pdbx_validate_rmsd_bond.PDB_ins_code_1 
_pdbx_validate_rmsd_bond.label_alt_id_1 
_pdbx_validate_rmsd_bond.auth_atom_id_2 
_pdbx_validate_rmsd_bond.auth_asym_id_2 
_pdbx_validate_rmsd_bond.auth_comp_id_2 
_pdbx_validate_rmsd_bond.auth_seq_id_2 
_pdbx_validate_rmsd_bond.PDB_ins_code_2 
_pdbx_validate_rmsd_bond.label_alt_id_2 
_pdbx_validate_rmsd_bond.bond_value 
_pdbx_validate_rmsd_bond.bond_target_value 
_pdbx_validate_rmsd_bond.bond_deviation 
_pdbx_validate_rmsd_bond.bond_standard_deviation 
_pdbx_validate_rmsd_bond.linker_flag 
1 1 CD A LYS 120 ? ? CE A LYS 120 ? ? 1.207 1.508 -0.301 0.025 N 
2 1 CG A GLU 197 ? ? CD A GLU 197 ? ? 1.410 1.515 -0.105 0.015 N 
# 
_pdbx_validate_torsion.id              1 
_pdbx_validate_torsion.PDB_model_num   1 
_pdbx_validate_torsion.auth_comp_id    ARG 
_pdbx_validate_torsion.auth_asym_id    A 
_pdbx_validate_torsion.auth_seq_id     238 
_pdbx_validate_torsion.PDB_ins_code    ? 
_pdbx_validate_torsion.label_alt_id    ? 
_pdbx_validate_torsion.phi             -163.38 
_pdbx_validate_torsion.psi             47.25 
# 
_pdbx_struct_mod_residue.id               1 
_pdbx_struct_mod_residue.label_asym_id    A 
_pdbx_struct_mod_residue.label_comp_id    MSE 
_pdbx_struct_mod_residue.label_seq_id     44 
_pdbx_struct_mod_residue.auth_asym_id     A 
_pdbx_struct_mod_residue.auth_comp_id     MSE 
_pdbx_struct_mod_residue.auth_seq_id      149 
_pdbx_struct_mod_residue.PDB_ins_code     ? 
_pdbx_struct_mod_residue.parent_comp_id   MET 
_pdbx_struct_mod_residue.details          SELENOMETHIONINE 
# 
loop_
_pdbx_refine_tls.id 
_pdbx_refine_tls.details 
_pdbx_refine_tls.method 
_pdbx_refine_tls.origin_x 
_pdbx_refine_tls.origin_y 
_pdbx_refine_tls.origin_z 
_pdbx_refine_tls.T[1][1] 
_pdbx_refine_tls.T[2][2] 
_pdbx_refine_tls.T[3][3] 
_pdbx_refine_tls.T[1][2] 
_pdbx_refine_tls.T[1][3] 
_pdbx_refine_tls.T[2][3] 
_pdbx_refine_tls.L[1][1] 
_pdbx_refine_tls.L[2][2] 
_pdbx_refine_tls.L[3][3] 
_pdbx_refine_tls.L[1][2] 
_pdbx_refine_tls.L[1][3] 
_pdbx_refine_tls.L[2][3] 
_pdbx_refine_tls.S[1][1] 
_pdbx_refine_tls.S[1][2] 
_pdbx_refine_tls.S[1][3] 
_pdbx_refine_tls.S[2][1] 
_pdbx_refine_tls.S[2][2] 
_pdbx_refine_tls.S[2][3] 
_pdbx_refine_tls.S[3][1] 
_pdbx_refine_tls.S[3][2] 
_pdbx_refine_tls.S[3][3] 
_pdbx_refine_tls.pdbx_refine_id 
1 ? refined -0.4847 1.1202  0.9088   -0.1541 -0.1275 -0.0835 -0.0498 0.0384  -0.0436 2.1351  2.4339 1.9833  -0.7196 -0.5381 -0.0015 0.0684  0.0317 -0.0861 -0.0201 -0.0985 0.1872 0.1098 -0.1966 0.0301 'X-RAY DIFFRACTION' 
2 ? refined 5.9566  -9.0768 -14.6468 0.1939  0.0114  -0.1020 0.2175  -0.0623 -0.1024 35.9793 6.6244 38.5411 -9.5158 6.9964  1.5569  -0.5209 0.4483 -0.1977 0.1056  0.2961  0.0403 1.7874 1.5424  0.2249 'X-RAY DIFFRACTION' 
# 
loop_
_pdbx_refine_tls_group.id 
_pdbx_refine_tls_group.refine_tls_id 
_pdbx_refine_tls_group.beg_auth_asym_id 
_pdbx_refine_tls_group.beg_auth_seq_id 
_pdbx_refine_tls_group.beg_label_asym_id 
_pdbx_refine_tls_group.beg_label_seq_id 
_pdbx_refine_tls_group.end_auth_asym_id 
_pdbx_refine_tls_group.end_auth_seq_id 
_pdbx_refine_tls_group.end_label_asym_id 
_pdbx_refine_tls_group.end_label_seq_id 
_pdbx_refine_tls_group.selection 
_pdbx_refine_tls_group.pdbx_refine_id 
_pdbx_refine_tls_group.selection_details 
1 1 A 119 A 14  A 271 A 166 ? 'X-RAY DIFFRACTION' ? 
2 2 A 293 A 188 A 304 A 199 ? 'X-RAY DIFFRACTION' ? 
# 
loop_
_pdbx_unobs_or_zero_occ_residues.id 
_pdbx_unobs_or_zero_occ_residues.PDB_model_num 
_pdbx_unobs_or_zero_occ_residues.polymer_flag 
_pdbx_unobs_or_zero_occ_residues.occupancy_flag 
_pdbx_unobs_or_zero_occ_residues.auth_asym_id 
_pdbx_unobs_or_zero_occ_residues.auth_comp_id 
_pdbx_unobs_or_zero_occ_residues.auth_seq_id 
_pdbx_unobs_or_zero_occ_residues.PDB_ins_code 
_pdbx_unobs_or_zero_occ_residues.label_asym_id 
_pdbx_unobs_or_zero_occ_residues.label_comp_id 
_pdbx_unobs_or_zero_occ_residues.label_seq_id 
1  1 Y 1 A GLY 106 ? A GLY 1   
2  1 Y 1 A PRO 107 ? A PRO 2   
3  1 Y 1 A GLY 108 ? A GLY 3   
4  1 Y 1 A SER 109 ? A SER 4   
5  1 Y 1 A GLY 110 ? A GLY 5   
6  1 Y 1 A PRO 111 ? A PRO 6   
7  1 Y 1 A ILE 112 ? A ILE 7   
8  1 Y 1 A LEU 113 ? A LEU 8   
9  1 Y 1 A ARG 114 ? A ARG 9   
10 1 Y 1 A PRO 115 ? A PRO 10  
11 1 Y 1 A ASP 116 ? A ASP 11  
12 1 Y 1 A ARG 117 ? A ARG 12  
13 1 Y 1 A PRO 118 ? A PRO 13  
14 1 Y 1 A THR 210 ? A THR 105 
15 1 Y 1 A PRO 211 ? A PRO 106 
16 1 Y 1 A TYR 212 ? A TYR 107 
17 1 Y 1 A HIS 213 ? A HIS 108 
18 1 Y 1 A PRO 214 ? A PRO 109 
19 1 Y 1 A GLN 215 ? A GLN 110 
20 1 Y 1 A SER 216 ? A SER 111 
21 1 Y 1 A SER 217 ? A SER 112 
22 1 Y 1 A GLY 218 ? A GLY 113 
23 1 Y 1 A LYS 219 ? A LYS 114 
24 1 Y 1 A ILE 272 ? A ILE 167 
25 1 Y 1 A ASP 273 ? A ASP 168 
26 1 Y 1 A SER 274 ? A SER 169 
27 1 Y 1 A ASN 275 ? A ASN 170 
28 1 Y 1 A THR 276 ? A THR 171 
29 1 Y 1 A PRO 277 ? A PRO 172 
30 1 Y 1 A PHE 278 ? A PHE 173 
31 1 Y 1 A ALA 279 ? A ALA 174 
32 1 Y 1 A ASN 280 ? A ASN 175 
33 1 Y 1 A GLN 281 ? A GLN 176 
34 1 Y 1 A ASP 282 ? A ASP 177 
35 1 Y 1 A THR 283 ? A THR 178 
36 1 Y 1 A LEU 284 ? A LEU 179 
37 1 Y 1 A ASP 285 ? A ASP 180 
38 1 Y 1 A LEU 286 ? A LEU 181 
39 1 Y 1 A THR 287 ? A THR 182 
40 1 Y 1 A ARG 288 ? A ARG 183 
41 1 Y 1 A GLU 289 ? A GLU 184 
42 1 Y 1 A GLU 290 ? A GLU 185 
43 1 Y 1 A GLU 291 ? A GLU 186 
44 1 Y 1 A LEU 292 ? A LEU 187 
45 1 Y 1 A PRO 305 ? A PRO 200 
46 1 Y 1 A SER 306 ? A SER 201 
47 1 Y 1 A THR 307 ? A THR 202 
# 
loop_
_chem_comp_atom.comp_id 
_chem_comp_atom.atom_id 
_chem_comp_atom.type_symbol 
_chem_comp_atom.pdbx_aromatic_flag 
_chem_comp_atom.pdbx_stereo_config 
_chem_comp_atom.pdbx_ordinal 
ALA N    N  N N 1   
ALA CA   C  N S 2   
ALA C    C  N N 3   
ALA O    O  N N 4   
ALA CB   C  N N 5   
ALA OXT  O  N N 6   
ALA H    H  N N 7   
ALA H2   H  N N 8   
ALA HA   H  N N 9   
ALA HB1  H  N N 10  
ALA HB2  H  N N 11  
ALA HB3  H  N N 12  
ALA HXT  H  N N 13  
ARG N    N  N N 14  
ARG CA   C  N S 15  
ARG C    C  N N 16  
ARG O    O  N N 17  
ARG CB   C  N N 18  
ARG CG   C  N N 19  
ARG CD   C  N N 20  
ARG NE   N  N N 21  
ARG CZ   C  N N 22  
ARG NH1  N  N N 23  
ARG NH2  N  N N 24  
ARG OXT  O  N N 25  
ARG H    H  N N 26  
ARG H2   H  N N 27  
ARG HA   H  N N 28  
ARG HB2  H  N N 29  
ARG HB3  H  N N 30  
ARG HG2  H  N N 31  
ARG HG3  H  N N 32  
ARG HD2  H  N N 33  
ARG HD3  H  N N 34  
ARG HE   H  N N 35  
ARG HH11 H  N N 36  
ARG HH12 H  N N 37  
ARG HH21 H  N N 38  
ARG HH22 H  N N 39  
ARG HXT  H  N N 40  
ASN N    N  N N 41  
ASN CA   C  N S 42  
ASN C    C  N N 43  
ASN O    O  N N 44  
ASN CB   C  N N 45  
ASN CG   C  N N 46  
ASN OD1  O  N N 47  
ASN ND2  N  N N 48  
ASN OXT  O  N N 49  
ASN H    H  N N 50  
ASN H2   H  N N 51  
ASN HA   H  N N 52  
ASN HB2  H  N N 53  
ASN HB3  H  N N 54  
ASN HD21 H  N N 55  
ASN HD22 H  N N 56  
ASN HXT  H  N N 57  
ASP N    N  N N 58  
ASP CA   C  N S 59  
ASP C    C  N N 60  
ASP O    O  N N 61  
ASP CB   C  N N 62  
ASP CG   C  N N 63  
ASP OD1  O  N N 64  
ASP OD2  O  N N 65  
ASP OXT  O  N N 66  
ASP H    H  N N 67  
ASP H2   H  N N 68  
ASP HA   H  N N 69  
ASP HB2  H  N N 70  
ASP HB3  H  N N 71  
ASP HD2  H  N N 72  
ASP HXT  H  N N 73  
GLN N    N  N N 74  
GLN CA   C  N S 75  
GLN C    C  N N 76  
GLN O    O  N N 77  
GLN CB   C  N N 78  
GLN CG   C  N N 79  
GLN CD   C  N N 80  
GLN OE1  O  N N 81  
GLN NE2  N  N N 82  
GLN OXT  O  N N 83  
GLN H    H  N N 84  
GLN H2   H  N N 85  
GLN HA   H  N N 86  
GLN HB2  H  N N 87  
GLN HB3  H  N N 88  
GLN HG2  H  N N 89  
GLN HG3  H  N N 90  
GLN HE21 H  N N 91  
GLN HE22 H  N N 92  
GLN HXT  H  N N 93  
GLU N    N  N N 94  
GLU CA   C  N S 95  
GLU C    C  N N 96  
GLU O    O  N N 97  
GLU CB   C  N N 98  
GLU CG   C  N N 99  
GLU CD   C  N N 100 
GLU OE1  O  N N 101 
GLU OE2  O  N N 102 
GLU OXT  O  N N 103 
GLU H    H  N N 104 
GLU H2   H  N N 105 
GLU HA   H  N N 106 
GLU HB2  H  N N 107 
GLU HB3  H  N N 108 
GLU HG2  H  N N 109 
GLU HG3  H  N N 110 
GLU HE2  H  N N 111 
GLU HXT  H  N N 112 
GLY N    N  N N 113 
GLY CA   C  N N 114 
GLY C    C  N N 115 
GLY O    O  N N 116 
GLY OXT  O  N N 117 
GLY H    H  N N 118 
GLY H2   H  N N 119 
GLY HA2  H  N N 120 
GLY HA3  H  N N 121 
GLY HXT  H  N N 122 
HIS N    N  N N 123 
HIS CA   C  N S 124 
HIS C    C  N N 125 
HIS O    O  N N 126 
HIS CB   C  N N 127 
HIS CG   C  Y N 128 
HIS ND1  N  Y N 129 
HIS CD2  C  Y N 130 
HIS CE1  C  Y N 131 
HIS NE2  N  Y N 132 
HIS OXT  O  N N 133 
HIS H    H  N N 134 
HIS H2   H  N N 135 
HIS HA   H  N N 136 
HIS HB2  H  N N 137 
HIS HB3  H  N N 138 
HIS HD1  H  N N 139 
HIS HD2  H  N N 140 
HIS HE1  H  N N 141 
HIS HE2  H  N N 142 
HIS HXT  H  N N 143 
HOH O    O  N N 144 
HOH H1   H  N N 145 
HOH H2   H  N N 146 
ILE N    N  N N 147 
ILE CA   C  N S 148 
ILE C    C  N N 149 
ILE O    O  N N 150 
ILE CB   C  N S 151 
ILE CG1  C  N N 152 
ILE CG2  C  N N 153 
ILE CD1  C  N N 154 
ILE OXT  O  N N 155 
ILE H    H  N N 156 
ILE H2   H  N N 157 
ILE HA   H  N N 158 
ILE HB   H  N N 159 
ILE HG12 H  N N 160 
ILE HG13 H  N N 161 
ILE HG21 H  N N 162 
ILE HG22 H  N N 163 
ILE HG23 H  N N 164 
ILE HD11 H  N N 165 
ILE HD12 H  N N 166 
ILE HD13 H  N N 167 
ILE HXT  H  N N 168 
LEU N    N  N N 169 
LEU CA   C  N S 170 
LEU C    C  N N 171 
LEU O    O  N N 172 
LEU CB   C  N N 173 
LEU CG   C  N N 174 
LEU CD1  C  N N 175 
LEU CD2  C  N N 176 
LEU OXT  O  N N 177 
LEU H    H  N N 178 
LEU H2   H  N N 179 
LEU HA   H  N N 180 
LEU HB2  H  N N 181 
LEU HB3  H  N N 182 
LEU HG   H  N N 183 
LEU HD11 H  N N 184 
LEU HD12 H  N N 185 
LEU HD13 H  N N 186 
LEU HD21 H  N N 187 
LEU HD22 H  N N 188 
LEU HD23 H  N N 189 
LEU HXT  H  N N 190 
LYS N    N  N N 191 
LYS CA   C  N S 192 
LYS C    C  N N 193 
LYS O    O  N N 194 
LYS CB   C  N N 195 
LYS CG   C  N N 196 
LYS CD   C  N N 197 
LYS CE   C  N N 198 
LYS NZ   N  N N 199 
LYS OXT  O  N N 200 
LYS H    H  N N 201 
LYS H2   H  N N 202 
LYS HA   H  N N 203 
LYS HB2  H  N N 204 
LYS HB3  H  N N 205 
LYS HG2  H  N N 206 
LYS HG3  H  N N 207 
LYS HD2  H  N N 208 
LYS HD3  H  N N 209 
LYS HE2  H  N N 210 
LYS HE3  H  N N 211 
LYS HZ1  H  N N 212 
LYS HZ2  H  N N 213 
LYS HZ3  H  N N 214 
LYS HXT  H  N N 215 
MG  MG   MG N N 216 
MSE N    N  N N 217 
MSE CA   C  N S 218 
MSE C    C  N N 219 
MSE O    O  N N 220 
MSE OXT  O  N N 221 
MSE CB   C  N N 222 
MSE CG   C  N N 223 
MSE SE   SE N N 224 
MSE CE   C  N N 225 
MSE H    H  N N 226 
MSE H2   H  N N 227 
MSE HA   H  N N 228 
MSE HXT  H  N N 229 
MSE HB2  H  N N 230 
MSE HB3  H  N N 231 
MSE HG2  H  N N 232 
MSE HG3  H  N N 233 
MSE HE1  H  N N 234 
MSE HE2  H  N N 235 
MSE HE3  H  N N 236 
PHE N    N  N N 237 
PHE CA   C  N S 238 
PHE C    C  N N 239 
PHE O    O  N N 240 
PHE CB   C  N N 241 
PHE CG   C  Y N 242 
PHE CD1  C  Y N 243 
PHE CD2  C  Y N 244 
PHE CE1  C  Y N 245 
PHE CE2  C  Y N 246 
PHE CZ   C  Y N 247 
PHE OXT  O  N N 248 
PHE H    H  N N 249 
PHE H2   H  N N 250 
PHE HA   H  N N 251 
PHE HB2  H  N N 252 
PHE HB3  H  N N 253 
PHE HD1  H  N N 254 
PHE HD2  H  N N 255 
PHE HE1  H  N N 256 
PHE HE2  H  N N 257 
PHE HZ   H  N N 258 
PHE HXT  H  N N 259 
PRO N    N  N N 260 
PRO CA   C  N S 261 
PRO C    C  N N 262 
PRO O    O  N N 263 
PRO CB   C  N N 264 
PRO CG   C  N N 265 
PRO CD   C  N N 266 
PRO OXT  O  N N 267 
PRO H    H  N N 268 
PRO HA   H  N N 269 
PRO HB2  H  N N 270 
PRO HB3  H  N N 271 
PRO HG2  H  N N 272 
PRO HG3  H  N N 273 
PRO HD2  H  N N 274 
PRO HD3  H  N N 275 
PRO HXT  H  N N 276 
SER N    N  N N 277 
SER CA   C  N S 278 
SER C    C  N N 279 
SER O    O  N N 280 
SER CB   C  N N 281 
SER OG   O  N N 282 
SER OXT  O  N N 283 
SER H    H  N N 284 
SER H2   H  N N 285 
SER HA   H  N N 286 
SER HB2  H  N N 287 
SER HB3  H  N N 288 
SER HG   H  N N 289 
SER HXT  H  N N 290 
THR N    N  N N 291 
THR CA   C  N S 292 
THR C    C  N N 293 
THR O    O  N N 294 
THR CB   C  N R 295 
THR OG1  O  N N 296 
THR CG2  C  N N 297 
THR OXT  O  N N 298 
THR H    H  N N 299 
THR H2   H  N N 300 
THR HA   H  N N 301 
THR HB   H  N N 302 
THR HG1  H  N N 303 
THR HG21 H  N N 304 
THR HG22 H  N N 305 
THR HG23 H  N N 306 
THR HXT  H  N N 307 
TRP N    N  N N 308 
TRP CA   C  N S 309 
TRP C    C  N N 310 
TRP O    O  N N 311 
TRP CB   C  N N 312 
TRP CG   C  Y N 313 
TRP CD1  C  Y N 314 
TRP CD2  C  Y N 315 
TRP NE1  N  Y N 316 
TRP CE2  C  Y N 317 
TRP CE3  C  Y N 318 
TRP CZ2  C  Y N 319 
TRP CZ3  C  Y N 320 
TRP CH2  C  Y N 321 
TRP OXT  O  N N 322 
TRP H    H  N N 323 
TRP H2   H  N N 324 
TRP HA   H  N N 325 
TRP HB2  H  N N 326 
TRP HB3  H  N N 327 
TRP HD1  H  N N 328 
TRP HE1  H  N N 329 
TRP HE3  H  N N 330 
TRP HZ2  H  N N 331 
TRP HZ3  H  N N 332 
TRP HH2  H  N N 333 
TRP HXT  H  N N 334 
TYR N    N  N N 335 
TYR CA   C  N S 336 
TYR C    C  N N 337 
TYR O    O  N N 338 
TYR CB   C  N N 339 
TYR CG   C  Y N 340 
TYR CD1  C  Y N 341 
TYR CD2  C  Y N 342 
TYR CE1  C  Y N 343 
TYR CE2  C  Y N 344 
TYR CZ   C  Y N 345 
TYR OH   O  N N 346 
TYR OXT  O  N N 347 
TYR H    H  N N 348 
TYR H2   H  N N 349 
TYR HA   H  N N 350 
TYR HB2  H  N N 351 
TYR HB3  H  N N 352 
TYR HD1  H  N N 353 
TYR HD2  H  N N 354 
TYR HE1  H  N N 355 
TYR HE2  H  N N 356 
TYR HH   H  N N 357 
TYR HXT  H  N N 358 
VAL N    N  N N 359 
VAL CA   C  N S 360 
VAL C    C  N N 361 
VAL O    O  N N 362 
VAL CB   C  N N 363 
VAL CG1  C  N N 364 
VAL CG2  C  N N 365 
VAL OXT  O  N N 366 
VAL H    H  N N 367 
VAL H2   H  N N 368 
VAL HA   H  N N 369 
VAL HB   H  N N 370 
VAL HG11 H  N N 371 
VAL HG12 H  N N 372 
VAL HG13 H  N N 373 
VAL HG21 H  N N 374 
VAL HG22 H  N N 375 
VAL HG23 H  N N 376 
VAL HXT  H  N N 377 
# 
loop_
_chem_comp_bond.comp_id 
_chem_comp_bond.atom_id_1 
_chem_comp_bond.atom_id_2 
_chem_comp_bond.value_order 
_chem_comp_bond.pdbx_aromatic_flag 
_chem_comp_bond.pdbx_stereo_config 
_chem_comp_bond.pdbx_ordinal 
ALA N   CA   sing N N 1   
ALA N   H    sing N N 2   
ALA N   H2   sing N N 3   
ALA CA  C    sing N N 4   
ALA CA  CB   sing N N 5   
ALA CA  HA   sing N N 6   
ALA C   O    doub N N 7   
ALA C   OXT  sing N N 8   
ALA CB  HB1  sing N N 9   
ALA CB  HB2  sing N N 10  
ALA CB  HB3  sing N N 11  
ALA OXT HXT  sing N N 12  
ARG N   CA   sing N N 13  
ARG N   H    sing N N 14  
ARG N   H2   sing N N 15  
ARG CA  C    sing N N 16  
ARG CA  CB   sing N N 17  
ARG CA  HA   sing N N 18  
ARG C   O    doub N N 19  
ARG C   OXT  sing N N 20  
ARG CB  CG   sing N N 21  
ARG CB  HB2  sing N N 22  
ARG CB  HB3  sing N N 23  
ARG CG  CD   sing N N 24  
ARG CG  HG2  sing N N 25  
ARG CG  HG3  sing N N 26  
ARG CD  NE   sing N N 27  
ARG CD  HD2  sing N N 28  
ARG CD  HD3  sing N N 29  
ARG NE  CZ   sing N N 30  
ARG NE  HE   sing N N 31  
ARG CZ  NH1  sing N N 32  
ARG CZ  NH2  doub N N 33  
ARG NH1 HH11 sing N N 34  
ARG NH1 HH12 sing N N 35  
ARG NH2 HH21 sing N N 36  
ARG NH2 HH22 sing N N 37  
ARG OXT HXT  sing N N 38  
ASN N   CA   sing N N 39  
ASN N   H    sing N N 40  
ASN N   H2   sing N N 41  
ASN CA  C    sing N N 42  
ASN CA  CB   sing N N 43  
ASN CA  HA   sing N N 44  
ASN C   O    doub N N 45  
ASN C   OXT  sing N N 46  
ASN CB  CG   sing N N 47  
ASN CB  HB2  sing N N 48  
ASN CB  HB3  sing N N 49  
ASN CG  OD1  doub N N 50  
ASN CG  ND2  sing N N 51  
ASN ND2 HD21 sing N N 52  
ASN ND2 HD22 sing N N 53  
ASN OXT HXT  sing N N 54  
ASP N   CA   sing N N 55  
ASP N   H    sing N N 56  
ASP N   H2   sing N N 57  
ASP CA  C    sing N N 58  
ASP CA  CB   sing N N 59  
ASP CA  HA   sing N N 60  
ASP C   O    doub N N 61  
ASP C   OXT  sing N N 62  
ASP CB  CG   sing N N 63  
ASP CB  HB2  sing N N 64  
ASP CB  HB3  sing N N 65  
ASP CG  OD1  doub N N 66  
ASP CG  OD2  sing N N 67  
ASP OD2 HD2  sing N N 68  
ASP OXT HXT  sing N N 69  
GLN N   CA   sing N N 70  
GLN N   H    sing N N 71  
GLN N   H2   sing N N 72  
GLN CA  C    sing N N 73  
GLN CA  CB   sing N N 74  
GLN CA  HA   sing N N 75  
GLN C   O    doub N N 76  
GLN C   OXT  sing N N 77  
GLN CB  CG   sing N N 78  
GLN CB  HB2  sing N N 79  
GLN CB  HB3  sing N N 80  
GLN CG  CD   sing N N 81  
GLN CG  HG2  sing N N 82  
GLN CG  HG3  sing N N 83  
GLN CD  OE1  doub N N 84  
GLN CD  NE2  sing N N 85  
GLN NE2 HE21 sing N N 86  
GLN NE2 HE22 sing N N 87  
GLN OXT HXT  sing N N 88  
GLU N   CA   sing N N 89  
GLU N   H    sing N N 90  
GLU N   H2   sing N N 91  
GLU CA  C    sing N N 92  
GLU CA  CB   sing N N 93  
GLU CA  HA   sing N N 94  
GLU C   O    doub N N 95  
GLU C   OXT  sing N N 96  
GLU CB  CG   sing N N 97  
GLU CB  HB2  sing N N 98  
GLU CB  HB3  sing N N 99  
GLU CG  CD   sing N N 100 
GLU CG  HG2  sing N N 101 
GLU CG  HG3  sing N N 102 
GLU CD  OE1  doub N N 103 
GLU CD  OE2  sing N N 104 
GLU OE2 HE2  sing N N 105 
GLU OXT HXT  sing N N 106 
GLY N   CA   sing N N 107 
GLY N   H    sing N N 108 
GLY N   H2   sing N N 109 
GLY CA  C    sing N N 110 
GLY CA  HA2  sing N N 111 
GLY CA  HA3  sing N N 112 
GLY C   O    doub N N 113 
GLY C   OXT  sing N N 114 
GLY OXT HXT  sing N N 115 
HIS N   CA   sing N N 116 
HIS N   H    sing N N 117 
HIS N   H2   sing N N 118 
HIS CA  C    sing N N 119 
HIS CA  CB   sing N N 120 
HIS CA  HA   sing N N 121 
HIS C   O    doub N N 122 
HIS C   OXT  sing N N 123 
HIS CB  CG   sing N N 124 
HIS CB  HB2  sing N N 125 
HIS CB  HB3  sing N N 126 
HIS CG  ND1  sing Y N 127 
HIS CG  CD2  doub Y N 128 
HIS ND1 CE1  doub Y N 129 
HIS ND1 HD1  sing N N 130 
HIS CD2 NE2  sing Y N 131 
HIS CD2 HD2  sing N N 132 
HIS CE1 NE2  sing Y N 133 
HIS CE1 HE1  sing N N 134 
HIS NE2 HE2  sing N N 135 
HIS OXT HXT  sing N N 136 
HOH O   H1   sing N N 137 
HOH O   H2   sing N N 138 
ILE N   CA   sing N N 139 
ILE N   H    sing N N 140 
ILE N   H2   sing N N 141 
ILE CA  C    sing N N 142 
ILE CA  CB   sing N N 143 
ILE CA  HA   sing N N 144 
ILE C   O    doub N N 145 
ILE C   OXT  sing N N 146 
ILE CB  CG1  sing N N 147 
ILE CB  CG2  sing N N 148 
ILE CB  HB   sing N N 149 
ILE CG1 CD1  sing N N 150 
ILE CG1 HG12 sing N N 151 
ILE CG1 HG13 sing N N 152 
ILE CG2 HG21 sing N N 153 
ILE CG2 HG22 sing N N 154 
ILE CG2 HG23 sing N N 155 
ILE CD1 HD11 sing N N 156 
ILE CD1 HD12 sing N N 157 
ILE CD1 HD13 sing N N 158 
ILE OXT HXT  sing N N 159 
LEU N   CA   sing N N 160 
LEU N   H    sing N N 161 
LEU N   H2   sing N N 162 
LEU CA  C    sing N N 163 
LEU CA  CB   sing N N 164 
LEU CA  HA   sing N N 165 
LEU C   O    doub N N 166 
LEU C   OXT  sing N N 167 
LEU CB  CG   sing N N 168 
LEU CB  HB2  sing N N 169 
LEU CB  HB3  sing N N 170 
LEU CG  CD1  sing N N 171 
LEU CG  CD2  sing N N 172 
LEU CG  HG   sing N N 173 
LEU CD1 HD11 sing N N 174 
LEU CD1 HD12 sing N N 175 
LEU CD1 HD13 sing N N 176 
LEU CD2 HD21 sing N N 177 
LEU CD2 HD22 sing N N 178 
LEU CD2 HD23 sing N N 179 
LEU OXT HXT  sing N N 180 
LYS N   CA   sing N N 181 
LYS N   H    sing N N 182 
LYS N   H2   sing N N 183 
LYS CA  C    sing N N 184 
LYS CA  CB   sing N N 185 
LYS CA  HA   sing N N 186 
LYS C   O    doub N N 187 
LYS C   OXT  sing N N 188 
LYS CB  CG   sing N N 189 
LYS CB  HB2  sing N N 190 
LYS CB  HB3  sing N N 191 
LYS CG  CD   sing N N 192 
LYS CG  HG2  sing N N 193 
LYS CG  HG3  sing N N 194 
LYS CD  CE   sing N N 195 
LYS CD  HD2  sing N N 196 
LYS CD  HD3  sing N N 197 
LYS CE  NZ   sing N N 198 
LYS CE  HE2  sing N N 199 
LYS CE  HE3  sing N N 200 
LYS NZ  HZ1  sing N N 201 
LYS NZ  HZ2  sing N N 202 
LYS NZ  HZ3  sing N N 203 
LYS OXT HXT  sing N N 204 
MSE N   CA   sing N N 205 
MSE N   H    sing N N 206 
MSE N   H2   sing N N 207 
MSE CA  C    sing N N 208 
MSE CA  CB   sing N N 209 
MSE CA  HA   sing N N 210 
MSE C   O    doub N N 211 
MSE C   OXT  sing N N 212 
MSE OXT HXT  sing N N 213 
MSE CB  CG   sing N N 214 
MSE CB  HB2  sing N N 215 
MSE CB  HB3  sing N N 216 
MSE CG  SE   sing N N 217 
MSE CG  HG2  sing N N 218 
MSE CG  HG3  sing N N 219 
MSE SE  CE   sing N N 220 
MSE CE  HE1  sing N N 221 
MSE CE  HE2  sing N N 222 
MSE CE  HE3  sing N N 223 
PHE N   CA   sing N N 224 
PHE N   H    sing N N 225 
PHE N   H2   sing N N 226 
PHE CA  C    sing N N 227 
PHE CA  CB   sing N N 228 
PHE CA  HA   sing N N 229 
PHE C   O    doub N N 230 
PHE C   OXT  sing N N 231 
PHE CB  CG   sing N N 232 
PHE CB  HB2  sing N N 233 
PHE CB  HB3  sing N N 234 
PHE CG  CD1  doub Y N 235 
PHE CG  CD2  sing Y N 236 
PHE CD1 CE1  sing Y N 237 
PHE CD1 HD1  sing N N 238 
PHE CD2 CE2  doub Y N 239 
PHE CD2 HD2  sing N N 240 
PHE CE1 CZ   doub Y N 241 
PHE CE1 HE1  sing N N 242 
PHE CE2 CZ   sing Y N 243 
PHE CE2 HE2  sing N N 244 
PHE CZ  HZ   sing N N 245 
PHE OXT HXT  sing N N 246 
PRO N   CA   sing N N 247 
PRO N   CD   sing N N 248 
PRO N   H    sing N N 249 
PRO CA  C    sing N N 250 
PRO CA  CB   sing N N 251 
PRO CA  HA   sing N N 252 
PRO C   O    doub N N 253 
PRO C   OXT  sing N N 254 
PRO CB  CG   sing N N 255 
PRO CB  HB2  sing N N 256 
PRO CB  HB3  sing N N 257 
PRO CG  CD   sing N N 258 
PRO CG  HG2  sing N N 259 
PRO CG  HG3  sing N N 260 
PRO CD  HD2  sing N N 261 
PRO CD  HD3  sing N N 262 
PRO OXT HXT  sing N N 263 
SER N   CA   sing N N 264 
SER N   H    sing N N 265 
SER N   H2   sing N N 266 
SER CA  C    sing N N 267 
SER CA  CB   sing N N 268 
SER CA  HA   sing N N 269 
SER C   O    doub N N 270 
SER C   OXT  sing N N 271 
SER CB  OG   sing N N 272 
SER CB  HB2  sing N N 273 
SER CB  HB3  sing N N 274 
SER OG  HG   sing N N 275 
SER OXT HXT  sing N N 276 
THR N   CA   sing N N 277 
THR N   H    sing N N 278 
THR N   H2   sing N N 279 
THR CA  C    sing N N 280 
THR CA  CB   sing N N 281 
THR CA  HA   sing N N 282 
THR C   O    doub N N 283 
THR C   OXT  sing N N 284 
THR CB  OG1  sing N N 285 
THR CB  CG2  sing N N 286 
THR CB  HB   sing N N 287 
THR OG1 HG1  sing N N 288 
THR CG2 HG21 sing N N 289 
THR CG2 HG22 sing N N 290 
THR CG2 HG23 sing N N 291 
THR OXT HXT  sing N N 292 
TRP N   CA   sing N N 293 
TRP N   H    sing N N 294 
TRP N   H2   sing N N 295 
TRP CA  C    sing N N 296 
TRP CA  CB   sing N N 297 
TRP CA  HA   sing N N 298 
TRP C   O    doub N N 299 
TRP C   OXT  sing N N 300 
TRP CB  CG   sing N N 301 
TRP CB  HB2  sing N N 302 
TRP CB  HB3  sing N N 303 
TRP CG  CD1  doub Y N 304 
TRP CG  CD2  sing Y N 305 
TRP CD1 NE1  sing Y N 306 
TRP CD1 HD1  sing N N 307 
TRP CD2 CE2  doub Y N 308 
TRP CD2 CE3  sing Y N 309 
TRP NE1 CE2  sing Y N 310 
TRP NE1 HE1  sing N N 311 
TRP CE2 CZ2  sing Y N 312 
TRP CE3 CZ3  doub Y N 313 
TRP CE3 HE3  sing N N 314 
TRP CZ2 CH2  doub Y N 315 
TRP CZ2 HZ2  sing N N 316 
TRP CZ3 CH2  sing Y N 317 
TRP CZ3 HZ3  sing N N 318 
TRP CH2 HH2  sing N N 319 
TRP OXT HXT  sing N N 320 
TYR N   CA   sing N N 321 
TYR N   H    sing N N 322 
TYR N   H2   sing N N 323 
TYR CA  C    sing N N 324 
TYR CA  CB   sing N N 325 
TYR CA  HA   sing N N 326 
TYR C   O    doub N N 327 
TYR C   OXT  sing N N 328 
TYR CB  CG   sing N N 329 
TYR CB  HB2  sing N N 330 
TYR CB  HB3  sing N N 331 
TYR CG  CD1  doub Y N 332 
TYR CG  CD2  sing Y N 333 
TYR CD1 CE1  sing Y N 334 
TYR CD1 HD1  sing N N 335 
TYR CD2 CE2  doub Y N 336 
TYR CD2 HD2  sing N N 337 
TYR CE1 CZ   doub Y N 338 
TYR CE1 HE1  sing N N 339 
TYR CE2 CZ   sing Y N 340 
TYR CE2 HE2  sing N N 341 
TYR CZ  OH   sing N N 342 
TYR OH  HH   sing N N 343 
TYR OXT HXT  sing N N 344 
VAL N   CA   sing N N 345 
VAL N   H    sing N N 346 
VAL N   H2   sing N N 347 
VAL CA  C    sing N N 348 
VAL CA  CB   sing N N 349 
VAL CA  HA   sing N N 350 
VAL C   O    doub N N 351 
VAL C   OXT  sing N N 352 
VAL CB  CG1  sing N N 353 
VAL CB  CG2  sing N N 354 
VAL CB  HB   sing N N 355 
VAL CG1 HG11 sing N N 356 
VAL CG1 HG12 sing N N 357 
VAL CG1 HG13 sing N N 358 
VAL CG2 HG21 sing N N 359 
VAL CG2 HG22 sing N N 360 
VAL CG2 HG23 sing N N 361 
VAL OXT HXT  sing N N 362 
# 
_pdbx_initial_refinement_model.id               1 
_pdbx_initial_refinement_model.entity_id_list   ? 
_pdbx_initial_refinement_model.type             'experimental model' 
_pdbx_initial_refinement_model.source_name      PDB 
_pdbx_initial_refinement_model.accession_code   1CXU 
_pdbx_initial_refinement_model.details          'PDB ENTRY 1cxu' 
# 
_atom_sites.entry_id                    3DLR 
_atom_sites.fract_transf_matrix[1][1]   0.01046782 
_atom_sites.fract_transf_matrix[1][2]   -0.00700675 
_atom_sites.fract_transf_matrix[1][3]   0.01821471 
_atom_sites.fract_transf_matrix[2][1]   0.02166930 
_atom_sites.fract_transf_matrix[2][2]   0.00383545 
_atom_sites.fract_transf_matrix[2][3]   0.00248516 
_atom_sites.fract_transf_matrix[3][1]   -0.00085685 
_atom_sites.fract_transf_matrix[3][2]   0.00361969 
_atom_sites.fract_transf_matrix[3][3]   0.00188483 
_atom_sites.fract_transf_vector[1]      0.213407 
_atom_sites.fract_transf_vector[2]      0.440556 
_atom_sites.fract_transf_vector[3]      0.052839 
# 
loop_
_atom_type.symbol 
C  
MG 
N  
O  
SE 
# 
loop_
_atom_site.group_PDB 
_atom_site.id 
_atom_site.type_symbol 
_atom_site.label_atom_id 
_atom_site.label_alt_id 
_atom_site.label_comp_id 
_atom_site.label_asym_id 
_atom_site.label_entity_id 
_atom_site.label_seq_id 
_atom_site.pdbx_PDB_ins_code 
_atom_site.Cartn_x 
_atom_site.Cartn_y 
_atom_site.Cartn_z 
_atom_site.occupancy 
_atom_site.B_iso_or_equiv 
_atom_site.pdbx_formal_charge 
_atom_site.auth_seq_id 
_atom_site.auth_comp_id 
_atom_site.auth_asym_id 
_atom_site.auth_atom_id 
_atom_site.pdbx_PDB_model_num 
ATOM   1    N  N   . GLN A 1 14  ? -15.096 9.408   -6.201  1.00 38.92 ? 119 GLN A N   1 
ATOM   2    C  CA  . GLN A 1 14  ? -15.168 10.286  -7.415  1.00 39.05 ? 119 GLN A CA  1 
ATOM   3    C  C   . GLN A 1 14  ? -13.843 10.989  -7.756  1.00 38.69 ? 119 GLN A C   1 
ATOM   4    O  O   . GLN A 1 14  ? -13.587 11.312  -8.924  1.00 38.64 ? 119 GLN A O   1 
ATOM   5    C  CB  . GLN A 1 14  ? -16.289 11.327  -7.271  1.00 39.44 ? 119 GLN A CB  1 
ATOM   6    C  CG  . GLN A 1 14  ? -17.670 10.842  -7.701  1.00 40.42 ? 119 GLN A CG  1 
ATOM   7    C  CD  . GLN A 1 14  ? -18.505 11.946  -8.338  1.00 41.88 ? 119 GLN A CD  1 
ATOM   8    O  OE1 . GLN A 1 14  ? -19.564 12.321  -7.828  1.00 42.12 ? 119 GLN A OE1 1 
ATOM   9    N  NE2 . GLN A 1 14  ? -18.024 12.476  -9.459  1.00 42.42 ? 119 GLN A NE2 1 
ATOM   10   N  N   . LYS A 1 15  ? -13.009 11.223  -6.741  1.00 37.91 ? 120 LYS A N   1 
ATOM   11   C  CA  . LYS A 1 15  ? -11.751 11.939  -6.912  1.00 37.11 ? 120 LYS A CA  1 
ATOM   12   C  C   . LYS A 1 15  ? -10.579 11.113  -6.387  1.00 36.30 ? 120 LYS A C   1 
ATOM   13   O  O   . LYS A 1 15  ? -10.750 10.333  -5.447  1.00 36.08 ? 120 LYS A O   1 
ATOM   14   C  CB  . LYS A 1 15  ? -11.807 13.257  -6.134  1.00 37.61 ? 120 LYS A CB  1 
ATOM   15   C  CG  . LYS A 1 15  ? -11.265 14.477  -6.869  1.00 38.80 ? 120 LYS A CG  1 
ATOM   16   C  CD  . LYS A 1 15  ? -12.405 15.410  -7.293  1.00 39.64 ? 120 LYS A CD  1 
ATOM   17   C  CE  . LYS A 1 15  ? -12.231 16.493  -6.790  0.00 20.00 ? 120 LYS A CE  1 
ATOM   18   N  NZ  . LYS A 1 15  ? -10.807 16.793  -6.662  0.00 20.00 ? 120 LYS A NZ  1 
ATOM   19   N  N   . PRO A 1 16  ? -9.378  11.280  -6.980  1.00 35.54 ? 121 PRO A N   1 
ATOM   20   C  CA  . PRO A 1 16  ? -8.198  10.748  -6.318  1.00 35.33 ? 121 PRO A CA  1 
ATOM   21   C  C   . PRO A 1 16  ? -8.073  11.333  -4.902  1.00 35.10 ? 121 PRO A C   1 
ATOM   22   O  O   . PRO A 1 16  ? -8.440  12.496  -4.667  1.00 34.84 ? 121 PRO A O   1 
ATOM   23   C  CB  . PRO A 1 16  ? -7.043  11.224  -7.216  1.00 35.20 ? 121 PRO A CB  1 
ATOM   24   C  CG  . PRO A 1 16  ? -7.650  11.389  -8.550  1.00 35.24 ? 121 PRO A CG  1 
ATOM   25   C  CD  . PRO A 1 16  ? -9.034  11.926  -8.260  1.00 35.67 ? 121 PRO A CD  1 
ATOM   26   N  N   . PHE A 1 17  ? -7.589  10.516  -3.969  1.00 34.66 ? 122 PHE A N   1 
ATOM   27   C  CA  . PHE A 1 17  ? -7.400  10.923  -2.574  1.00 35.01 ? 122 PHE A CA  1 
ATOM   28   C  C   . PHE A 1 17  ? -8.681  11.093  -1.763  1.00 34.93 ? 122 PHE A C   1 
ATOM   29   O  O   . PHE A 1 17  ? -8.614  11.517  -0.618  1.00 35.24 ? 122 PHE A O   1 
ATOM   30   C  CB  . PHE A 1 17  ? -6.556  12.199  -2.480  1.00 35.46 ? 122 PHE A CB  1 
ATOM   31   C  CG  . PHE A 1 17  ? -5.081  11.957  -2.579  1.00 36.72 ? 122 PHE A CG  1 
ATOM   32   C  CD1 . PHE A 1 17  ? -4.466  11.818  -3.814  1.00 36.83 ? 122 PHE A CD1 1 
ATOM   33   C  CD2 . PHE A 1 17  ? -4.303  11.882  -1.428  1.00 38.67 ? 122 PHE A CD2 1 
ATOM   34   C  CE1 . PHE A 1 17  ? -3.099  11.596  -3.909  1.00 37.68 ? 122 PHE A CE1 1 
ATOM   35   C  CE2 . PHE A 1 17  ? -2.922  11.654  -1.515  1.00 38.73 ? 122 PHE A CE2 1 
ATOM   36   C  CZ  . PHE A 1 17  ? -2.325  11.509  -2.757  1.00 36.81 ? 122 PHE A CZ  1 
ATOM   37   N  N   . ASP A 1 18  ? -9.838  10.767  -2.345  1.00 34.57 ? 123 ASP A N   1 
ATOM   38   C  CA  . ASP A 1 18  ? -11.104 10.786  -1.608  1.00 34.48 ? 123 ASP A CA  1 
ATOM   39   C  C   . ASP A 1 18  ? -11.202 9.691   -0.552  1.00 34.15 ? 123 ASP A C   1 
ATOM   40   O  O   . ASP A 1 18  ? -11.727 9.919   0.542   1.00 33.62 ? 123 ASP A O   1 
ATOM   41   C  CB  . ASP A 1 18  ? -12.294 10.656  -2.564  1.00 34.64 ? 123 ASP A CB  1 
ATOM   42   C  CG  . ASP A 1 18  ? -12.778 11.997  -3.071  1.00 35.26 ? 123 ASP A CG  1 
ATOM   43   O  OD1 . ASP A 1 18  ? -12.145 13.031  -2.746  1.00 37.06 ? 123 ASP A OD1 1 
ATOM   44   O  OD2 . ASP A 1 18  ? -13.783 12.017  -3.802  1.00 36.05 ? 123 ASP A OD2 1 
ATOM   45   N  N   . LYS A 1 19  ? -10.708 8.504   -0.906  1.00 33.50 ? 124 LYS A N   1 
ATOM   46   C  CA  . LYS A 1 19  ? -10.764 7.339   -0.043  1.00 33.22 ? 124 LYS A CA  1 
ATOM   47   C  C   . LYS A 1 19  ? -9.487  6.509   -0.150  1.00 32.71 ? 124 LYS A C   1 
ATOM   48   O  O   . LYS A 1 19  ? -9.040  6.185   -1.248  1.00 32.91 ? 124 LYS A O   1 
ATOM   49   C  CB  . LYS A 1 19  ? -12.004 6.486   -0.373  1.00 32.88 ? 124 LYS A CB  1 
ATOM   50   C  CG  . LYS A 1 19  ? -12.157 5.201   0.479   1.00 32.42 ? 124 LYS A CG  1 
ATOM   51   C  CD  . LYS A 1 19  ? -13.605 4.713   0.474   1.00 33.98 ? 124 LYS A CD  1 
ATOM   52   C  CE  . LYS A 1 19  ? -13.862 3.692   1.584   1.00 34.98 ? 124 LYS A CE  1 
ATOM   53   N  NZ  . LYS A 1 19  ? -15.295 3.303   1.617   1.00 36.65 ? 124 LYS A NZ  1 
ATOM   54   N  N   . PHE A 1 20  ? -8.898  6.184   0.997   1.00 32.90 ? 125 PHE A N   1 
ATOM   55   C  CA  . PHE A 1 20  ? -7.782  5.230   1.045   1.00 32.37 ? 125 PHE A CA  1 
ATOM   56   C  C   . PHE A 1 20  ? -8.264  3.909   1.614   1.00 32.20 ? 125 PHE A C   1 
ATOM   57   O  O   . PHE A 1 20  ? -9.030  3.888   2.575   1.00 31.62 ? 125 PHE A O   1 
ATOM   58   C  CB  . PHE A 1 20  ? -6.657  5.721   1.946   1.00 32.77 ? 125 PHE A CB  1 
ATOM   59   C  CG  . PHE A 1 20  ? -5.900  6.940   1.428   1.00 33.86 ? 125 PHE A CG  1 
ATOM   60   C  CD1 . PHE A 1 20  ? -5.893  7.279   0.067   1.00 34.43 ? 125 PHE A CD1 1 
ATOM   61   C  CD2 . PHE A 1 20  ? -5.144  7.700   2.308   1.00 31.83 ? 125 PHE A CD2 1 
ATOM   62   C  CE1 . PHE A 1 20  ? -5.172  8.374   -0.401  1.00 34.06 ? 125 PHE A CE1 1 
ATOM   63   C  CE2 . PHE A 1 20  ? -4.417  8.809   1.847   1.00 35.21 ? 125 PHE A CE2 1 
ATOM   64   C  CZ  . PHE A 1 20  ? -4.435  9.143   0.486   1.00 34.58 ? 125 PHE A CZ  1 
ATOM   65   N  N   . PHE A 1 21  ? -7.801  2.810   1.020   1.00 31.84 ? 126 PHE A N   1 
ATOM   66   C  CA  . PHE A 1 21  ? -7.904  1.481   1.623   1.00 31.58 ? 126 PHE A CA  1 
ATOM   67   C  C   . PHE A 1 21  ? -6.505  1.101   2.131   1.00 31.42 ? 126 PHE A C   1 
ATOM   68   O  O   . PHE A 1 21  ? -5.518  1.172   1.378   1.00 32.14 ? 126 PHE A O   1 
ATOM   69   C  CB  . PHE A 1 21  ? -8.407  0.453   0.604   1.00 31.24 ? 126 PHE A CB  1 
ATOM   70   C  CG  . PHE A 1 21  ? -9.839  0.675   0.161   1.00 31.90 ? 126 PHE A CG  1 
ATOM   71   C  CD1 . PHE A 1 21  ? -10.888 -0.011  0.770   1.00 30.84 ? 126 PHE A CD1 1 
ATOM   72   C  CD2 . PHE A 1 21  ? -10.138 1.562   -0.875  1.00 31.83 ? 126 PHE A CD2 1 
ATOM   73   C  CE1 . PHE A 1 21  ? -12.213 0.189   0.357   1.00 31.80 ? 126 PHE A CE1 1 
ATOM   74   C  CE2 . PHE A 1 21  ? -11.462 1.762   -1.295  1.00 32.39 ? 126 PHE A CE2 1 
ATOM   75   C  CZ  . PHE A 1 21  ? -12.497 1.075   -0.676  1.00 31.64 ? 126 PHE A CZ  1 
ATOM   76   N  N   . ILE A 1 22  ? -6.415  0.718   3.403   1.00 30.25 ? 127 ILE A N   1 
ATOM   77   C  CA  . ILE A 1 22  ? -5.121  0.428   4.014   1.00 29.38 ? 127 ILE A CA  1 
ATOM   78   C  C   . ILE A 1 22  ? -5.063  -0.936  4.720   1.00 29.31 ? 127 ILE A C   1 
ATOM   79   O  O   . ILE A 1 22  ? -6.062  -1.432  5.226   1.00 28.96 ? 127 ILE A O   1 
ATOM   80   C  CB  . ILE A 1 22  ? -4.646  1.565   4.993   1.00 29.64 ? 127 ILE A CB  1 
ATOM   81   C  CG1 . ILE A 1 22  ? -5.524  1.608   6.255   1.00 27.61 ? 127 ILE A CG1 1 
ATOM   82   C  CG2 . ILE A 1 22  ? -4.591  2.943   4.278   1.00 28.90 ? 127 ILE A CG2 1 
ATOM   83   C  CD1 . ILE A 1 22  ? -5.050  2.623   7.295   1.00 28.26 ? 127 ILE A CD1 1 
ATOM   84   N  N   . ASP A 1 23  ? -3.873  -1.525  4.736   1.00 29.41 ? 128 ASP A N   1 
ATOM   85   C  CA  . ASP A 1 23  ? -3.665  -2.853  5.280   1.00 30.09 ? 128 ASP A CA  1 
ATOM   86   C  C   . ASP A 1 23  ? -2.179  -3.092  5.457   1.00 29.90 ? 128 ASP A C   1 
ATOM   87   O  O   . ASP A 1 23  ? -1.368  -2.410  4.827   1.00 29.52 ? 128 ASP A O   1 
ATOM   88   C  CB  . ASP A 1 23  ? -4.263  -3.908  4.333   1.00 30.32 ? 128 ASP A CB  1 
ATOM   89   C  CG  . ASP A 1 23  ? -4.495  -5.254  5.007   1.00 32.65 ? 128 ASP A CG  1 
ATOM   90   O  OD1 . ASP A 1 23  ? -4.599  -5.349  6.258   1.00 33.32 ? 128 ASP A OD1 1 
ATOM   91   O  OD2 . ASP A 1 23  ? -4.591  -6.239  4.259   1.00 36.89 ? 128 ASP A OD2 1 
ATOM   92   N  N   . TYR A 1 24  ? -1.837  -4.050  6.323   1.00 29.92 ? 129 TYR A N   1 
ATOM   93   C  CA  . TYR A 1 24  ? -0.453  -4.501  6.492   1.00 29.76 ? 129 TYR A CA  1 
ATOM   94   C  C   . TYR A 1 24  ? -0.197  -5.824  5.802   1.00 30.04 ? 129 TYR A C   1 
ATOM   95   O  O   . TYR A 1 24  ? -1.038  -6.714  5.817   1.00 30.01 ? 129 TYR A O   1 
ATOM   96   C  CB  . TYR A 1 24  ? -0.060  -4.578  7.983   1.00 29.29 ? 129 TYR A CB  1 
ATOM   97   C  CG  . TYR A 1 24  ? 0.474   -3.259  8.490   1.00 27.99 ? 129 TYR A CG  1 
ATOM   98   C  CD1 . TYR A 1 24  ? -0.316  -2.415  9.269   1.00 27.15 ? 129 TYR A CD1 1 
ATOM   99   C  CD2 . TYR A 1 24  ? 1.765   -2.835  8.144   1.00 25.37 ? 129 TYR A CD2 1 
ATOM   100  C  CE1 . TYR A 1 24  ? 0.178   -1.197  9.717   1.00 26.46 ? 129 TYR A CE1 1 
ATOM   101  C  CE2 . TYR A 1 24  ? 2.264   -1.629  8.572   1.00 24.47 ? 129 TYR A CE2 1 
ATOM   102  C  CZ  . TYR A 1 24  ? 1.469   -0.807  9.354   1.00 27.76 ? 129 TYR A CZ  1 
ATOM   103  O  OH  . TYR A 1 24  ? 1.983   0.410   9.773   1.00 28.77 ? 129 TYR A OH  1 
ATOM   104  N  N   . ILE A 1 25  ? 0.965   -5.939  5.178   1.00 30.73 ? 130 ILE A N   1 
ATOM   105  C  CA  . ILE A 1 25  ? 1.435   -7.225  4.680   1.00 31.29 ? 130 ILE A CA  1 
ATOM   106  C  C   . ILE A 1 25  ? 2.668   -7.542  5.496   1.00 31.30 ? 130 ILE A C   1 
ATOM   107  O  O   . ILE A 1 25  ? 3.522   -6.676  5.676   1.00 32.31 ? 130 ILE A O   1 
ATOM   108  C  CB  . ILE A 1 25  ? 1.785   -7.174  3.171   1.00 31.30 ? 130 ILE A CB  1 
ATOM   109  C  CG1 . ILE A 1 25  ? 0.503   -7.136  2.338   1.00 32.31 ? 130 ILE A CG1 1 
ATOM   110  C  CG2 . ILE A 1 25  ? 2.656   -8.388  2.745   1.00 32.25 ? 130 ILE A CG2 1 
ATOM   111  C  CD1 . ILE A 1 25  ? 0.740   -6.935  0.850   1.00 31.86 ? 130 ILE A CD1 1 
ATOM   112  N  N   . GLY A 1 26  ? 2.751   -8.775  5.998   1.00 30.94 ? 131 GLY A N   1 
ATOM   113  C  CA  . GLY A 1 26  ? 3.939   -9.250  6.698   1.00 29.74 ? 131 GLY A CA  1 
ATOM   114  C  C   . GLY A 1 26  ? 3.569   -10.148 7.859   1.00 29.58 ? 131 GLY A C   1 
ATOM   115  O  O   . GLY A 1 26  ? 2.394   -10.364 8.106   1.00 29.18 ? 131 GLY A O   1 
ATOM   116  N  N   . PRO A 1 27  ? 4.573   -10.646 8.601   1.00 29.37 ? 132 PRO A N   1 
ATOM   117  C  CA  . PRO A 1 27  ? 5.982   -10.263 8.412   1.00 29.14 ? 132 PRO A CA  1 
ATOM   118  C  C   . PRO A 1 27  ? 6.673   -10.935 7.221   1.00 28.89 ? 132 PRO A C   1 
ATOM   119  O  O   . PRO A 1 27  ? 6.264   -12.007 6.775   1.00 28.53 ? 132 PRO A O   1 
ATOM   120  C  CB  . PRO A 1 27  ? 6.643   -10.678 9.727   1.00 29.42 ? 132 PRO A CB  1 
ATOM   121  C  CG  . PRO A 1 27  ? 5.802   -11.819 10.222  1.00 29.96 ? 132 PRO A CG  1 
ATOM   122  C  CD  . PRO A 1 27  ? 4.394   -11.615 9.696   1.00 29.36 ? 132 PRO A CD  1 
ATOM   123  N  N   . LEU A 1 28  ? 7.697   -10.259 6.711   1.00 28.50 ? 133 LEU A N   1 
ATOM   124  C  CA  . LEU A 1 28  ? 8.575   -10.781 5.688   1.00 28.58 ? 133 LEU A CA  1 
ATOM   125  C  C   . LEU A 1 28  ? 9.926   -10.999 6.354   1.00 28.38 ? 133 LEU A C   1 
ATOM   126  O  O   . LEU A 1 28  ? 10.115  -10.535 7.476   1.00 28.02 ? 133 LEU A O   1 
ATOM   127  C  CB  . LEU A 1 28  ? 8.706   -9.771  4.549   1.00 28.68 ? 133 LEU A CB  1 
ATOM   128  C  CG  . LEU A 1 28  ? 7.385   -9.423  3.847   1.00 30.24 ? 133 LEU A CG  1 
ATOM   129  C  CD1 . LEU A 1 28  ? 7.396   -8.013  3.285   1.00 29.38 ? 133 LEU A CD1 1 
ATOM   130  C  CD2 . LEU A 1 28  ? 7.086   -10.454 2.771   1.00 32.31 ? 133 LEU A CD2 1 
ATOM   131  N  N   . PRO A 1 29  ? 10.864  -11.708 5.677   1.00 28.28 ? 134 PRO A N   1 
ATOM   132  C  CA  . PRO A 1 29  ? 12.187  -11.858 6.257   1.00 28.67 ? 134 PRO A CA  1 
ATOM   133  C  C   . PRO A 1 29  ? 12.741  -10.472 6.563   1.00 29.11 ? 134 PRO A C   1 
ATOM   134  O  O   . PRO A 1 29  ? 12.464  -9.538  5.811   1.00 28.87 ? 134 PRO A O   1 
ATOM   135  C  CB  . PRO A 1 29  ? 12.992  -12.537 5.135   1.00 28.81 ? 134 PRO A CB  1 
ATOM   136  C  CG  . PRO A 1 29  ? 11.979  -13.249 4.308   1.00 28.29 ? 134 PRO A CG  1 
ATOM   137  C  CD  . PRO A 1 29  ? 10.756  -12.379 4.364   1.00 28.00 ? 134 PRO A CD  1 
ATOM   138  N  N   . PRO A 1 30  ? 13.452  -10.319 7.699   1.00 29.71 ? 135 PRO A N   1 
ATOM   139  C  CA  . PRO A 1 30  ? 14.011  -8.998  8.014   1.00 29.98 ? 135 PRO A CA  1 
ATOM   140  C  C   . PRO A 1 30  ? 14.895  -8.479  6.884   1.00 30.48 ? 135 PRO A C   1 
ATOM   141  O  O   . PRO A 1 30  ? 15.672  -9.237  6.312   1.00 30.70 ? 135 PRO A O   1 
ATOM   142  C  CB  . PRO A 1 30  ? 14.821  -9.229  9.299   1.00 29.91 ? 135 PRO A CB  1 
ATOM   143  C  CG  . PRO A 1 30  ? 14.911  -10.743 9.471   1.00 30.48 ? 135 PRO A CG  1 
ATOM   144  C  CD  . PRO A 1 30  ? 13.722  -11.317 8.753   1.00 29.75 ? 135 PRO A CD  1 
ATOM   145  N  N   . SER A 1 31  ? 14.744  -7.196  6.564   1.00 30.94 ? 136 SER A N   1 
ATOM   146  C  CA  . SER A 1 31  ? 15.464  -6.559  5.474   1.00 31.48 ? 136 SER A CA  1 
ATOM   147  C  C   . SER A 1 31  ? 15.753  -5.118  5.879   1.00 32.06 ? 136 SER A C   1 
ATOM   148  O  O   . SER A 1 31  ? 14.831  -4.303  5.974   1.00 31.30 ? 136 SER A O   1 
ATOM   149  C  CB  . SER A 1 31  ? 14.621  -6.582  4.205   1.00 31.30 ? 136 SER A CB  1 
ATOM   150  O  OG  . SER A 1 31  ? 15.328  -5.991  3.133   1.00 30.89 ? 136 SER A OG  1 
ATOM   151  N  N   . GLN A 1 32  ? 17.027  -4.811  6.134   1.00 32.82 ? 137 GLN A N   1 
ATOM   152  C  CA  . GLN A 1 32  ? 17.425  -3.521  6.742   1.00 34.40 ? 137 GLN A CA  1 
ATOM   153  C  C   . GLN A 1 32  ? 16.632  -3.178  8.022   1.00 34.35 ? 137 GLN A C   1 
ATOM   154  O  O   . GLN A 1 32  ? 16.334  -2.006  8.281   1.00 34.71 ? 137 GLN A O   1 
ATOM   155  C  CB  . GLN A 1 32  ? 17.304  -2.359  5.737   1.00 34.42 ? 137 GLN A CB  1 
ATOM   156  C  CG  . GLN A 1 32  ? 17.925  -2.595  4.375   1.00 37.87 ? 137 GLN A CG  1 
ATOM   157  C  CD  . GLN A 1 32  ? 19.362  -3.050  4.424   1.00 41.91 ? 137 GLN A CD  1 
ATOM   158  O  OE1 . GLN A 1 32  ? 19.699  -4.101  3.874   1.00 45.94 ? 137 GLN A OE1 1 
ATOM   159  N  NE2 . GLN A 1 32  ? 20.227  -2.269  5.071   1.00 43.22 ? 137 GLN A NE2 1 
ATOM   160  N  N   . GLY A 1 33  ? 16.278  -4.195  8.807   1.00 34.68 ? 138 GLY A N   1 
ATOM   161  C  CA  . GLY A 1 33  ? 15.433  -4.001  9.993   1.00 34.32 ? 138 GLY A CA  1 
ATOM   162  C  C   . GLY A 1 33  ? 13.940  -3.908  9.711   1.00 34.00 ? 138 GLY A C   1 
ATOM   163  O  O   . GLY A 1 33  ? 13.139  -3.868  10.641  1.00 34.41 ? 138 GLY A O   1 
ATOM   164  N  N   . TYR A 1 34  ? 13.549  -3.877  8.439   1.00 33.37 ? 139 TYR A N   1 
ATOM   165  C  CA  . TYR A 1 34  ? 12.122  -3.842  8.086   1.00 33.49 ? 139 TYR A CA  1 
ATOM   166  C  C   . TYR A 1 34  ? 11.499  -5.222  7.966   1.00 33.10 ? 139 TYR A C   1 
ATOM   167  O  O   . TYR A 1 34  ? 12.100  -6.142  7.413   1.00 33.06 ? 139 TYR A O   1 
ATOM   168  C  CB  . TYR A 1 34  ? 11.890  -3.055  6.795   1.00 33.68 ? 139 TYR A CB  1 
ATOM   169  C  CG  . TYR A 1 34  ? 12.300  -1.614  6.925   1.00 33.90 ? 139 TYR A CG  1 
ATOM   170  C  CD1 . TYR A 1 34  ? 11.477  -0.694  7.571   1.00 34.07 ? 139 TYR A CD1 1 
ATOM   171  C  CD2 . TYR A 1 34  ? 13.519  -1.172  6.418   1.00 34.45 ? 139 TYR A CD2 1 
ATOM   172  C  CE1 . TYR A 1 34  ? 11.846  0.631   7.709   1.00 34.10 ? 139 TYR A CE1 1 
ATOM   173  C  CE2 . TYR A 1 34  ? 13.897  0.157   6.540   1.00 35.81 ? 139 TYR A CE2 1 
ATOM   174  C  CZ  . TYR A 1 34  ? 13.054  1.058   7.186   1.00 35.25 ? 139 TYR A CZ  1 
ATOM   175  O  OH  . TYR A 1 34  ? 13.437  2.387   7.314   1.00 36.12 ? 139 TYR A OH  1 
ATOM   176  N  N   . LEU A 1 35  ? 10.277  -5.337  8.474   1.00 32.89 ? 140 LEU A N   1 
ATOM   177  C  CA  . LEU A 1 35  ? 9.565   -6.609  8.546   1.00 32.65 ? 140 LEU A CA  1 
ATOM   178  C  C   . LEU A 1 35  ? 8.191   -6.582  7.862   1.00 32.16 ? 140 LEU A C   1 
ATOM   179  O  O   . LEU A 1 35  ? 7.642   -7.633  7.552   1.00 32.17 ? 140 LEU A O   1 
ATOM   180  C  CB  . LEU A 1 35  ? 9.422   -7.046  10.015  1.00 32.80 ? 140 LEU A CB  1 
ATOM   181  C  CG  . LEU A 1 35  ? 10.514  -7.906  10.672  1.00 33.77 ? 140 LEU A CG  1 
ATOM   182  C  CD1 . LEU A 1 35  ? 10.175  -8.149  12.137  1.00 35.83 ? 140 LEU A CD1 1 
ATOM   183  C  CD2 . LEU A 1 35  ? 10.654  -9.242  9.975   1.00 34.44 ? 140 LEU A CD2 1 
ATOM   184  N  N   . TYR A 1 36  ? 7.643   -5.389  7.632   1.00 31.10 ? 141 TYR A N   1 
ATOM   185  C  CA  . TYR A 1 36  ? 6.250   -5.235  7.178   1.00 30.33 ? 141 TYR A CA  1 
ATOM   186  C  C   . TYR A 1 36  ? 6.115   -4.195  6.082   1.00 29.86 ? 141 TYR A C   1 
ATOM   187  O  O   . TYR A 1 36  ? 6.997   -3.354  5.914   1.00 29.56 ? 141 TYR A O   1 
ATOM   188  C  CB  . TYR A 1 36  ? 5.340   -4.814  8.344   1.00 29.61 ? 141 TYR A CB  1 
ATOM   189  C  CG  . TYR A 1 36  ? 5.149   -5.878  9.385   1.00 28.92 ? 141 TYR A CG  1 
ATOM   190  C  CD1 . TYR A 1 36  ? 4.042   -6.730  9.337   1.00 27.68 ? 141 TYR A CD1 1 
ATOM   191  C  CD2 . TYR A 1 36  ? 6.066   -6.038  10.419  1.00 28.21 ? 141 TYR A CD2 1 
ATOM   192  C  CE1 . TYR A 1 36  ? 3.846   -7.725  10.293  1.00 26.41 ? 141 TYR A CE1 1 
ATOM   193  C  CE2 . TYR A 1 36  ? 5.892   -7.044  11.372  1.00 28.39 ? 141 TYR A CE2 1 
ATOM   194  C  CZ  . TYR A 1 36  ? 4.770   -7.877  11.302  1.00 28.12 ? 141 TYR A CZ  1 
ATOM   195  O  OH  . TYR A 1 36  ? 4.575   -8.848  12.256  1.00 29.41 ? 141 TYR A OH  1 
ATOM   196  N  N   . VAL A 1 37  ? 5.006   -4.258  5.341   1.00 29.78 ? 142 VAL A N   1 
ATOM   197  C  CA  . VAL A 1 37  ? 4.697   -3.235  4.352   1.00 29.72 ? 142 VAL A CA  1 
ATOM   198  C  C   . VAL A 1 37  ? 3.289   -2.701  4.601   1.00 29.93 ? 142 VAL A C   1 
ATOM   199  O  O   . VAL A 1 37  ? 2.303   -3.458  4.532   1.00 30.14 ? 142 VAL A O   1 
ATOM   200  C  CB  . VAL A 1 37  ? 4.803   -3.742  2.870   1.00 29.86 ? 142 VAL A CB  1 
ATOM   201  C  CG1 . VAL A 1 37  ? 4.443   -2.631  1.894   1.00 27.56 ? 142 VAL A CG1 1 
ATOM   202  C  CG2 . VAL A 1 37  ? 6.193   -4.277  2.546   1.00 30.18 ? 142 VAL A CG2 1 
ATOM   203  N  N   . LEU A 1 38  ? 3.202   -1.401  4.877   1.00 29.61 ? 143 LEU A N   1 
ATOM   204  C  CA  . LEU A 1 38  ? 1.913   -0.720  4.911   1.00 28.89 ? 143 LEU A CA  1 
ATOM   205  C  C   . LEU A 1 38  ? 1.475   -0.485  3.464   1.00 28.84 ? 143 LEU A C   1 
ATOM   206  O  O   . LEU A 1 38  ? 2.195   0.136   2.698   1.00 29.04 ? 143 LEU A O   1 
ATOM   207  C  CB  . LEU A 1 38  ? 2.005   0.612   5.662   1.00 28.60 ? 143 LEU A CB  1 
ATOM   208  C  CG  . LEU A 1 38  ? 0.677   1.393   5.667   1.00 29.03 ? 143 LEU A CG  1 
ATOM   209  C  CD1 . LEU A 1 38  ? -0.411  0.588   6.422   1.00 26.58 ? 143 LEU A CD1 1 
ATOM   210  C  CD2 . LEU A 1 38  ? 0.826   2.801   6.234   1.00 27.84 ? 143 LEU A CD2 1 
ATOM   211  N  N   . VAL A 1 39  ? 0.312   -1.014  3.107   1.00 29.02 ? 144 VAL A N   1 
ATOM   212  C  CA  . VAL A 1 39  ? -0.263  -0.870  1.771   1.00 29.32 ? 144 VAL A CA  1 
ATOM   213  C  C   . VAL A 1 39  ? -1.388  0.156   1.820   1.00 29.53 ? 144 VAL A C   1 
ATOM   214  O  O   . VAL A 1 39  ? -2.325  0.003   2.600   1.00 30.04 ? 144 VAL A O   1 
ATOM   215  C  CB  . VAL A 1 39  ? -0.844  -2.214  1.257   1.00 29.27 ? 144 VAL A CB  1 
ATOM   216  C  CG1 . VAL A 1 39  ? -1.414  -2.042  -0.145  1.00 29.49 ? 144 VAL A CG1 1 
ATOM   217  C  CG2 . VAL A 1 39  ? 0.215   -3.321  1.276   1.00 28.44 ? 144 VAL A CG2 1 
ATOM   218  N  N   . VAL A 1 40  ? -1.272  1.200   0.999   1.00 30.09 ? 145 VAL A N   1 
ATOM   219  C  CA  . VAL A 1 40  ? -2.300  2.235   0.855   1.00 30.64 ? 145 VAL A CA  1 
ATOM   220  C  C   . VAL A 1 40  ? -2.762  2.281   -0.595  1.00 31.31 ? 145 VAL A C   1 
ATOM   221  O  O   . VAL A 1 40  ? -1.958  2.500   -1.495  1.00 31.37 ? 145 VAL A O   1 
ATOM   222  C  CB  . VAL A 1 40  ? -1.804  3.649   1.285   1.00 30.46 ? 145 VAL A CB  1 
ATOM   223  C  CG1 . VAL A 1 40  ? -2.985  4.632   1.365   1.00 29.63 ? 145 VAL A CG1 1 
ATOM   224  C  CG2 . VAL A 1 40  ? -1.082  3.592   2.633   1.00 30.25 ? 145 VAL A CG2 1 
ATOM   225  N  N   . VAL A 1 41  ? -4.053  2.038   -0.813  1.00 32.00 ? 146 VAL A N   1 
ATOM   226  C  CA  . VAL A 1 41  ? -4.623  2.032   -2.160  1.00 32.46 ? 146 VAL A CA  1 
ATOM   227  C  C   . VAL A 1 41  ? -5.663  3.159   -2.277  1.00 32.60 ? 146 VAL A C   1 
ATOM   228  O  O   . VAL A 1 41  ? -6.633  3.199   -1.519  1.00 32.19 ? 146 VAL A O   1 
ATOM   229  C  CB  . VAL A 1 41  ? -5.264  0.659   -2.514  1.00 32.28 ? 146 VAL A CB  1 
ATOM   230  C  CG1 . VAL A 1 41  ? -5.819  0.652   -3.932  1.00 32.14 ? 146 VAL A CG1 1 
ATOM   231  C  CG2 . VAL A 1 41  ? -4.262  -0.483  -2.334  1.00 33.37 ? 146 VAL A CG2 1 
ATOM   232  N  N   . ASP A 1 42  ? -5.433  4.080   -3.210  1.00 32.75 ? 147 ASP A N   1 
ATOM   233  C  CA  . ASP A 1 42  ? -6.412  5.111   -3.536  1.00 33.35 ? 147 ASP A CA  1 
ATOM   234  C  C   . ASP A 1 42  ? -7.645  4.483   -4.187  1.00 33.68 ? 147 ASP A C   1 
ATOM   235  O  O   . ASP A 1 42  ? -7.539  3.660   -5.105  1.00 32.94 ? 147 ASP A O   1 
ATOM   236  C  CB  . ASP A 1 42  ? -5.826  6.190   -4.462  1.00 33.32 ? 147 ASP A CB  1 
ATOM   237  C  CG  . ASP A 1 42  ? -6.836  7.283   -4.784  1.00 34.61 ? 147 ASP A CG  1 
ATOM   238  O  OD1 . ASP A 1 42  ? -7.391  7.867   -3.828  1.00 37.65 ? 147 ASP A OD1 1 
ATOM   239  O  OD2 . ASP A 1 42  ? -7.095  7.557   -5.973  1.00 33.78 ? 147 ASP A OD2 1 
ATOM   240  N  N   . GLY A 1 43  ? -8.816  4.872   -3.691  1.00 34.26 ? 148 GLY A N   1 
ATOM   241  C  CA  . GLY A 1 43  ? -10.067 4.287   -4.146  1.00 34.46 ? 148 GLY A CA  1 
ATOM   242  C  C   . GLY A 1 43  ? -10.385 4.548   -5.604  1.00 34.66 ? 148 GLY A C   1 
ATOM   243  O  O   . GLY A 1 43  ? -10.753 3.631   -6.330  1.00 34.68 ? 148 GLY A O   1 
HETATM 244  N  N   . MSE A 1 44  ? -10.249 5.799   -6.033  1.00 35.07 ? 149 MSE A N   1 
HETATM 245  C  CA  . MSE A 1 44  ? -10.618 6.187   -7.394  1.00 35.74 ? 149 MSE A CA  1 
HETATM 246  C  C   . MSE A 1 44  ? -9.658  5.646   -8.463  1.00 34.74 ? 149 MSE A C   1 
HETATM 247  O  O   . MSE A 1 44  ? -10.092 5.127   -9.485  1.00 34.47 ? 149 MSE A O   1 
HETATM 248  C  CB  . MSE A 1 44  ? -10.720 7.705   -7.487  1.00 37.51 ? 149 MSE A CB  1 
HETATM 249  C  CG  . MSE A 1 44  ? -11.392 8.249   -8.758  1.00 42.35 ? 149 MSE A CG  1 
HETATM 250  SE SE  . MSE A 1 44  ? -10.080 8.487   -10.205 1.00 58.19 ? 149 MSE A SE  1 
HETATM 251  C  CE  . MSE A 1 44  ? -11.291 9.197   -11.584 1.00 47.56 ? 149 MSE A CE  1 
ATOM   252  N  N   . THR A 1 45  ? -8.357  5.792   -8.235  1.00 33.57 ? 150 THR A N   1 
ATOM   253  C  CA  . THR A 1 45  ? -7.371  5.498   -9.267  1.00 32.40 ? 150 THR A CA  1 
ATOM   254  C  C   . THR A 1 45  ? -6.792  4.093   -9.143  1.00 31.96 ? 150 THR A C   1 
ATOM   255  O  O   . THR A 1 45  ? -6.192  3.592   -10.094 1.00 31.82 ? 150 THR A O   1 
ATOM   256  C  CB  . THR A 1 45  ? -6.190  6.487   -9.206  1.00 32.58 ? 150 THR A CB  1 
ATOM   257  O  OG1 . THR A 1 45  ? -5.492  6.309   -7.969  1.00 31.39 ? 150 THR A OG1 1 
ATOM   258  C  CG2 . THR A 1 45  ? -6.669  7.934   -9.331  1.00 31.87 ? 150 THR A CG2 1 
ATOM   259  N  N   . GLY A 1 46  ? -6.952  3.480   -7.966  1.00 31.15 ? 151 GLY A N   1 
ATOM   260  C  CA  . GLY A 1 46  ? -6.254  2.226   -7.638  1.00 30.68 ? 151 GLY A CA  1 
ATOM   261  C  C   . GLY A 1 46  ? -4.744  2.372   -7.458  1.00 29.90 ? 151 GLY A C   1 
ATOM   262  O  O   . GLY A 1 46  ? -4.025  1.365   -7.420  1.00 30.47 ? 151 GLY A O   1 
ATOM   263  N  N   . PHE A 1 47  ? -4.261  3.615   -7.354  1.00 29.52 ? 152 PHE A N   1 
ATOM   264  C  CA  . PHE A 1 47  ? -2.835  3.899   -7.127  1.00 29.40 ? 152 PHE A CA  1 
ATOM   265  C  C   . PHE A 1 47  ? -2.441  3.385   -5.744  1.00 29.73 ? 152 PHE A C   1 
ATOM   266  O  O   . PHE A 1 47  ? -3.152  3.626   -4.753  1.00 29.46 ? 152 PHE A O   1 
ATOM   267  C  CB  . PHE A 1 47  ? -2.540  5.409   -7.229  1.00 29.04 ? 152 PHE A CB  1 
ATOM   268  C  CG  . PHE A 1 47  ? -1.056  5.756   -7.381  1.00 29.00 ? 152 PHE A CG  1 
ATOM   269  C  CD1 . PHE A 1 47  ? -0.501  5.972   -8.640  1.00 27.27 ? 152 PHE A CD1 1 
ATOM   270  C  CD2 . PHE A 1 47  ? -0.231  5.910   -6.257  1.00 28.41 ? 152 PHE A CD2 1 
ATOM   271  C  CE1 . PHE A 1 47  ? 0.862   6.303   -8.793  1.00 26.57 ? 152 PHE A CE1 1 
ATOM   272  C  CE2 . PHE A 1 47  ? 1.137   6.242   -6.390  1.00 27.70 ? 152 PHE A CE2 1 
ATOM   273  C  CZ  . PHE A 1 47  ? 1.683   6.433   -7.674  1.00 26.68 ? 152 PHE A CZ  1 
ATOM   274  N  N   . THR A 1 48  ? -1.305  2.695   -5.696  1.00 29.29 ? 153 THR A N   1 
ATOM   275  C  CA  . THR A 1 48  ? -0.796  2.079   -4.478  1.00 29.35 ? 153 THR A CA  1 
ATOM   276  C  C   . THR A 1 48  ? 0.516   2.716   -4.016  1.00 29.40 ? 153 THR A C   1 
ATOM   277  O  O   . THR A 1 48  ? 1.469   2.880   -4.806  1.00 29.00 ? 153 THR A O   1 
ATOM   278  C  CB  . THR A 1 48  ? -0.554  0.568   -4.689  1.00 29.87 ? 153 THR A CB  1 
ATOM   279  O  OG1 . THR A 1 48  ? -1.772  -0.049  -5.143  1.00 31.18 ? 153 THR A OG1 1 
ATOM   280  C  CG2 . THR A 1 48  ? -0.088  -0.103  -3.394  1.00 29.13 ? 153 THR A CG2 1 
ATOM   281  N  N   . TRP A 1 49  ? 0.551   3.060   -2.732  1.00 28.85 ? 154 TRP A N   1 
ATOM   282  C  CA  . TRP A 1 49  ? 1.775   3.429   -2.057  1.00 28.47 ? 154 TRP A CA  1 
ATOM   283  C  C   . TRP A 1 49  ? 2.154   2.299   -1.114  1.00 28.59 ? 154 TRP A C   1 
ATOM   284  O  O   . TRP A 1 49  ? 1.288   1.745   -0.404  1.00 28.28 ? 154 TRP A O   1 
ATOM   285  C  CB  . TRP A 1 49  ? 1.603   4.725   -1.259  1.00 28.57 ? 154 TRP A CB  1 
ATOM   286  C  CG  . TRP A 1 49  ? 1.303   5.968   -2.086  1.00 27.62 ? 154 TRP A CG  1 
ATOM   287  C  CD1 . TRP A 1 49  ? 2.202   6.901   -2.541  1.00 27.84 ? 154 TRP A CD1 1 
ATOM   288  C  CD2 . TRP A 1 49  ? 0.009   6.413   -2.517  1.00 28.44 ? 154 TRP A CD2 1 
ATOM   289  N  NE1 . TRP A 1 49  ? 1.540   7.894   -3.246  1.00 27.55 ? 154 TRP A NE1 1 
ATOM   290  C  CE2 . TRP A 1 49  ? 0.196   7.617   -3.243  1.00 28.48 ? 154 TRP A CE2 1 
ATOM   291  C  CE3 . TRP A 1 49  ? -1.294  5.902   -2.372  1.00 29.49 ? 154 TRP A CE3 1 
ATOM   292  C  CZ2 . TRP A 1 49  ? -0.866  8.313   -3.822  1.00 28.66 ? 154 TRP A CZ2 1 
ATOM   293  C  CZ3 . TRP A 1 49  ? -2.355  6.607   -2.942  1.00 29.77 ? 154 TRP A CZ3 1 
ATOM   294  C  CH2 . TRP A 1 49  ? -2.126  7.808   -3.655  1.00 28.33 ? 154 TRP A CH2 1 
ATOM   295  N  N   . LEU A 1 50  ? 3.448   1.966   -1.109  1.00 28.23 ? 155 LEU A N   1 
ATOM   296  C  CA  . LEU A 1 50  ? 3.991   0.936   -0.243  1.00 29.01 ? 155 LEU A CA  1 
ATOM   297  C  C   . LEU A 1 50  ? 5.008   1.531   0.712   1.00 29.52 ? 155 LEU A C   1 
ATOM   298  O  O   . LEU A 1 50  ? 6.021   2.087   0.284   1.00 29.88 ? 155 LEU A O   1 
ATOM   299  C  CB  . LEU A 1 50  ? 4.657   -0.181  -1.063  1.00 28.99 ? 155 LEU A CB  1 
ATOM   300  C  CG  . LEU A 1 50  ? 3.822   -0.885  -2.145  1.00 28.62 ? 155 LEU A CG  1 
ATOM   301  C  CD1 . LEU A 1 50  ? 4.729   -1.823  -2.954  1.00 25.95 ? 155 LEU A CD1 1 
ATOM   302  C  CD2 . LEU A 1 50  ? 2.610   -1.635  -1.549  1.00 27.89 ? 155 LEU A CD2 1 
ATOM   303  N  N   . TYR A 1 51  ? 4.748   1.384   2.006   1.00 29.51 ? 156 TYR A N   1 
ATOM   304  C  CA  . TYR A 1 51  ? 5.659   1.871   3.033   1.00 29.48 ? 156 TYR A CA  1 
ATOM   305  C  C   . TYR A 1 51  ? 6.197   0.719   3.888   1.00 29.60 ? 156 TYR A C   1 
ATOM   306  O  O   . TYR A 1 51  ? 5.433   0.036   4.587   1.00 29.58 ? 156 TYR A O   1 
ATOM   307  C  CB  . TYR A 1 51  ? 4.981   2.899   3.935   1.00 29.57 ? 156 TYR A CB  1 
ATOM   308  C  CG  . TYR A 1 51  ? 4.459   4.108   3.196   1.00 30.67 ? 156 TYR A CG  1 
ATOM   309  C  CD1 . TYR A 1 51  ? 5.300   5.170   2.905   1.00 27.96 ? 156 TYR A CD1 1 
ATOM   310  C  CD2 . TYR A 1 51  ? 3.106   4.185   2.795   1.00 28.65 ? 156 TYR A CD2 1 
ATOM   311  C  CE1 . TYR A 1 51  ? 4.832   6.277   2.233   1.00 30.35 ? 156 TYR A CE1 1 
ATOM   312  C  CE2 . TYR A 1 51  ? 2.629   5.294   2.113   1.00 29.27 ? 156 TYR A CE2 1 
ATOM   313  C  CZ  . TYR A 1 51  ? 3.507   6.330   1.828   1.00 30.70 ? 156 TYR A CZ  1 
ATOM   314  O  OH  . TYR A 1 51  ? 3.077   7.443   1.162   1.00 31.14 ? 156 TYR A OH  1 
ATOM   315  N  N   . PRO A 1 52  ? 7.522   0.527   3.863   1.00 29.32 ? 157 PRO A N   1 
ATOM   316  C  CA  . PRO A 1 52  ? 8.163   -0.490  4.716   1.00 29.04 ? 157 PRO A CA  1 
ATOM   317  C  C   . PRO A 1 52  ? 8.191   -0.024  6.185   1.00 28.98 ? 157 PRO A C   1 
ATOM   318  O  O   . PRO A 1 52  ? 8.494   1.147   6.466   1.00 28.36 ? 157 PRO A O   1 
ATOM   319  C  CB  . PRO A 1 52  ? 9.581   -0.588  4.150   1.00 28.55 ? 157 PRO A CB  1 
ATOM   320  C  CG  . PRO A 1 52  ? 9.840   0.770   3.502   1.00 29.51 ? 157 PRO A CG  1 
ATOM   321  C  CD  . PRO A 1 52  ? 8.489   1.308   3.064   1.00 29.00 ? 157 PRO A CD  1 
ATOM   322  N  N   . THR A 1 53  ? 7.859   -0.929  7.106   1.00 28.96 ? 158 THR A N   1 
ATOM   323  C  CA  . THR A 1 53  ? 7.846   -0.602  8.533   1.00 29.49 ? 158 THR A CA  1 
ATOM   324  C  C   . THR A 1 53  ? 8.504   -1.733  9.341   1.00 30.04 ? 158 THR A C   1 
ATOM   325  O  O   . THR A 1 53  ? 8.611   -2.867  8.856   1.00 30.32 ? 158 THR A O   1 
ATOM   326  C  CB  . THR A 1 53  ? 6.405   -0.357  9.053   1.00 29.31 ? 158 THR A CB  1 
ATOM   327  O  OG1 . THR A 1 53  ? 5.713   -1.603  9.161   1.00 30.25 ? 158 THR A OG1 1 
ATOM   328  C  CG2 . THR A 1 53  ? 5.603   0.578   8.129   1.00 27.88 ? 158 THR A CG2 1 
ATOM   329  N  N   . LYS A 1 54  ? 8.938   -1.433  10.560  1.00 30.15 ? 159 LYS A N   1 
ATOM   330  C  CA  . LYS A 1 54  ? 9.527   -2.449  11.434  1.00 31.24 ? 159 LYS A CA  1 
ATOM   331  C  C   . LYS A 1 54  ? 8.447   -3.297  12.099  1.00 31.04 ? 159 LYS A C   1 
ATOM   332  O  O   . LYS A 1 54  ? 8.689   -4.458  12.440  1.00 31.07 ? 159 LYS A O   1 
ATOM   333  C  CB  . LYS A 1 54  ? 10.355  -1.810  12.552  1.00 31.55 ? 159 LYS A CB  1 
ATOM   334  C  CG  . LYS A 1 54  ? 11.155  -0.585  12.174  1.00 34.38 ? 159 LYS A CG  1 
ATOM   335  C  CD  . LYS A 1 54  ? 12.398  -0.948  11.397  1.00 37.44 ? 159 LYS A CD  1 
ATOM   336  C  CE  . LYS A 1 54  ? 13.552  -0.041  11.782  1.00 38.26 ? 159 LYS A CE  1 
ATOM   337  N  NZ  . LYS A 1 54  ? 14.651  -0.180  10.789  1.00 41.25 ? 159 LYS A NZ  1 
ATOM   338  N  N   . ALA A 1 55  ? 7.277   -2.688  12.316  1.00 30.33 ? 160 ALA A N   1 
ATOM   339  C  CA  . ALA A 1 55  ? 6.159   -3.320  13.020  1.00 29.88 ? 160 ALA A CA  1 
ATOM   340  C  C   . ALA A 1 55  ? 4.823   -2.885  12.382  1.00 29.33 ? 160 ALA A C   1 
ATOM   341  O  O   . ALA A 1 55  ? 4.755   -1.847  11.719  1.00 29.38 ? 160 ALA A O   1 
ATOM   342  C  CB  . ALA A 1 55  ? 6.211   -2.964  14.523  1.00 29.34 ? 160 ALA A CB  1 
ATOM   343  N  N   . PRO A 1 56  ? 3.763   -3.692  12.550  1.00 29.06 ? 161 PRO A N   1 
ATOM   344  C  CA  . PRO A 1 56  ? 2.443   -3.297  12.032  1.00 28.93 ? 161 PRO A CA  1 
ATOM   345  C  C   . PRO A 1 56  ? 1.686   -2.411  13.041  1.00 28.98 ? 161 PRO A C   1 
ATOM   346  O  O   . PRO A 1 56  ? 0.588   -2.770  13.489  1.00 28.79 ? 161 PRO A O   1 
ATOM   347  C  CB  . PRO A 1 56  ? 1.728   -4.640  11.854  1.00 28.42 ? 161 PRO A CB  1 
ATOM   348  C  CG  . PRO A 1 56  ? 2.316   -5.521  12.899  1.00 28.09 ? 161 PRO A CG  1 
ATOM   349  C  CD  . PRO A 1 56  ? 3.722   -5.006  13.220  1.00 28.68 ? 161 PRO A CD  1 
ATOM   350  N  N   . SER A 1 57  ? 2.269   -1.263  13.367  1.00 28.89 ? 162 SER A N   1 
ATOM   351  C  CA  . SER A 1 57  ? 1.860   -0.488  14.533  1.00 29.30 ? 162 SER A CA  1 
ATOM   352  C  C   . SER A 1 57  ? 1.135   0.799   14.162  1.00 29.16 ? 162 SER A C   1 
ATOM   353  O  O   . SER A 1 57  ? 1.247   1.281   13.037  1.00 28.92 ? 162 SER A O   1 
ATOM   354  C  CB  . SER A 1 57  ? 3.082   -0.143  15.377  1.00 29.15 ? 162 SER A CB  1 
ATOM   355  O  OG  . SER A 1 57  ? 3.937   0.721   14.651  1.00 30.71 ? 162 SER A OG  1 
ATOM   356  N  N   . THR A 1 58  ? 0.386   1.341   15.119  1.00 29.11 ? 163 THR A N   1 
ATOM   357  C  CA  . THR A 1 58  ? -0.223  2.654   14.970  1.00 29.10 ? 163 THR A CA  1 
ATOM   358  C  C   . THR A 1 58  ? 0.832   3.720   14.649  1.00 29.34 ? 163 THR A C   1 
ATOM   359  O  O   . THR A 1 58  ? 0.636   4.528   13.748  1.00 29.22 ? 163 THR A O   1 
ATOM   360  C  CB  . THR A 1 58  ? -1.043  3.044   16.227  1.00 28.99 ? 163 THR A CB  1 
ATOM   361  O  OG1 . THR A 1 58  ? -2.178  2.178   16.335  1.00 28.90 ? 163 THR A OG1 1 
ATOM   362  C  CG2 . THR A 1 58  ? -1.543  4.493   16.142  1.00 28.75 ? 163 THR A CG2 1 
ATOM   363  N  N   . SER A 1 59  ? 1.949   3.733   15.371  1.00 29.99 ? 164 SER A N   1 
ATOM   364  C  CA  . SER A 1 59  ? 2.943   4.783   15.127  1.00 31.15 ? 164 SER A CA  1 
ATOM   365  C  C   . SER A 1 59  ? 3.591   4.733   13.722  1.00 31.03 ? 164 SER A C   1 
ATOM   366  O  O   . SER A 1 59  ? 3.813   5.781   13.107  1.00 31.03 ? 164 SER A O   1 
ATOM   367  C  CB  . SER A 1 59  ? 3.991   4.845   16.243  1.00 31.50 ? 164 SER A CB  1 
ATOM   368  O  OG  . SER A 1 59  ? 5.045   3.951   15.987  1.00 34.74 ? 164 SER A OG  1 
ATOM   369  N  N   . ALA A 1 60  ? 3.862   3.531   13.201  1.00 31.20 ? 165 ALA A N   1 
ATOM   370  C  CA  . ALA A 1 60  ? 4.401   3.404   11.830  1.00 31.26 ? 165 ALA A CA  1 
ATOM   371  C  C   . ALA A 1 60  ? 3.354   3.775   10.764  1.00 30.93 ? 165 ALA A C   1 
ATOM   372  O  O   . ALA A 1 60  ? 3.684   4.317   9.709   1.00 31.38 ? 165 ALA A O   1 
ATOM   373  C  CB  . ALA A 1 60  ? 4.942   1.993   11.581  1.00 31.48 ? 165 ALA A CB  1 
ATOM   374  N  N   . THR A 1 61  ? 2.096   3.467   11.053  1.00 30.24 ? 166 THR A N   1 
ATOM   375  C  CA  . THR A 1 61  ? 0.986   3.827   10.192  1.00 29.35 ? 166 THR A CA  1 
ATOM   376  C  C   . THR A 1 61  ? 0.858   5.358   10.102  1.00 29.53 ? 166 THR A C   1 
ATOM   377  O  O   . THR A 1 61  ? 0.767   5.922   9.004   1.00 29.12 ? 166 THR A O   1 
ATOM   378  C  CB  . THR A 1 61  ? -0.332  3.175   10.688  1.00 29.29 ? 166 THR A CB  1 
ATOM   379  O  OG1 . THR A 1 61  ? -0.136  1.761   10.848  1.00 27.55 ? 166 THR A OG1 1 
ATOM   380  C  CG2 . THR A 1 61  ? -1.459  3.419   9.705   1.00 28.15 ? 166 THR A CG2 1 
ATOM   381  N  N   . VAL A 1 62  ? 0.884   6.008   11.263  1.00 29.38 ? 167 VAL A N   1 
ATOM   382  C  CA  . VAL A 1 62  ? 0.785   7.466   11.377  1.00 29.64 ? 167 VAL A CA  1 
ATOM   383  C  C   . VAL A 1 62  ? 1.974   8.168   10.690  1.00 29.68 ? 167 VAL A C   1 
ATOM   384  O  O   . VAL A 1 62  ? 1.776   9.100   9.897   1.00 29.98 ? 167 VAL A O   1 
ATOM   385  C  CB  . VAL A 1 62  ? 0.615   7.875   12.864  1.00 29.35 ? 167 VAL A CB  1 
ATOM   386  C  CG1 . VAL A 1 62  ? 0.917   9.347   13.094  1.00 29.51 ? 167 VAL A CG1 1 
ATOM   387  C  CG2 . VAL A 1 62  ? -0.812  7.530   13.345  1.00 29.49 ? 167 VAL A CG2 1 
ATOM   388  N  N   . LYS A 1 63  ? 3.192   7.709   10.980  1.00 30.24 ? 168 LYS A N   1 
ATOM   389  C  CA  . LYS A 1 63  ? 4.402   8.185   10.293  1.00 30.70 ? 168 LYS A CA  1 
ATOM   390  C  C   . LYS A 1 63  ? 4.241   8.171   8.769   1.00 30.09 ? 168 LYS A C   1 
ATOM   391  O  O   . LYS A 1 63  ? 4.435   9.207   8.122   1.00 30.01 ? 168 LYS A O   1 
ATOM   392  C  CB  . LYS A 1 63  ? 5.631   7.351   10.692  1.00 31.97 ? 168 LYS A CB  1 
ATOM   393  C  CG  . LYS A 1 63  ? 6.563   7.997   11.730  1.00 34.95 ? 168 LYS A CG  1 
ATOM   394  C  CD  . LYS A 1 63  ? 5.830   8.386   13.058  1.00 39.40 ? 168 LYS A CD  1 
ATOM   395  C  CE  . LYS A 1 63  ? 6.804   8.838   14.156  1.00 37.38 ? 168 LYS A CE  1 
ATOM   396  N  NZ  . LYS A 1 63  ? 7.792   7.746   14.439  1.00 38.33 ? 168 LYS A NZ  1 
ATOM   397  N  N   . SER A 1 64  ? 3.872   7.018   8.212   1.00 28.99 ? 169 SER A N   1 
ATOM   398  C  CA  . SER A 1 64  ? 3.689   6.881   6.750   1.00 29.51 ? 169 SER A CA  1 
ATOM   399  C  C   . SER A 1 64  ? 2.540   7.742   6.207   1.00 28.93 ? 169 SER A C   1 
ATOM   400  O  O   . SER A 1 64  ? 2.672   8.376   5.177   1.00 29.24 ? 169 SER A O   1 
ATOM   401  C  CB  . SER A 1 64  ? 3.455   5.421   6.321   1.00 29.06 ? 169 SER A CB  1 
ATOM   402  O  OG  . SER A 1 64  ? 4.197   4.485   7.094   1.00 30.35 ? 169 SER A OG  1 
ATOM   403  N  N   . LEU A 1 65  ? 1.413   7.739   6.898   1.00 29.35 ? 170 LEU A N   1 
ATOM   404  C  CA  . LEU A 1 65  ? 0.247   8.485   6.452   1.00 29.08 ? 170 LEU A CA  1 
ATOM   405  C  C   . LEU A 1 65  ? 0.404   10.002  6.555   1.00 28.98 ? 170 LEU A C   1 
ATOM   406  O  O   . LEU A 1 65  ? -0.200  10.710  5.759   1.00 29.12 ? 170 LEU A O   1 
ATOM   407  C  CB  . LEU A 1 65  ? -1.028  8.013   7.162   1.00 29.05 ? 170 LEU A CB  1 
ATOM   408  C  CG  . LEU A 1 65  ? -1.604  6.650   6.739   1.00 30.24 ? 170 LEU A CG  1 
ATOM   409  C  CD1 . LEU A 1 65  ? -2.889  6.371   7.496   1.00 28.10 ? 170 LEU A CD1 1 
ATOM   410  C  CD2 . LEU A 1 65  ? -1.854  6.542   5.222   1.00 31.36 ? 170 LEU A CD2 1 
ATOM   411  N  N   . ASN A 1 66  ? 1.193   10.497  7.514   1.00 28.69 ? 171 ASN A N   1 
ATOM   412  C  CA  . ASN A 1 66  ? 1.544   11.936  7.547   1.00 29.18 ? 171 ASN A CA  1 
ATOM   413  C  C   . ASN A 1 66  ? 2.321   12.362  6.314   1.00 29.34 ? 171 ASN A C   1 
ATOM   414  O  O   . ASN A 1 66  ? 2.144   13.479  5.827   1.00 29.95 ? 171 ASN A O   1 
ATOM   415  C  CB  . ASN A 1 66  ? 2.352   12.310  8.801   1.00 28.57 ? 171 ASN A CB  1 
ATOM   416  C  CG  . ASN A 1 66  ? 1.492   12.380  10.045  1.00 29.75 ? 171 ASN A CG  1 
ATOM   417  O  OD1 . ASN A 1 66  ? 0.284   12.618  9.967   1.00 29.40 ? 171 ASN A OD1 1 
ATOM   418  N  ND2 . ASN A 1 66  ? 2.103   12.159  11.202  1.00 29.58 ? 171 ASN A ND2 1 
ATOM   419  N  N   . VAL A 1 67  ? 3.177   11.469  5.821   1.00 29.04 ? 172 VAL A N   1 
ATOM   420  C  CA  . VAL A 1 67  ? 3.929   11.688  4.589   1.00 29.55 ? 172 VAL A CA  1 
ATOM   421  C  C   . VAL A 1 67  ? 2.933   11.760  3.427   1.00 29.76 ? 172 VAL A C   1 
ATOM   422  O  O   . VAL A 1 67  ? 2.945   12.697  2.628   1.00 29.39 ? 172 VAL A O   1 
ATOM   423  C  CB  . VAL A 1 67  ? 5.015   10.582  4.405   1.00 29.64 ? 172 VAL A CB  1 
ATOM   424  C  CG1 . VAL A 1 67  ? 5.490   10.460  2.972   1.00 29.79 ? 172 VAL A CG1 1 
ATOM   425  C  CG2 . VAL A 1 67  ? 6.193   10.824  5.353   1.00 29.52 ? 172 VAL A CG2 1 
ATOM   426  N  N   . LEU A 1 68  ? 2.031   10.786  3.363   1.00 30.02 ? 173 LEU A N   1 
ATOM   427  C  CA  . LEU A 1 68  ? 1.061   10.755  2.281   1.00 30.02 ? 173 LEU A CA  1 
ATOM   428  C  C   . LEU A 1 68  ? 0.042   11.902  2.349   1.00 30.32 ? 173 LEU A C   1 
ATOM   429  O  O   . LEU A 1 68  ? -0.298  12.495  1.321   1.00 30.66 ? 173 LEU A O   1 
ATOM   430  C  CB  . LEU A 1 68  ? 0.381   9.387   2.225   1.00 30.32 ? 173 LEU A CB  1 
ATOM   431  C  CG  . LEU A 1 68  ? -0.453  9.051   1.012   1.00 29.73 ? 173 LEU A CG  1 
ATOM   432  C  CD1 . LEU A 1 68  ? 0.331   9.273   -0.297  1.00 28.54 ? 173 LEU A CD1 1 
ATOM   433  C  CD2 . LEU A 1 68  ? -0.935  7.615   1.161   1.00 29.97 ? 173 LEU A CD2 1 
ATOM   434  N  N   . THR A 1 69  ? -0.408  12.256  3.552   1.00 30.13 ? 174 THR A N   1 
ATOM   435  C  CA  . THR A 1 69  ? -1.434  13.274  3.678   1.00 30.49 ? 174 THR A CA  1 
ATOM   436  C  C   . THR A 1 69  ? -0.876  14.687  3.560   1.00 29.89 ? 174 THR A C   1 
ATOM   437  O  O   . THR A 1 69  ? -1.617  15.655  3.596   1.00 30.03 ? 174 THR A O   1 
ATOM   438  C  CB  . THR A 1 69  ? -2.266  13.128  4.965   1.00 31.21 ? 174 THR A CB  1 
ATOM   439  O  OG1 . THR A 1 69  ? -1.401  13.208  6.103   1.00 32.39 ? 174 THR A OG1 1 
ATOM   440  C  CG2 . THR A 1 69  ? -3.035  11.794  4.962   1.00 32.45 ? 174 THR A CG2 1 
ATOM   441  N  N   . SER A 1 70  ? 0.439   14.788  3.448   1.00 29.64 ? 175 SER A N   1 
ATOM   442  C  CA  . SER A 1 70  ? 1.112   16.025  3.037   1.00 29.55 ? 175 SER A CA  1 
ATOM   443  C  C   . SER A 1 70  ? 0.754   16.415  1.581   1.00 29.29 ? 175 SER A C   1 
ATOM   444  O  O   . SER A 1 70  ? 0.975   17.552  1.193   1.00 28.58 ? 175 SER A O   1 
ATOM   445  C  CB  . SER A 1 70  ? 2.638   15.845  3.159   1.00 29.35 ? 175 SER A CB  1 
ATOM   446  O  OG  . SER A 1 70  ? 3.034   15.599  4.500   1.00 28.39 ? 175 SER A OG  1 
ATOM   447  N  N   . ILE A 1 71  ? 0.256   15.450  0.786   1.00 29.93 ? 176 ILE A N   1 
ATOM   448  C  CA  . ILE A 1 71  ? -0.158  15.667  -0.616  1.00 30.47 ? 176 ILE A CA  1 
ATOM   449  C  C   . ILE A 1 71  ? -1.624  16.089  -0.654  1.00 30.57 ? 176 ILE A C   1 
ATOM   450  O  O   . ILE A 1 71  ? -1.978  17.095  -1.296  1.00 30.37 ? 176 ILE A O   1 
ATOM   451  C  CB  . ILE A 1 71  ? -0.006  14.404  -1.537  1.00 30.69 ? 176 ILE A CB  1 
ATOM   452  C  CG1 . ILE A 1 71  ? 1.395   13.787  -1.494  1.00 31.72 ? 176 ILE A CG1 1 
ATOM   453  C  CG2 . ILE A 1 71  ? -0.412  14.750  -2.990  1.00 31.68 ? 176 ILE A CG2 1 
ATOM   454  C  CD1 . ILE A 1 71  ? 2.518   14.724  -1.916  1.00 34.34 ? 176 ILE A CD1 1 
ATOM   455  N  N   . ALA A 1 72  ? -2.467  15.298  0.026   1.00 30.45 ? 177 ALA A N   1 
ATOM   456  C  CA  . ALA A 1 72  ? -3.898  15.612  0.238   1.00 30.26 ? 177 ALA A CA  1 
ATOM   457  C  C   . ALA A 1 72  ? -4.477  14.776  1.369   1.00 29.88 ? 177 ALA A C   1 
ATOM   458  O  O   . ALA A 1 72  ? -4.018  13.667  1.645   1.00 29.10 ? 177 ALA A O   1 
ATOM   459  C  CB  . ALA A 1 72  ? -4.710  15.380  -1.049  1.00 29.99 ? 177 ALA A CB  1 
ATOM   460  N  N   . ILE A 1 73  ? -5.514  15.301  2.001   1.00 30.49 ? 178 ILE A N   1 
ATOM   461  C  CA  . ILE A 1 73  ? -6.151  14.614  3.118   1.00 30.88 ? 178 ILE A CA  1 
ATOM   462  C  C   . ILE A 1 73  ? -7.365  13.839  2.596   1.00 31.07 ? 178 ILE A C   1 
ATOM   463  O  O   . ILE A 1 73  ? -8.243  14.423  1.970   1.00 31.07 ? 178 ILE A O   1 
ATOM   464  C  CB  . ILE A 1 73  ? -6.550  15.599  4.245   1.00 31.35 ? 178 ILE A CB  1 
ATOM   465  C  CG1 . ILE A 1 73  ? -5.299  16.326  4.783   1.00 31.04 ? 178 ILE A CG1 1 
ATOM   466  C  CG2 . ILE A 1 73  ? -7.292  14.864  5.367   1.00 30.34 ? 178 ILE A CG2 1 
ATOM   467  C  CD1 . ILE A 1 73  ? -5.597  17.569  5.638   1.00 31.60 ? 178 ILE A CD1 1 
ATOM   468  N  N   . PRO A 1 74  ? -7.391  12.512  2.819   1.00 30.68 ? 179 PRO A N   1 
ATOM   469  C  CA  . PRO A 1 74  ? -8.514  11.697  2.380   1.00 30.64 ? 179 PRO A CA  1 
ATOM   470  C  C   . PRO A 1 74  ? -9.759  12.008  3.205   1.00 30.72 ? 179 PRO A C   1 
ATOM   471  O  O   . PRO A 1 74  ? -9.649  12.472  4.352   1.00 30.77 ? 179 PRO A O   1 
ATOM   472  C  CB  . PRO A 1 74  ? -8.029  10.258  2.642   1.00 30.38 ? 179 PRO A CB  1 
ATOM   473  C  CG  . PRO A 1 74  ? -7.057  10.397  3.780   1.00 30.15 ? 179 PRO A CG  1 
ATOM   474  C  CD  . PRO A 1 74  ? -6.356  11.706  3.499   1.00 30.78 ? 179 PRO A CD  1 
ATOM   475  N  N   . LYS A 1 75  ? -10.929 11.788  2.618   1.00 30.62 ? 180 LYS A N   1 
ATOM   476  C  CA  . LYS A 1 75  ? -12.174 11.948  3.358   1.00 30.65 ? 180 LYS A CA  1 
ATOM   477  C  C   . LYS A 1 75  ? -12.430 10.718  4.233   1.00 29.91 ? 180 LYS A C   1 
ATOM   478  O  O   . LYS A 1 75  ? -12.873 10.830  5.381   1.00 29.55 ? 180 LYS A O   1 
ATOM   479  C  CB  . LYS A 1 75  ? -13.348 12.205  2.407   1.00 31.29 ? 180 LYS A CB  1 
ATOM   480  C  CG  . LYS A 1 75  ? -13.271 13.526  1.635   1.00 32.84 ? 180 LYS A CG  1 
ATOM   481  C  CD  . LYS A 1 75  ? -14.597 13.803  0.930   1.00 38.85 ? 180 LYS A CD  1 
ATOM   482  C  CE  . LYS A 1 75  ? -14.543 15.073  0.070   1.00 41.15 ? 180 LYS A CE  1 
ATOM   483  N  NZ  . LYS A 1 75  ? -13.501 14.950  -1.012  1.00 43.15 ? 180 LYS A NZ  1 
ATOM   484  N  N   . VAL A 1 76  ? -12.142 9.546   3.672   1.00 29.20 ? 181 VAL A N   1 
ATOM   485  C  CA  . VAL A 1 76  ? -12.354 8.277   4.351   1.00 28.42 ? 181 VAL A CA  1 
ATOM   486  C  C   . VAL A 1 76  ? -11.103 7.410   4.285   1.00 28.14 ? 181 VAL A C   1 
ATOM   487  O  O   . VAL A 1 76  ? -10.399 7.405   3.282   1.00 28.05 ? 181 VAL A O   1 
ATOM   488  C  CB  . VAL A 1 76  ? -13.511 7.482   3.705   1.00 28.34 ? 181 VAL A CB  1 
ATOM   489  C  CG1 . VAL A 1 76  ? -13.817 6.250   4.524   1.00 28.18 ? 181 VAL A CG1 1 
ATOM   490  C  CG2 . VAL A 1 76  ? -14.770 8.360   3.563   1.00 29.37 ? 181 VAL A CG2 1 
ATOM   491  N  N   . ILE A 1 77  ? -10.831 6.681   5.364   1.00 28.06 ? 182 ILE A N   1 
ATOM   492  C  CA  . ILE A 1 77  ? -9.843  5.616   5.346   1.00 27.43 ? 182 ILE A CA  1 
ATOM   493  C  C   . ILE A 1 77  ? -10.551 4.351   5.769   1.00 28.19 ? 182 ILE A C   1 
ATOM   494  O  O   . ILE A 1 77  ? -11.238 4.313   6.802   1.00 28.23 ? 182 ILE A O   1 
ATOM   495  C  CB  . ILE A 1 77  ? -8.640  5.918   6.251   1.00 27.78 ? 182 ILE A CB  1 
ATOM   496  C  CG1 . ILE A 1 77  ? -7.769  7.002   5.611   1.00 27.15 ? 182 ILE A CG1 1 
ATOM   497  C  CG2 . ILE A 1 77  ? -7.805  4.648   6.530   1.00 26.17 ? 182 ILE A CG2 1 
ATOM   498  C  CD1 . ILE A 1 77  ? -6.715  7.555   6.531   1.00 27.02 ? 182 ILE A CD1 1 
ATOM   499  N  N   . HIS A 1 78  ? -10.417 3.327   4.934   1.00 28.35 ? 183 HIS A N   1 
ATOM   500  C  CA  . HIS A 1 78  ? -10.997 2.033   5.196   1.00 28.95 ? 183 HIS A CA  1 
ATOM   501  C  C   . HIS A 1 78  ? -9.889  1.032   5.497   1.00 29.38 ? 183 HIS A C   1 
ATOM   502  O  O   . HIS A 1 78  ? -8.887  0.938   4.749   1.00 29.69 ? 183 HIS A O   1 
ATOM   503  C  CB  . HIS A 1 78  ? -11.817 1.580   3.993   1.00 29.05 ? 183 HIS A CB  1 
ATOM   504  C  CG  . HIS A 1 78  ? -12.599 0.328   4.237   1.00 30.44 ? 183 HIS A CG  1 
ATOM   505  N  ND1 . HIS A 1 78  ? -13.974 0.319   4.344   1.00 30.41 ? 183 HIS A ND1 1 
ATOM   506  C  CD2 . HIS A 1 78  ? -12.200 -0.957  4.395   1.00 31.57 ? 183 HIS A CD2 1 
ATOM   507  C  CE1 . HIS A 1 78  ? -14.387 -0.913  4.570   1.00 31.09 ? 183 HIS A CE1 1 
ATOM   508  N  NE2 . HIS A 1 78  ? -13.333 -1.708  4.604   1.00 32.35 ? 183 HIS A NE2 1 
ATOM   509  N  N   . SER A 1 79  ? -10.056 0.294   6.588   1.00 29.36 ? 184 SER A N   1 
ATOM   510  C  CA  . SER A 1 79  ? -9.144  -0.806  6.913   1.00 30.53 ? 184 SER A CA  1 
ATOM   511  C  C   . SER A 1 79  ? -9.883  -2.026  7.476   1.00 31.06 ? 184 SER A C   1 
ATOM   512  O  O   . SER A 1 79  ? -11.114 -2.029  7.564   1.00 30.73 ? 184 SER A O   1 
ATOM   513  C  CB  . SER A 1 79  ? -8.088  -0.331  7.913   1.00 30.18 ? 184 SER A CB  1 
ATOM   514  O  OG  . SER A 1 79  ? -8.654  -0.208  9.209   1.00 30.59 ? 184 SER A OG  1 
ATOM   515  N  N   . ASP A 1 80  ? -9.123  -3.063  7.832   1.00 31.81 ? 185 ASP A N   1 
ATOM   516  C  CA  . ASP A 1 80  ? -9.655  -4.160  8.637   1.00 32.87 ? 185 ASP A CA  1 
ATOM   517  C  C   . ASP A 1 80  ? -9.562  -3.805  10.124  1.00 33.20 ? 185 ASP A C   1 
ATOM   518  O  O   . ASP A 1 80  ? -9.207  -2.676  10.478  1.00 33.11 ? 185 ASP A O   1 
ATOM   519  C  CB  . ASP A 1 80  ? -8.929  -5.479  8.343   1.00 32.63 ? 185 ASP A CB  1 
ATOM   520  C  CG  . ASP A 1 80  ? -7.411  -5.418  8.608   1.00 34.50 ? 185 ASP A CG  1 
ATOM   521  O  OD1 . ASP A 1 80  ? -6.701  -6.263  8.008   1.00 33.54 ? 185 ASP A OD1 1 
ATOM   522  O  OD2 . ASP A 1 80  ? -6.914  -4.559  9.397   1.00 35.04 ? 185 ASP A OD2 1 
ATOM   523  N  N   . GLN A 1 81  ? -9.867  -4.778  10.981  1.00 33.65 ? 186 GLN A N   1 
ATOM   524  C  CA  . GLN A 1 81  ? -9.834  -4.594  12.434  1.00 34.33 ? 186 GLN A CA  1 
ATOM   525  C  C   . GLN A 1 81  ? -8.442  -4.742  13.068  1.00 34.14 ? 186 GLN A C   1 
ATOM   526  O  O   . GLN A 1 81  ? -8.337  -4.857  14.285  1.00 34.67 ? 186 GLN A O   1 
ATOM   527  C  CB  . GLN A 1 81  ? -10.805 -5.568  13.099  1.00 34.62 ? 186 GLN A CB  1 
ATOM   528  C  CG  . GLN A 1 81  ? -12.215 -5.456  12.587  1.00 37.10 ? 186 GLN A CG  1 
ATOM   529  C  CD  . GLN A 1 81  ? -13.089 -4.658  13.516  1.00 41.44 ? 186 GLN A CD  1 
ATOM   530  O  OE1 . GLN A 1 81  ? -13.197 -3.432  13.398  1.00 43.40 ? 186 GLN A OE1 1 
ATOM   531  N  NE2 . GLN A 1 81  ? -13.710 -5.347  14.469  1.00 42.52 ? 186 GLN A NE2 1 
ATOM   532  N  N   . GLY A 1 82  ? -7.386  -4.738  12.252  1.00 34.18 ? 187 GLY A N   1 
ATOM   533  C  CA  . GLY A 1 82  ? -6.000  -4.789  12.747  1.00 33.66 ? 187 GLY A CA  1 
ATOM   534  C  C   . GLY A 1 82  ? -5.735  -3.785  13.861  1.00 33.60 ? 187 GLY A C   1 
ATOM   535  O  O   . GLY A 1 82  ? -6.256  -2.673  13.830  1.00 33.76 ? 187 GLY A O   1 
ATOM   536  N  N   . ALA A 1 83  ? -4.906  -4.181  14.832  1.00 33.33 ? 188 ALA A N   1 
ATOM   537  C  CA  . ALA A 1 83  ? -4.650  -3.400  16.050  1.00 32.89 ? 188 ALA A CA  1 
ATOM   538  C  C   . ALA A 1 83  ? -4.072  -2.015  15.758  1.00 32.70 ? 188 ALA A C   1 
ATOM   539  O  O   . ALA A 1 83  ? -4.334  -1.057  16.496  1.00 32.51 ? 188 ALA A O   1 
ATOM   540  C  CB  . ALA A 1 83  ? -3.722  -4.176  16.984  1.00 33.12 ? 188 ALA A CB  1 
ATOM   541  N  N   . ALA A 1 84  ? -3.296  -1.920  14.678  1.00 31.99 ? 189 ALA A N   1 
ATOM   542  C  CA  . ALA A 1 84  ? -2.718  -0.655  14.241  1.00 31.69 ? 189 ALA A CA  1 
ATOM   543  C  C   . ALA A 1 84  ? -3.817  0.350   13.975  1.00 31.32 ? 189 ALA A C   1 
ATOM   544  O  O   . ALA A 1 84  ? -3.639  1.548   14.209  1.00 31.33 ? 189 ALA A O   1 
ATOM   545  C  CB  . ALA A 1 84  ? -1.869  -0.848  12.974  1.00 31.25 ? 189 ALA A CB  1 
ATOM   546  N  N   . PHE A 1 85  ? -4.959  -0.151  13.503  1.00 31.12 ? 190 PHE A N   1 
ATOM   547  C  CA  . PHE A 1 85  ? -6.019  0.711   12.954  1.00 30.83 ? 190 PHE A CA  1 
ATOM   548  C  C   . PHE A 1 85  ? -7.156  1.000   13.936  1.00 30.61 ? 190 PHE A C   1 
ATOM   549  O  O   . PHE A 1 85  ? -7.875  1.987   13.780  1.00 30.02 ? 190 PHE A O   1 
ATOM   550  C  CB  . PHE A 1 85  ? -6.569  0.141   11.624  1.00 30.20 ? 190 PHE A CB  1 
ATOM   551  C  CG  . PHE A 1 85  ? -5.497  -0.269  10.632  1.00 29.83 ? 190 PHE A CG  1 
ATOM   552  C  CD1 . PHE A 1 85  ? -4.488  0.611   10.268  1.00 28.93 ? 190 PHE A CD1 1 
ATOM   553  C  CD2 . PHE A 1 85  ? -5.517  -1.544  10.051  1.00 29.45 ? 190 PHE A CD2 1 
ATOM   554  C  CE1 . PHE A 1 85  ? -3.493  0.242   9.361   1.00 28.36 ? 190 PHE A CE1 1 
ATOM   555  C  CE2 . PHE A 1 85  ? -4.520  -1.930  9.124   1.00 29.85 ? 190 PHE A CE2 1 
ATOM   556  C  CZ  . PHE A 1 85  ? -3.508  -1.026  8.779   1.00 29.69 ? 190 PHE A CZ  1 
ATOM   557  N  N   . THR A 1 86  ? -7.311  0.140   14.944  1.00 30.58 ? 191 THR A N   1 
ATOM   558  C  CA  . THR A 1 86  ? -8.437  0.239   15.853  1.00 31.28 ? 191 THR A CA  1 
ATOM   559  C  C   . THR A 1 86  ? -8.064  0.887   17.197  1.00 31.21 ? 191 THR A C   1 
ATOM   560  O  O   . THR A 1 86  ? -8.902  0.990   18.091  1.00 31.41 ? 191 THR A O   1 
ATOM   561  C  CB  . THR A 1 86  ? -9.091  -1.146  16.093  1.00 31.40 ? 191 THR A CB  1 
ATOM   562  O  OG1 . THR A 1 86  ? -8.103  -2.058  16.578  1.00 32.51 ? 191 THR A OG1 1 
ATOM   563  C  CG2 . THR A 1 86  ? -9.680  -1.695  14.790  1.00 31.42 ? 191 THR A CG2 1 
ATOM   564  N  N   . SER A 1 87  ? -6.817  1.330   17.335  1.00 30.93 ? 192 SER A N   1 
ATOM   565  C  CA  . SER A 1 87  ? -6.381  1.980   18.569  1.00 30.62 ? 192 SER A CA  1 
ATOM   566  C  C   . SER A 1 87  ? -7.018  3.360   18.666  1.00 30.47 ? 192 SER A C   1 
ATOM   567  O  O   . SER A 1 87  ? -7.440  3.925   17.654  1.00 30.20 ? 192 SER A O   1 
ATOM   568  C  CB  . SER A 1 87  ? -4.860  2.094   18.614  1.00 30.76 ? 192 SER A CB  1 
ATOM   569  O  OG  . SER A 1 87  ? -4.380  2.987   17.623  1.00 30.17 ? 192 SER A OG  1 
ATOM   570  N  N   . SER A 1 88  ? -7.097  3.893   19.881  1.00 30.43 ? 193 SER A N   1 
ATOM   571  C  CA  . SER A 1 88  ? -7.639  5.225   20.071  1.00 30.74 ? 193 SER A CA  1 
ATOM   572  C  C   . SER A 1 88  ? -6.641  6.275   19.605  1.00 30.28 ? 193 SER A C   1 
ATOM   573  O  O   . SER A 1 88  ? -7.038  7.366   19.221  1.00 30.58 ? 193 SER A O   1 
ATOM   574  C  CB  . SER A 1 88  ? -8.071  5.454   21.529  1.00 31.15 ? 193 SER A CB  1 
ATOM   575  O  OG  . SER A 1 88  ? -6.986  5.264   22.420  1.00 32.68 ? 193 SER A OG  1 
ATOM   576  N  N   . THR A 1 89  ? -5.350  5.941   19.629  1.00 30.13 ? 194 THR A N   1 
ATOM   577  C  CA  . THR A 1 89  ? -4.320  6.800   19.038  1.00 30.03 ? 194 THR A CA  1 
ATOM   578  C  C   . THR A 1 89  ? -4.589  7.007   17.541  1.00 29.17 ? 194 THR A C   1 
ATOM   579  O  O   . THR A 1 89  ? -4.596  8.140   17.069  1.00 28.89 ? 194 THR A O   1 
ATOM   580  C  CB  . THR A 1 89  ? -2.891  6.244   19.252  1.00 30.32 ? 194 THR A CB  1 
ATOM   581  O  OG1 . THR A 1 89  ? -2.701  5.942   20.636  1.00 32.38 ? 194 THR A OG1 1 
ATOM   582  C  CG2 . THR A 1 89  ? -1.822  7.259   18.802  1.00 30.81 ? 194 THR A CG2 1 
ATOM   583  N  N   . PHE A 1 90  ? -4.847  5.926   16.803  1.00 28.53 ? 195 PHE A N   1 
ATOM   584  C  CA  . PHE A 1 90  ? -5.177  6.076   15.386  1.00 28.31 ? 195 PHE A CA  1 
ATOM   585  C  C   . PHE A 1 90  ? -6.467  6.874   15.190  1.00 28.08 ? 195 PHE A C   1 
ATOM   586  O  O   . PHE A 1 90  ? -6.514  7.771   14.349  1.00 28.30 ? 195 PHE A O   1 
ATOM   587  C  CB  . PHE A 1 90  ? -5.218  4.740   14.632  1.00 27.66 ? 195 PHE A CB  1 
ATOM   588  C  CG  . PHE A 1 90  ? -5.151  4.903   13.128  1.00 27.95 ? 195 PHE A CG  1 
ATOM   589  C  CD1 . PHE A 1 90  ? -4.025  5.460   12.527  1.00 26.64 ? 195 PHE A CD1 1 
ATOM   590  C  CD2 . PHE A 1 90  ? -6.205  4.482   12.313  1.00 27.93 ? 195 PHE A CD2 1 
ATOM   591  C  CE1 . PHE A 1 90  ? -3.952  5.619   11.145  1.00 28.13 ? 195 PHE A CE1 1 
ATOM   592  C  CE2 . PHE A 1 90  ? -6.144  4.637   10.928  1.00 27.87 ? 195 PHE A CE2 1 
ATOM   593  C  CZ  . PHE A 1 90  ? -5.008  5.200   10.341  1.00 27.54 ? 195 PHE A CZ  1 
ATOM   594  N  N   . ALA A 1 91  ? -7.485  6.567   15.991  1.00 27.94 ? 196 ALA A N   1 
ATOM   595  C  CA  . ALA A 1 91  ? -8.759  7.308   15.977  1.00 28.17 ? 196 ALA A CA  1 
ATOM   596  C  C   . ALA A 1 91  ? -8.594  8.809   16.210  1.00 27.96 ? 196 ALA A C   1 
ATOM   597  O  O   . ALA A 1 91  ? -9.198  9.621   15.495  1.00 27.87 ? 196 ALA A O   1 
ATOM   598  C  CB  . ALA A 1 91  ? -9.766  6.709   16.992  1.00 27.49 ? 196 ALA A CB  1 
ATOM   599  N  N   . GLU A 1 92  ? -7.786  9.160   17.214  1.00 28.09 ? 197 GLU A N   1 
ATOM   600  C  CA  . GLU A 1 92  ? -7.431  10.555  17.509  1.00 28.31 ? 197 GLU A CA  1 
ATOM   601  C  C   . GLU A 1 92  ? -6.764  11.237  16.308  1.00 28.05 ? 197 GLU A C   1 
ATOM   602  O  O   . GLU A 1 92  ? -7.140  12.353  15.927  1.00 28.13 ? 197 GLU A O   1 
ATOM   603  C  CB  . GLU A 1 92  ? -6.493  10.637  18.715  1.00 28.18 ? 197 GLU A CB  1 
ATOM   604  C  CG  . GLU A 1 92  ? -7.182  10.631  20.075  1.00 29.81 ? 197 GLU A CG  1 
ATOM   605  C  CD  . GLU A 1 92  ? -6.337  10.504  21.197  0.00 20.00 ? 197 GLU A CD  1 
ATOM   606  O  OE1 . GLU A 1 92  ? -5.133  10.783  21.014  0.00 20.00 ? 197 GLU A OE1 1 
ATOM   607  O  OE2 . GLU A 1 92  ? -6.796  10.168  22.309  0.00 20.00 ? 197 GLU A OE2 1 
ATOM   608  N  N   . TRP A 1 93  ? -5.773  10.563  15.728  1.00 28.03 ? 198 TRP A N   1 
ATOM   609  C  CA  . TRP A 1 93  ? -5.044  11.088  14.563  1.00 27.86 ? 198 TRP A CA  1 
ATOM   610  C  C   . TRP A 1 93  ? -6.002  11.437  13.425  1.00 27.82 ? 198 TRP A C   1 
ATOM   611  O  O   . TRP A 1 93  ? -5.923  12.524  12.855  1.00 27.66 ? 198 TRP A O   1 
ATOM   612  C  CB  . TRP A 1 93  ? -3.961  10.097  14.097  1.00 27.60 ? 198 TRP A CB  1 
ATOM   613  C  CG  . TRP A 1 93  ? -3.272  10.502  12.811  1.00 27.64 ? 198 TRP A CG  1 
ATOM   614  C  CD1 . TRP A 1 93  ? -2.165  11.292  12.685  1.00 28.12 ? 198 TRP A CD1 1 
ATOM   615  C  CD2 . TRP A 1 93  ? -3.658  10.137  11.477  1.00 27.18 ? 198 TRP A CD2 1 
ATOM   616  N  NE1 . TRP A 1 93  ? -1.837  11.439  11.353  1.00 27.36 ? 198 TRP A NE1 1 
ATOM   617  C  CE2 . TRP A 1 93  ? -2.735  10.734  10.596  1.00 27.55 ? 198 TRP A CE2 1 
ATOM   618  C  CE3 . TRP A 1 93  ? -4.704  9.363   10.941  1.00 26.67 ? 198 TRP A CE3 1 
ATOM   619  C  CZ2 . TRP A 1 93  ? -2.827  10.590  9.201   1.00 27.43 ? 198 TRP A CZ2 1 
ATOM   620  C  CZ3 . TRP A 1 93  ? -4.784  9.212   9.570   1.00 27.57 ? 198 TRP A CZ3 1 
ATOM   621  C  CH2 . TRP A 1 93  ? -3.852  9.832   8.713   1.00 27.83 ? 198 TRP A CH2 1 
ATOM   622  N  N   . ALA A 1 94  ? -6.908  10.513  13.119  1.00 27.92 ? 199 ALA A N   1 
ATOM   623  C  CA  . ALA A 1 94  ? -7.893  10.693  12.061  1.00 28.37 ? 199 ALA A CA  1 
ATOM   624  C  C   . ALA A 1 94  ? -8.882  11.822  12.353  1.00 29.09 ? 199 ALA A C   1 
ATOM   625  O  O   . ALA A 1 94  ? -9.197  12.620  11.465  1.00 28.68 ? 199 ALA A O   1 
ATOM   626  C  CB  . ALA A 1 94  ? -8.641  9.397   11.835  1.00 28.62 ? 199 ALA A CB  1 
ATOM   627  N  N   . LYS A 1 95  ? -9.384  11.872  13.587  1.00 29.91 ? 200 LYS A N   1 
ATOM   628  C  CA  . LYS A 1 95  ? -10.340 12.913  13.980  1.00 31.60 ? 200 LYS A CA  1 
ATOM   629  C  C   . LYS A 1 95  ? -9.725  14.308  13.867  1.00 32.48 ? 200 LYS A C   1 
ATOM   630  O  O   . LYS A 1 95  ? -10.388 15.235  13.401  1.00 32.59 ? 200 LYS A O   1 
ATOM   631  C  CB  . LYS A 1 95  ? -10.880 12.688  15.398  1.00 31.05 ? 200 LYS A CB  1 
ATOM   632  C  CG  . LYS A 1 95  ? -11.938 13.709  15.812  1.00 31.96 ? 200 LYS A CG  1 
ATOM   633  C  CD  . LYS A 1 95  ? -12.502 13.415  17.201  1.00 31.74 ? 200 LYS A CD  1 
ATOM   634  C  CE  . LYS A 1 95  ? -13.448 14.504  17.632  1.00 32.77 ? 200 LYS A CE  1 
ATOM   635  N  NZ  . LYS A 1 95  ? -14.001 14.239  18.993  1.00 33.02 ? 200 LYS A NZ  1 
ATOM   636  N  N   . GLU A 1 96  ? -8.460  14.439  14.282  1.00 33.50 ? 201 GLU A N   1 
ATOM   637  C  CA  . GLU A 1 96  ? -7.717  15.707  14.170  1.00 35.26 ? 201 GLU A CA  1 
ATOM   638  C  C   . GLU A 1 96  ? -7.667  16.240  12.740  1.00 34.48 ? 201 GLU A C   1 
ATOM   639  O  O   . GLU A 1 96  ? -7.645  17.447  12.512  1.00 34.30 ? 201 GLU A O   1 
ATOM   640  C  CB  . GLU A 1 96  ? -6.285  15.546  14.687  1.00 34.99 ? 201 GLU A CB  1 
ATOM   641  C  CG  . GLU A 1 96  ? -6.172  15.442  16.189  1.00 37.74 ? 201 GLU A CG  1 
ATOM   642  C  CD  . GLU A 1 96  ? -4.726  15.469  16.670  1.00 38.52 ? 201 GLU A CD  1 
ATOM   643  O  OE1 . GLU A 1 96  ? -3.841  14.914  15.964  1.00 43.26 ? 201 GLU A OE1 1 
ATOM   644  O  OE2 . GLU A 1 96  ? -4.486  16.037  17.764  1.00 42.29 ? 201 GLU A OE2 1 
ATOM   645  N  N   . ARG A 1 97  ? -7.654  15.327  11.783  1.00 34.45 ? 202 ARG A N   1 
ATOM   646  C  CA  . ARG A 1 97  ? -7.558  15.684  10.370  1.00 34.49 ? 202 ARG A CA  1 
ATOM   647  C  C   . ARG A 1 97  ? -8.908  15.718  9.652   1.00 34.05 ? 202 ARG A C   1 
ATOM   648  O  O   . ARG A 1 97  ? -8.970  16.057  8.471   1.00 34.37 ? 202 ARG A O   1 
ATOM   649  C  CB  . ARG A 1 97  ? -6.593  14.731  9.673   1.00 34.29 ? 202 ARG A CB  1 
ATOM   650  C  CG  . ARG A 1 97  ? -5.150  15.085  9.959   1.00 35.98 ? 202 ARG A CG  1 
ATOM   651  C  CD  . ARG A 1 97  ? -4.267  13.871  10.079  1.00 37.80 ? 202 ARG A CD  1 
ATOM   652  N  NE  . ARG A 1 97  ? -2.963  14.248  10.629  1.00 40.54 ? 202 ARG A NE  1 
ATOM   653  C  CZ  . ARG A 1 97  ? -2.695  14.397  11.927  1.00 40.63 ? 202 ARG A CZ  1 
ATOM   654  N  NH1 . ARG A 1 97  ? -3.634  14.180  12.848  1.00 38.63 ? 202 ARG A NH1 1 
ATOM   655  N  NH2 . ARG A 1 97  ? -1.471  14.744  12.306  1.00 40.95 ? 202 ARG A NH2 1 
ATOM   656  N  N   . GLY A 1 98  ? -9.979  15.376  10.372  1.00 33.39 ? 203 GLY A N   1 
ATOM   657  C  CA  . GLY A 1 98  ? -11.328 15.323  9.802   1.00 32.51 ? 203 GLY A CA  1 
ATOM   658  C  C   . GLY A 1 98  ? -11.558 14.105  8.919   1.00 32.14 ? 203 GLY A C   1 
ATOM   659  O  O   . GLY A 1 98  ? -12.383 14.142  8.008   1.00 32.00 ? 203 GLY A O   1 
ATOM   660  N  N   . ILE A 1 99  ? -10.830 13.025  9.193   1.00 31.75 ? 204 ILE A N   1 
ATOM   661  C  CA  . ILE A 1 99  ? -10.900 11.808  8.377   1.00 31.22 ? 204 ILE A CA  1 
ATOM   662  C  C   . ILE A 1 99  ? -11.877 10.811  8.989   1.00 31.46 ? 204 ILE A C   1 
ATOM   663  O  O   . ILE A 1 99  ? -11.803 10.509  10.179  1.00 31.69 ? 204 ILE A O   1 
ATOM   664  C  CB  . ILE A 1 99  ? -9.500  11.132  8.190   1.00 30.94 ? 204 ILE A CB  1 
ATOM   665  C  CG1 . ILE A 1 99  ? -8.491  12.137  7.623   1.00 30.38 ? 204 ILE A CG1 1 
ATOM   666  C  CG2 . ILE A 1 99  ? -9.613  9.877   7.283   1.00 29.45 ? 204 ILE A CG2 1 
ATOM   667  C  CD1 . ILE A 1 99  ? -7.032  11.651  7.620   1.00 30.37 ? 204 ILE A CD1 1 
ATOM   668  N  N   . HIS A 1 100 ? -12.789 10.308  8.169   1.00 31.50 ? 205 HIS A N   1 
ATOM   669  C  CA  . HIS A 1 100 ? -13.744 9.302   8.612   1.00 31.75 ? 205 HIS A CA  1 
ATOM   670  C  C   . HIS A 1 100 ? -13.128 7.886   8.522   1.00 31.64 ? 205 HIS A C   1 
ATOM   671  O  O   . HIS A 1 100 ? -12.733 7.447   7.445   1.00 31.91 ? 205 HIS A O   1 
ATOM   672  C  CB  . HIS A 1 100 ? -15.013 9.414   7.772   1.00 31.65 ? 205 HIS A CB  1 
ATOM   673  C  CG  . HIS A 1 100 ? -16.108 8.490   8.202   1.00 33.26 ? 205 HIS A CG  1 
ATOM   674  N  ND1 . HIS A 1 100 ? -16.281 7.233   7.658   1.00 34.88 ? 205 HIS A ND1 1 
ATOM   675  C  CD2 . HIS A 1 100 ? -17.083 8.636   9.127   1.00 33.85 ? 205 HIS A CD2 1 
ATOM   676  C  CE1 . HIS A 1 100 ? -17.321 6.651   8.225   1.00 34.83 ? 205 HIS A CE1 1 
ATOM   677  N  NE2 . HIS A 1 100 ? -17.821 7.479   9.123   1.00 34.63 ? 205 HIS A NE2 1 
ATOM   678  N  N   . LEU A 1 101 ? -13.023 7.183   9.650   1.00 31.51 ? 206 LEU A N   1 
ATOM   679  C  CA  . LEU A 1 101 ? -12.496 5.811   9.633   1.00 31.50 ? 206 LEU A CA  1 
ATOM   680  C  C   . LEU A 1 101 ? -13.602 4.793   9.462   1.00 31.67 ? 206 LEU A C   1 
ATOM   681  O  O   . LEU A 1 101 ? -14.628 4.857   10.148  1.00 31.30 ? 206 LEU A O   1 
ATOM   682  C  CB  . LEU A 1 101 ? -11.709 5.472   10.901  1.00 31.03 ? 206 LEU A CB  1 
ATOM   683  C  CG  . LEU A 1 101 ? -10.418 6.222   11.217  1.00 30.59 ? 206 LEU A CG  1 
ATOM   684  C  CD1 . LEU A 1 101 ? -9.826  5.675   12.529  1.00 29.18 ? 206 LEU A CD1 1 
ATOM   685  C  CD2 . LEU A 1 101 ? -9.401  6.158   10.065  1.00 27.64 ? 206 LEU A CD2 1 
ATOM   686  N  N   . GLU A 1 102 ? -13.368 3.853   8.552   1.00 31.82 ? 207 GLU A N   1 
ATOM   687  C  CA  . GLU A 1 102 ? -14.253 2.704   8.321   1.00 32.30 ? 207 GLU A CA  1 
ATOM   688  C  C   . GLU A 1 102 ? -13.488 1.414   8.560   1.00 32.15 ? 207 GLU A C   1 
ATOM   689  O  O   . GLU A 1 102 ? -12.319 1.308   8.178   1.00 30.97 ? 207 GLU A O   1 
ATOM   690  C  CB  . GLU A 1 102 ? -14.708 2.682   6.867   1.00 32.60 ? 207 GLU A CB  1 
ATOM   691  C  CG  . GLU A 1 102 ? -15.868 3.568   6.524   1.00 35.39 ? 207 GLU A CG  1 
ATOM   692  C  CD  . GLU A 1 102 ? -16.162 3.553   5.033   1.00 39.11 ? 207 GLU A CD  1 
ATOM   693  O  OE1 . GLU A 1 102 ? -16.910 4.447   4.567   1.00 41.39 ? 207 GLU A OE1 1 
ATOM   694  O  OE2 . GLU A 1 102 ? -15.645 2.655   4.324   1.00 39.24 ? 207 GLU A OE2 1 
ATOM   695  N  N   . PHE A 1 103 ? -14.155 0.424   9.153   1.00 32.37 ? 208 PHE A N   1 
ATOM   696  C  CA  . PHE A 1 103 ? -13.547 -0.894  9.355   1.00 32.69 ? 208 PHE A CA  1 
ATOM   697  C  C   . PHE A 1 103 ? -14.424 -2.028  8.834   1.00 33.68 ? 208 PHE A C   1 
ATOM   698  O  O   . PHE A 1 103 ? -15.655 -1.927  8.828   1.00 33.34 ? 208 PHE A O   1 
ATOM   699  C  CB  . PHE A 1 103 ? -13.242 -1.160  10.834  1.00 31.99 ? 208 PHE A CB  1 
ATOM   700  C  CG  . PHE A 1 103 ? -12.550 -0.028  11.537  1.00 31.34 ? 208 PHE A CG  1 
ATOM   701  C  CD1 . PHE A 1 103 ? -11.157 0.053   11.554  1.00 29.26 ? 208 PHE A CD1 1 
ATOM   702  C  CD2 . PHE A 1 103 ? -13.290 0.934   12.223  1.00 31.32 ? 208 PHE A CD2 1 
ATOM   703  C  CE1 . PHE A 1 103 ? -10.524 1.085   12.221  1.00 29.27 ? 208 PHE A CE1 1 
ATOM   704  C  CE2 . PHE A 1 103 ? -12.657 1.985   12.888  1.00 30.80 ? 208 PHE A CE2 1 
ATOM   705  C  CZ  . PHE A 1 103 ? -11.273 2.056   12.888  1.00 29.12 ? 208 PHE A CZ  1 
ATOM   706  N  N   . SER A 1 104 ? -13.772 -3.111  8.414   1.00 34.56 ? 209 SER A N   1 
ATOM   707  C  CA  . SER A 1 104 ? -14.442 -4.386  8.168   1.00 36.07 ? 209 SER A CA  1 
ATOM   708  C  C   . SER A 1 104 ? -13.407 -5.512  8.213   1.00 36.68 ? 209 SER A C   1 
ATOM   709  O  O   . SER A 1 104 ? -12.809 -5.786  9.266   1.00 37.26 ? 209 SER A O   1 
ATOM   710  C  CB  . SER A 1 104 ? -15.191 -4.385  6.827   1.00 36.13 ? 209 SER A CB  1 
ATOM   711  O  OG  . SER A 1 104 ? -14.294 -4.128  5.759   1.00 37.83 ? 209 SER A OG  1 
ATOM   712  N  N   . VAL A 1 115 ? -9.902  -4.130  -4.801  1.00 51.47 ? 220 VAL A N   1 
ATOM   713  C  CA  . VAL A 1 115 ? -8.923  -3.757  -3.782  1.00 51.46 ? 220 VAL A CA  1 
ATOM   714  C  C   . VAL A 1 115 ? -8.363  -4.995  -3.070  1.00 51.24 ? 220 VAL A C   1 
ATOM   715  O  O   . VAL A 1 115 ? -7.167  -5.053  -2.776  1.00 50.99 ? 220 VAL A O   1 
ATOM   716  C  CB  . VAL A 1 115 ? -9.500  -2.714  -2.778  1.00 51.68 ? 220 VAL A CB  1 
ATOM   717  C  CG1 . VAL A 1 115 ? -8.582  -2.538  -1.561  1.00 51.47 ? 220 VAL A CG1 1 
ATOM   718  C  CG2 . VAL A 1 115 ? -9.704  -1.374  -3.477  1.00 51.64 ? 220 VAL A CG2 1 
ATOM   719  N  N   . GLU A 1 116 ? -9.223  -5.976  -2.803  1.00 51.17 ? 221 GLU A N   1 
ATOM   720  C  CA  . GLU A 1 116 ? -8.783  -7.279  -2.299  1.00 51.08 ? 221 GLU A CA  1 
ATOM   721  C  C   . GLU A 1 116 ? -7.939  -7.990  -3.366  1.00 51.15 ? 221 GLU A C   1 
ATOM   722  O  O   . GLU A 1 116 ? -6.938  -8.648  -3.047  1.00 51.39 ? 221 GLU A O   1 
ATOM   723  C  CB  . GLU A 1 116 ? -9.983  -8.143  -1.892  1.00 51.13 ? 221 GLU A CB  1 
ATOM   724  C  CG  . GLU A 1 116 ? -10.669 -7.654  -0.657  0.00 20.00 ? 221 GLU A CG  1 
ATOM   725  C  CD  . GLU A 1 116 ? -11.711 -8.641  -0.169  0.00 20.00 ? 221 GLU A CD  1 
ATOM   726  O  OE1 . GLU A 1 116 ? -11.872 -9.703  -0.809  0.00 20.00 ? 221 GLU A OE1 1 
ATOM   727  O  OE2 . GLU A 1 116 ? -12.369 -8.356  0.853   0.00 20.00 ? 221 GLU A OE2 1 
ATOM   728  N  N   . ARG A 1 117 ? -8.340  -7.829  -4.628  1.00 50.84 ? 222 ARG A N   1 
ATOM   729  C  CA  . ARG A 1 117 ? -7.580  -8.324  -5.777  1.00 50.74 ? 222 ARG A CA  1 
ATOM   730  C  C   . ARG A 1 117 ? -6.206  -7.651  -5.847  1.00 50.15 ? 222 ARG A C   1 
ATOM   731  O  O   . ARG A 1 117 ? -5.189  -8.323  -6.059  1.00 50.41 ? 222 ARG A O   1 
ATOM   732  C  CB  . ARG A 1 117 ? -8.364  -8.089  -7.078  1.00 50.88 ? 222 ARG A CB  1 
ATOM   733  C  CG  . ARG A 1 117 ? -7.733  -8.679  -8.342  1.00 51.70 ? 222 ARG A CG  1 
ATOM   734  C  CD  . ARG A 1 117 ? -8.190  -8.112  -9.584  0.00 20.00 ? 222 ARG A CD  1 
ATOM   735  N  NE  . ARG A 1 117 ? -7.749  -6.802  -10.052 0.00 20.00 ? 222 ARG A NE  1 
ATOM   736  C  CZ  . ARG A 1 117 ? -8.469  -6.007  -10.837 0.00 20.00 ? 222 ARG A CZ  1 
ATOM   737  N  NH1 . ARG A 1 117 ? -9.671  -6.387  -11.245 0.00 20.00 ? 222 ARG A NH1 1 
ATOM   738  N  NH2 . ARG A 1 117 ? -7.987  -4.832  -11.215 0.00 20.00 ? 222 ARG A NH2 1 
ATOM   739  N  N   . LYS A 1 118 ? -6.194  -6.328  -5.670  1.00 49.38 ? 223 LYS A N   1 
ATOM   740  C  CA  . LYS A 1 118 ? -4.968  -5.529  -5.602  1.00 48.22 ? 223 LYS A CA  1 
ATOM   741  C  C   . LYS A 1 118 ? -4.010  -6.042  -4.519  1.00 47.61 ? 223 LYS A C   1 
ATOM   742  O  O   . LYS A 1 118 ? -2.826  -6.249  -4.789  1.00 47.24 ? 223 LYS A O   1 
ATOM   743  C  CB  . LYS A 1 118 ? -5.320  -4.051  -5.367  1.00 48.37 ? 223 LYS A CB  1 
ATOM   744  C  CG  . LYS A 1 118 ? -4.144  -3.088  -5.156  1.00 47.58 ? 223 LYS A CG  1 
ATOM   745  C  CD  . LYS A 1 118 ? -3.298  -2.907  -6.411  1.00 47.92 ? 223 LYS A CD  1 
ATOM   746  C  CE  . LYS A 1 118 ? -4.108  -2.359  -7.579  1.00 48.23 ? 223 LYS A CE  1 
ATOM   747  N  NZ  . LYS A 1 118 ? -3.258  -2.254  -8.787  1.00 48.04 ? 223 LYS A NZ  1 
ATOM   748  N  N   . ASN A 1 119 ? -4.533  -6.247  -3.306  1.00 46.84 ? 224 ASN A N   1 
ATOM   749  C  CA  . ASN A 1 119 ? -3.741  -6.739  -2.174  1.00 46.17 ? 224 ASN A CA  1 
ATOM   750  C  C   . ASN A 1 119 ? -3.204  -8.158  -2.390  1.00 45.43 ? 224 ASN A C   1 
ATOM   751  O  O   . ASN A 1 119 ? -2.057  -8.444  -2.036  1.00 45.17 ? 224 ASN A O   1 
ATOM   752  C  CB  . ASN A 1 119 ? -4.517  -6.635  -0.854  1.00 46.52 ? 224 ASN A CB  1 
ATOM   753  C  CG  . ASN A 1 119 ? -4.394  -5.248  -0.198  1.00 47.96 ? 224 ASN A CG  1 
ATOM   754  O  OD1 . ASN A 1 119 ? -3.685  -5.086  0.798   1.00 51.14 ? 224 ASN A OD1 1 
ATOM   755  N  ND2 . ASN A 1 119 ? -5.086  -4.256  -0.750  1.00 46.56 ? 224 ASN A ND2 1 
ATOM   756  N  N   . SER A 1 120 ? -4.024  -9.033  -2.976  1.00 44.51 ? 225 SER A N   1 
ATOM   757  C  CA  . SER A 1 120 ? -3.566  -10.366 -3.384  1.00 43.94 ? 225 SER A CA  1 
ATOM   758  C  C   . SER A 1 120 ? -2.414  -10.294 -4.388  1.00 43.40 ? 225 SER A C   1 
ATOM   759  O  O   . SER A 1 120 ? -1.416  -10.995 -4.242  1.00 42.88 ? 225 SER A O   1 
ATOM   760  C  CB  . SER A 1 120 ? -4.714  -11.187 -3.969  1.00 44.07 ? 225 SER A CB  1 
ATOM   761  O  OG  . SER A 1 120 ? -5.397  -11.863 -2.937  1.00 44.45 ? 225 SER A OG  1 
ATOM   762  N  N   . ASP A 1 121 ? -2.570  -9.435  -5.395  1.00 43.07 ? 226 ASP A N   1 
ATOM   763  C  CA  . ASP A 1 121 ? -1.538  -9.191  -6.392  1.00 43.24 ? 226 ASP A CA  1 
ATOM   764  C  C   . ASP A 1 121 ? -0.199  -8.853  -5.727  1.00 42.99 ? 226 ASP A C   1 
ATOM   765  O  O   . ASP A 1 121 ? 0.813   -9.483  -6.035  1.00 42.26 ? 226 ASP A O   1 
ATOM   766  C  CB  . ASP A 1 121 ? -1.964  -8.071  -7.363  1.00 43.38 ? 226 ASP A CB  1 
ATOM   767  C  CG  . ASP A 1 121 ? -2.989  -8.537  -8.414  1.00 45.16 ? 226 ASP A CG  1 
ATOM   768  O  OD1 . ASP A 1 121 ? -3.554  -9.652  -8.313  1.00 46.06 ? 226 ASP A OD1 1 
ATOM   769  O  OD2 . ASP A 1 121 ? -3.233  -7.765  -9.364  1.00 46.84 ? 226 ASP A OD2 1 
ATOM   770  N  N   . ILE A 1 122 ? -0.218  -7.879  -4.805  1.00 43.06 ? 227 ILE A N   1 
ATOM   771  C  CA  . ILE A 1 122 ? 0.971   -7.436  -4.058  1.00 43.27 ? 227 ILE A CA  1 
ATOM   772  C  C   . ILE A 1 122 ? 1.650   -8.591  -3.304  1.00 43.37 ? 227 ILE A C   1 
ATOM   773  O  O   . ILE A 1 122 ? 2.854   -8.784  -3.428  1.00 42.96 ? 227 ILE A O   1 
ATOM   774  C  CB  . ILE A 1 122 ? 0.643   -6.234  -3.109  1.00 43.25 ? 227 ILE A CB  1 
ATOM   775  C  CG1 . ILE A 1 122 ? 0.052   -5.083  -3.927  1.00 43.91 ? 227 ILE A CG1 1 
ATOM   776  C  CG2 . ILE A 1 122 ? 1.900   -5.732  -2.378  1.00 42.81 ? 227 ILE A CG2 1 
ATOM   777  C  CD1 . ILE A 1 122 ? -0.531  -3.944  -3.133  1.00 43.81 ? 227 ILE A CD1 1 
ATOM   778  N  N   . LYS A 1 123 ? 0.870   -9.375  -2.560  1.00 44.11 ? 228 LYS A N   1 
ATOM   779  C  CA  . LYS A 1 123 ? 1.403   -10.528 -1.821  1.00 44.81 ? 228 LYS A CA  1 
ATOM   780  C  C   . LYS A 1 123 ? 2.088   -11.509 -2.760  1.00 44.94 ? 228 LYS A C   1 
ATOM   781  O  O   . LYS A 1 123 ? 3.175   -12.005 -2.472  1.00 45.02 ? 228 LYS A O   1 
ATOM   782  C  CB  . LYS A 1 123 ? 0.287   -11.258 -1.068  1.00 44.90 ? 228 LYS A CB  1 
ATOM   783  C  CG  . LYS A 1 123 ? -0.266  -10.511 0.120   1.00 45.98 ? 228 LYS A CG  1 
ATOM   784  C  CD  . LYS A 1 123 ? -1.458  -11.263 0.700   1.00 49.25 ? 228 LYS A CD  1 
ATOM   785  C  CE  . LYS A 1 123 ? -1.907  -10.676 2.039   1.00 51.44 ? 228 LYS A CE  1 
ATOM   786  N  NZ  . LYS A 1 123 ? -2.309  -9.231  1.944   1.00 53.26 ? 228 LYS A NZ  1 
ATOM   787  N  N   . ARG A 1 124 ? 1.435   -11.777 -3.886  1.00 45.22 ? 229 ARG A N   1 
ATOM   788  C  CA  . ARG A 1 124 ? 1.960   -12.682 -4.894  1.00 45.89 ? 229 ARG A CA  1 
ATOM   789  C  C   . ARG A 1 124 ? 3.267   -12.119 -5.460  1.00 45.23 ? 229 ARG A C   1 
ATOM   790  O  O   . ARG A 1 124 ? 4.214   -12.872 -5.702  1.00 45.06 ? 229 ARG A O   1 
ATOM   791  C  CB  . ARG A 1 124 ? 0.931   -12.889 -6.007  1.00 45.64 ? 229 ARG A CB  1 
ATOM   792  C  CG  . ARG A 1 124 ? 0.500   -14.332 -6.192  1.00 47.08 ? 229 ARG A CG  1 
ATOM   793  C  CD  . ARG A 1 124 ? -0.592  -14.478 -7.268  1.00 47.54 ? 229 ARG A CD  1 
ATOM   794  N  NE  . ARG A 1 124 ? -1.865  -13.848 -6.899  1.00 50.71 ? 229 ARG A NE  1 
ATOM   795  C  CZ  . ARG A 1 124 ? -2.355  -12.734 -7.450  1.00 51.06 ? 229 ARG A CZ  1 
ATOM   796  N  NH1 . ARG A 1 124 ? -1.689  -12.103 -8.416  1.00 51.34 ? 229 ARG A NH1 1 
ATOM   797  N  NH2 . ARG A 1 124 ? -3.523  -12.254 -7.037  1.00 50.36 ? 229 ARG A NH2 1 
ATOM   798  N  N   . LEU A 1 125 ? 3.302   -10.803 -5.664  1.00 44.56 ? 230 LEU A N   1 
ATOM   799  C  CA  . LEU A 1 125 ? 4.512   -10.116 -6.116  1.00 44.71 ? 230 LEU A CA  1 
ATOM   800  C  C   . LEU A 1 125 ? 5.671   -10.267 -5.145  1.00 44.14 ? 230 LEU A C   1 
ATOM   801  O  O   . LEU A 1 125 ? 6.788   -10.590 -5.553  1.00 44.21 ? 230 LEU A O   1 
ATOM   802  C  CB  . LEU A 1 125 ? 4.257   -8.613  -6.323  1.00 44.84 ? 230 LEU A CB  1 
ATOM   803  C  CG  . LEU A 1 125 ? 3.515   -8.188  -7.582  1.00 45.46 ? 230 LEU A CG  1 
ATOM   804  C  CD1 . LEU A 1 125 ? 3.661   -6.698  -7.764  1.00 43.75 ? 230 LEU A CD1 1 
ATOM   805  C  CD2 . LEU A 1 125 ? 4.066   -8.940  -8.782  1.00 46.04 ? 230 LEU A CD2 1 
ATOM   806  N  N   . LEU A 1 126 ? 5.400   -10.009 -3.869  1.00 43.66 ? 231 LEU A N   1 
ATOM   807  C  CA  . LEU A 1 126 ? 6.420   -10.066 -2.843  1.00 43.63 ? 231 LEU A CA  1 
ATOM   808  C  C   . LEU A 1 126 ? 7.031   -11.455 -2.692  1.00 43.65 ? 231 LEU A C   1 
ATOM   809  O  O   . LEU A 1 126 ? 8.254   -11.569 -2.605  1.00 43.90 ? 231 LEU A O   1 
ATOM   810  C  CB  . LEU A 1 126 ? 5.885   -9.559  -1.507  1.00 43.47 ? 231 LEU A CB  1 
ATOM   811  C  CG  . LEU A 1 126 ? 5.509   -8.080  -1.432  1.00 43.65 ? 231 LEU A CG  1 
ATOM   812  C  CD1 . LEU A 1 126 ? 4.855   -7.779  -0.102  1.00 42.99 ? 231 LEU A CD1 1 
ATOM   813  C  CD2 . LEU A 1 126 ? 6.708   -7.151  -1.678  1.00 45.63 ? 231 LEU A CD2 1 
ATOM   814  N  N   . THR A 1 127 ? 6.190   -12.493 -2.701  1.00 43.59 ? 232 THR A N   1 
ATOM   815  C  CA  . THR A 1 127 ? 6.630   -13.884 -2.545  1.00 43.55 ? 232 THR A CA  1 
ATOM   816  C  C   . THR A 1 127 ? 7.618   -14.273 -3.630  1.00 43.38 ? 232 THR A C   1 
ATOM   817  O  O   . THR A 1 127 ? 8.680   -14.818 -3.340  1.00 43.82 ? 232 THR A O   1 
ATOM   818  C  CB  . THR A 1 127 ? 5.438   -14.896 -2.589  1.00 43.76 ? 232 THR A CB  1 
ATOM   819  O  OG1 . THR A 1 127 ? 4.451   -14.542 -1.616  1.00 44.85 ? 232 THR A OG1 1 
ATOM   820  C  CG2 . THR A 1 127 ? 5.917   -16.331 -2.296  1.00 44.21 ? 232 THR A CG2 1 
ATOM   821  N  N   . LYS A 1 128 ? 7.255   -13.995 -4.881  1.00 42.85 ? 233 LYS A N   1 
ATOM   822  C  CA  . LYS A 1 128 ? 8.099   -14.314 -6.028  1.00 42.10 ? 233 LYS A CA  1 
ATOM   823  C  C   . LYS A 1 128 ? 9.450   -13.600 -5.933  1.00 41.15 ? 233 LYS A C   1 
ATOM   824  O  O   . LYS A 1 128 ? 10.487  -14.208 -6.185  1.00 41.30 ? 233 LYS A O   1 
ATOM   825  C  CB  . LYS A 1 128 ? 7.379   -13.954 -7.329  1.00 42.10 ? 233 LYS A CB  1 
ATOM   826  C  CG  . LYS A 1 128 ? 7.568   -14.973 -8.452  1.00 44.19 ? 233 LYS A CG  1 
ATOM   827  C  CD  . LYS A 1 128 ? 7.622   -14.185 -9.818  0.00 20.00 ? 233 LYS A CD  1 
ATOM   828  C  CE  . LYS A 1 128 ? 7.834   -15.149 -10.975 0.00 20.00 ? 233 LYS A CE  1 
ATOM   829  N  NZ  . LYS A 1 128 ? 6.756   -16.174 -11.048 0.00 20.00 ? 233 LYS A NZ  1 
ATOM   830  N  N   . LEU A 1 129 ? 9.431   -12.326 -5.535  1.00 40.08 ? 234 LEU A N   1 
ATOM   831  C  CA  . LEU A 1 129 ? 10.653  -11.515 -5.395  1.00 39.07 ? 234 LEU A CA  1 
ATOM   832  C  C   . LEU A 1 129 ? 11.603  -11.911 -4.250  1.00 37.81 ? 234 LEU A C   1 
ATOM   833  O  O   . LEU A 1 129 ? 12.761  -11.518 -4.261  1.00 37.68 ? 234 LEU A O   1 
ATOM   834  C  CB  . LEU A 1 129 ? 10.305  -10.035 -5.228  1.00 39.36 ? 234 LEU A CB  1 
ATOM   835  C  CG  . LEU A 1 129 ? 9.792   -9.209  -6.418  1.00 40.99 ? 234 LEU A CG  1 
ATOM   836  C  CD1 . LEU A 1 129 ? 10.141  -7.744  -6.170  1.00 40.77 ? 234 LEU A CD1 1 
ATOM   837  C  CD2 . LEU A 1 129 ? 10.345  -9.682  -7.765  1.00 41.29 ? 234 LEU A CD2 1 
ATOM   838  N  N   . LEU A 1 130 ? 11.110  -12.663 -3.263  1.00 36.25 ? 235 LEU A N   1 
ATOM   839  C  CA  . LEU A 1 130 ? 11.943  -13.106 -2.140  1.00 34.11 ? 235 LEU A CA  1 
ATOM   840  C  C   . LEU A 1 130 ? 12.926  -14.187 -2.565  1.00 32.97 ? 235 LEU A C   1 
ATOM   841  O  O   . LEU A 1 130 ? 14.010  -14.304 -1.993  1.00 32.43 ? 235 LEU A O   1 
ATOM   842  C  CB  . LEU A 1 130 ? 11.075  -13.627 -0.983  1.00 34.14 ? 235 LEU A CB  1 
ATOM   843  C  CG  . LEU A 1 130 ? 10.211  -12.626 -0.205  1.00 32.59 ? 235 LEU A CG  1 
ATOM   844  C  CD1 . LEU A 1 130 ? 9.331   -13.358 0.790   1.00 31.70 ? 235 LEU A CD1 1 
ATOM   845  C  CD2 . LEU A 1 130 ? 11.053  -11.557 0.489   1.00 31.62 ? 235 LEU A CD2 1 
ATOM   846  N  N   . VAL A 1 131 ? 12.531  -14.973 -3.565  1.00 31.77 ? 236 VAL A N   1 
ATOM   847  C  CA  . VAL A 1 131 ? 13.270  -16.174 -3.985  1.00 31.04 ? 236 VAL A CA  1 
ATOM   848  C  C   . VAL A 1 131 ? 14.722  -15.862 -4.379  1.00 30.47 ? 236 VAL A C   1 
ATOM   849  O  O   . VAL A 1 131 ? 14.960  -15.068 -5.283  1.00 29.84 ? 236 VAL A O   1 
ATOM   850  C  CB  . VAL A 1 131 ? 12.538  -16.925 -5.136  1.00 30.87 ? 236 VAL A CB  1 
ATOM   851  C  CG1 . VAL A 1 131 ? 13.214  -18.277 -5.434  1.00 31.76 ? 236 VAL A CG1 1 
ATOM   852  C  CG2 . VAL A 1 131 ? 11.071  -17.148 -4.787  1.00 30.62 ? 236 VAL A CG2 1 
ATOM   853  N  N   . GLY A 1 132 ? 15.676  -16.497 -3.689  1.00 30.09 ? 237 GLY A N   1 
ATOM   854  C  CA  . GLY A 1 132 ? 17.109  -16.261 -3.921  1.00 29.20 ? 237 GLY A CA  1 
ATOM   855  C  C   . GLY A 1 132 ? 17.694  -15.032 -3.242  1.00 29.14 ? 237 GLY A C   1 
ATOM   856  O  O   . GLY A 1 132 ? 18.905  -14.806 -3.298  1.00 28.45 ? 237 GLY A O   1 
ATOM   857  N  N   . ARG A 1 133 ? 16.847  -14.260 -2.561  1.00 29.06 ? 238 ARG A N   1 
ATOM   858  C  CA  . ARG A 1 133 ? 17.222  -12.926 -2.063  1.00 29.99 ? 238 ARG A CA  1 
ATOM   859  C  C   . ARG A 1 133 ? 16.281  -12.357 -0.973  1.00 29.37 ? 238 ARG A C   1 
ATOM   860  O  O   . ARG A 1 133 ? 15.913  -11.179 -1.042  1.00 29.81 ? 238 ARG A O   1 
ATOM   861  C  CB  . ARG A 1 133 ? 17.286  -11.942 -3.244  1.00 29.90 ? 238 ARG A CB  1 
ATOM   862  C  CG  . ARG A 1 133 ? 16.043  -12.033 -4.148  1.00 31.38 ? 238 ARG A CG  1 
ATOM   863  C  CD  . ARG A 1 133 ? 15.948  -10.888 -5.136  1.00 32.06 ? 238 ARG A CD  1 
ATOM   864  N  NE  . ARG A 1 133 ? 14.955  -11.200 -6.167  1.00 36.59 ? 238 ARG A NE  1 
ATOM   865  C  CZ  . ARG A 1 133 ? 14.943  -10.670 -7.389  1.00 38.29 ? 238 ARG A CZ  1 
ATOM   866  N  NH1 . ARG A 1 133 ? 15.876  -9.792  -7.756  1.00 37.26 ? 238 ARG A NH1 1 
ATOM   867  N  NH2 . ARG A 1 133 ? 13.995  -11.029 -8.250  1.00 38.71 ? 238 ARG A NH2 1 
ATOM   868  N  N   . PRO A 1 134 ? 15.938  -13.165 0.056   1.00 29.17 ? 239 PRO A N   1 
ATOM   869  C  CA  . PRO A 1 134 ? 14.885  -12.783 1.011   1.00 29.23 ? 239 PRO A CA  1 
ATOM   870  C  C   . PRO A 1 134 ? 15.183  -11.509 1.809   1.00 29.77 ? 239 PRO A C   1 
ATOM   871  O  O   . PRO A 1 134 ? 14.251  -10.816 2.224   1.00 29.83 ? 239 PRO A O   1 
ATOM   872  C  CB  . PRO A 1 134 ? 14.819  -13.986 1.961   1.00 28.88 ? 239 PRO A CB  1 
ATOM   873  C  CG  . PRO A 1 134 ? 16.149  -14.662 1.819   1.00 28.75 ? 239 PRO A CG  1 
ATOM   874  C  CD  . PRO A 1 134 ? 16.527  -14.478 0.394   1.00 28.46 ? 239 PRO A CD  1 
ATOM   875  N  N   . THR A 1 135 ? 16.461  -11.208 2.029   1.00 30.47 ? 240 THR A N   1 
ATOM   876  C  CA  . THR A 1 135 ? 16.828  -10.046 2.838   1.00 31.43 ? 240 THR A CA  1 
ATOM   877  C  C   . THR A 1 135 ? 16.862  -8.755  2.014   1.00 31.71 ? 240 THR A C   1 
ATOM   878  O  O   . THR A 1 135 ? 17.032  -7.671  2.562   1.00 31.69 ? 240 THR A O   1 
ATOM   879  C  CB  . THR A 1 135 ? 18.173  -10.245 3.567   1.00 31.41 ? 240 THR A CB  1 
ATOM   880  O  OG1 . THR A 1 135 ? 19.216  -10.484 2.606   1.00 33.89 ? 240 THR A OG1 1 
ATOM   881  C  CG2 . THR A 1 135 ? 18.097  -11.434 4.530   1.00 31.49 ? 240 THR A CG2 1 
ATOM   882  N  N   . LYS A 1 136 ? 16.663  -8.875  0.704   1.00 32.43 ? 241 LYS A N   1 
ATOM   883  C  CA  . LYS A 1 136 ? 16.845  -7.737  -0.208  1.00 32.41 ? 241 LYS A CA  1 
ATOM   884  C  C   . LYS A 1 136 ? 15.548  -7.048  -0.602  1.00 31.54 ? 241 LYS A C   1 
ATOM   885  O  O   . LYS A 1 136 ? 15.577  -6.101  -1.388  1.00 31.88 ? 241 LYS A O   1 
ATOM   886  C  CB  . LYS A 1 136 ? 17.606  -8.165  -1.475  1.00 33.32 ? 241 LYS A CB  1 
ATOM   887  C  CG  . LYS A 1 136 ? 19.030  -8.696  -1.240  1.00 35.96 ? 241 LYS A CG  1 
ATOM   888  C  CD  . LYS A 1 136 ? 19.831  -7.787  -0.292  1.00 40.93 ? 241 LYS A CD  1 
ATOM   889  C  CE  . LYS A 1 136 ? 20.792  -8.608  0.584   1.00 44.49 ? 241 LYS A CE  1 
ATOM   890  N  NZ  . LYS A 1 136 ? 20.751  -8.186  2.038   1.00 45.12 ? 241 LYS A NZ  1 
ATOM   891  N  N   . TRP A 1 137 ? 14.411  -7.492  -0.060  1.00 30.37 ? 242 TRP A N   1 
ATOM   892  C  CA  . TRP A 1 137 ? 13.123  -6.920  -0.474  1.00 29.27 ? 242 TRP A CA  1 
ATOM   893  C  C   . TRP A 1 137 ? 12.993  -5.412  -0.211  1.00 30.00 ? 242 TRP A C   1 
ATOM   894  O  O   . TRP A 1 137 ? 12.334  -4.720  -0.973  1.00 30.19 ? 242 TRP A O   1 
ATOM   895  C  CB  . TRP A 1 137 ? 11.912  -7.683  0.090   1.00 27.84 ? 242 TRP A CB  1 
ATOM   896  C  CG  . TRP A 1 137 ? 11.668  -7.568  1.581   1.00 25.37 ? 242 TRP A CG  1 
ATOM   897  C  CD1 . TRP A 1 137 ? 12.050  -8.461  2.542   1.00 24.96 ? 242 TRP A CD1 1 
ATOM   898  C  CD2 . TRP A 1 137 ? 10.977  -6.512  2.272   1.00 26.23 ? 242 TRP A CD2 1 
ATOM   899  N  NE1 . TRP A 1 137 ? 11.646  -8.035  3.786   1.00 24.77 ? 242 TRP A NE1 1 
ATOM   900  C  CE2 . TRP A 1 137 ? 10.980  -6.843  3.653   1.00 24.02 ? 242 TRP A CE2 1 
ATOM   901  C  CE3 . TRP A 1 137 ? 10.338  -5.320  1.860   1.00 24.58 ? 242 TRP A CE3 1 
ATOM   902  C  CZ2 . TRP A 1 137 ? 10.377  -6.027  4.623   1.00 25.31 ? 242 TRP A CZ2 1 
ATOM   903  C  CZ3 . TRP A 1 137 ? 9.750   -4.508  2.824   1.00 25.41 ? 242 TRP A CZ3 1 
ATOM   904  C  CH2 . TRP A 1 137 ? 9.776   -4.861  4.195   1.00 24.77 ? 242 TRP A CH2 1 
ATOM   905  N  N   . TYR A 1 138 ? 13.615  -4.910  0.854   1.00 30.67 ? 243 TYR A N   1 
ATOM   906  C  CA  . TYR A 1 138 ? 13.518  -3.486  1.151   1.00 31.84 ? 243 TYR A CA  1 
ATOM   907  C  C   . TYR A 1 138 ? 14.049  -2.654  -0.014  1.00 32.36 ? 243 TYR A C   1 
ATOM   908  O  O   . TYR A 1 138 ? 13.421  -1.678  -0.419  1.00 31.89 ? 243 TYR A O   1 
ATOM   909  C  CB  . TYR A 1 138 ? 14.215  -3.101  2.467   1.00 32.41 ? 243 TYR A CB  1 
ATOM   910  C  CG  . TYR A 1 138 ? 14.343  -1.606  2.617   1.00 33.44 ? 243 TYR A CG  1 
ATOM   911  C  CD1 . TYR A 1 138 ? 13.267  -0.833  3.054   1.00 34.30 ? 243 TYR A CD1 1 
ATOM   912  C  CD2 . TYR A 1 138 ? 15.529  -0.952  2.267   1.00 34.03 ? 243 TYR A CD2 1 
ATOM   913  C  CE1 . TYR A 1 138 ? 13.379  0.556   3.169   1.00 34.29 ? 243 TYR A CE1 1 
ATOM   914  C  CE2 . TYR A 1 138 ? 15.649  0.428   2.368   1.00 35.09 ? 243 TYR A CE2 1 
ATOM   915  C  CZ  . TYR A 1 138 ? 14.569  1.175   2.821   1.00 34.77 ? 243 TYR A CZ  1 
ATOM   916  O  OH  . TYR A 1 138 ? 14.681  2.547   2.902   1.00 34.77 ? 243 TYR A OH  1 
ATOM   917  N  N   . ASP A 1 139 ? 15.199  -3.055  -0.552  1.00 33.10 ? 244 ASP A N   1 
ATOM   918  C  CA  . ASP A 1 139 ? 15.829  -2.346  -1.673  1.00 34.20 ? 244 ASP A CA  1 
ATOM   919  C  C   . ASP A 1 139 ? 15.020  -2.436  -2.968  1.00 33.81 ? 244 ASP A C   1 
ATOM   920  O  O   . ASP A 1 139 ? 15.066  -1.531  -3.796  1.00 34.30 ? 244 ASP A O   1 
ATOM   921  C  CB  . ASP A 1 139 ? 17.253  -2.863  -1.901  1.00 34.88 ? 244 ASP A CB  1 
ATOM   922  C  CG  . ASP A 1 139 ? 18.010  -3.071  -0.590  1.00 39.17 ? 244 ASP A CG  1 
ATOM   923  O  OD1 . ASP A 1 139 ? 18.784  -2.157  -0.210  1.00 43.37 ? 244 ASP A OD1 1 
ATOM   924  O  OD2 . ASP A 1 139 ? 17.799  -4.126  0.082   1.00 41.39 ? 244 ASP A OD2 1 
ATOM   925  N  N   . LEU A 1 140 ? 14.280  -3.525  -3.140  1.00 33.22 ? 245 LEU A N   1 
ATOM   926  C  CA  . LEU A 1 140 ? 13.514  -3.728  -4.361  1.00 32.70 ? 245 LEU A CA  1 
ATOM   927  C  C   . LEU A 1 140 ? 12.106  -3.157  -4.278  1.00 31.89 ? 245 LEU A C   1 
ATOM   928  O  O   . LEU A 1 140 ? 11.418  -3.049  -5.289  1.00 32.02 ? 245 LEU A O   1 
ATOM   929  C  CB  . LEU A 1 140 ? 13.450  -5.219  -4.704  1.00 32.68 ? 245 LEU A CB  1 
ATOM   930  C  CG  . LEU A 1 140 ? 14.789  -5.928  -4.946  1.00 34.30 ? 245 LEU A CG  1 
ATOM   931  C  CD1 . LEU A 1 140 ? 14.538  -7.405  -5.246  1.00 32.57 ? 245 LEU A CD1 1 
ATOM   932  C  CD2 . LEU A 1 140 ? 15.617  -5.275  -6.062  1.00 35.03 ? 245 LEU A CD2 1 
ATOM   933  N  N   . LEU A 1 141 ? 11.685  -2.782  -3.073  1.00 31.13 ? 246 LEU A N   1 
ATOM   934  C  CA  . LEU A 1 141 ? 10.332  -2.296  -2.838  1.00 30.84 ? 246 LEU A CA  1 
ATOM   935  C  C   . LEU A 1 141 ? 9.836   -1.177  -3.786  1.00 30.83 ? 246 LEU A C   1 
ATOM   936  O  O   . LEU A 1 141 ? 8.710   -1.265  -4.264  1.00 31.18 ? 246 LEU A O   1 
ATOM   937  C  CB  . LEU A 1 141 ? 10.123  -1.904  -1.364  1.00 30.31 ? 246 LEU A CB  1 
ATOM   938  C  CG  . LEU A 1 141 ? 8.636   -1.807  -0.965  1.00 29.59 ? 246 LEU A CG  1 
ATOM   939  C  CD1 . LEU A 1 141 ? 7.877   -3.174  -1.113  1.00 25.94 ? 246 LEU A CD1 1 
ATOM   940  C  CD2 . LEU A 1 141 ? 8.519   -1.277  0.436   1.00 29.14 ? 246 LEU A CD2 1 
ATOM   941  N  N   . PRO A 1 142 ? 10.665  -0.134  -4.049  1.00 30.97 ? 247 PRO A N   1 
ATOM   942  C  CA  . PRO A 1 142 ? 10.244  0.947   -4.968  1.00 30.95 ? 247 PRO A CA  1 
ATOM   943  C  C   . PRO A 1 142 ? 9.870   0.458   -6.366  1.00 31.07 ? 247 PRO A C   1 
ATOM   944  O  O   . PRO A 1 142 ? 9.003   1.054   -7.006  1.00 30.53 ? 247 PRO A O   1 
ATOM   945  C  CB  . PRO A 1 142 ? 11.490  1.842   -5.051  1.00 31.02 ? 247 PRO A CB  1 
ATOM   946  C  CG  . PRO A 1 142 ? 12.206  1.601   -3.746  1.00 31.57 ? 247 PRO A CG  1 
ATOM   947  C  CD  . PRO A 1 142 ? 12.025  0.116   -3.522  1.00 30.78 ? 247 PRO A CD  1 
ATOM   948  N  N   . VAL A 1 143 ? 10.512  -0.624  -6.821  1.00 31.65 ? 248 VAL A N   1 
ATOM   949  C  CA  . VAL A 1 143 ? 10.254  -1.189  -8.146  1.00 32.51 ? 248 VAL A CA  1 
ATOM   950  C  C   . VAL A 1 143 ? 8.944   -1.989  -8.160  1.00 32.08 ? 248 VAL A C   1 
ATOM   951  O  O   . VAL A 1 143 ? 8.243   -2.008  -9.161  1.00 31.79 ? 248 VAL A O   1 
ATOM   952  C  CB  . VAL A 1 143 ? 11.434  -2.078  -8.651  1.00 33.19 ? 248 VAL A CB  1 
ATOM   953  C  CG1 . VAL A 1 143 ? 11.113  -2.706  -10.016 1.00 34.37 ? 248 VAL A CG1 1 
ATOM   954  C  CG2 . VAL A 1 143 ? 12.710  -1.270  -8.747  1.00 34.05 ? 248 VAL A CG2 1 
ATOM   955  N  N   . VAL A 1 144 ? 8.617   -2.653  -7.055  1.00 31.94 ? 249 VAL A N   1 
ATOM   956  C  CA  . VAL A 1 144 ? 7.280   -3.237  -6.891  1.00 31.43 ? 249 VAL A CA  1 
ATOM   957  C  C   . VAL A 1 144 ? 6.197   -2.150  -7.039  1.00 30.89 ? 249 VAL A C   1 
ATOM   958  O  O   . VAL A 1 144 ? 5.217   -2.344  -7.742  1.00 31.05 ? 249 VAL A O   1 
ATOM   959  C  CB  . VAL A 1 144 ? 7.123   -3.972  -5.526  1.00 31.44 ? 249 VAL A CB  1 
ATOM   960  C  CG1 . VAL A 1 144 ? 5.692   -4.480  -5.312  1.00 30.68 ? 249 VAL A CG1 1 
ATOM   961  C  CG2 . VAL A 1 144 ? 8.083   -5.142  -5.449  1.00 32.43 ? 249 VAL A CG2 1 
ATOM   962  N  N   . GLN A 1 145 ? 6.385   -1.003  -6.397  1.00 30.66 ? 250 GLN A N   1 
ATOM   963  C  CA  . GLN A 1 145 ? 5.362   0.039   -6.438  1.00 30.32 ? 250 GLN A CA  1 
ATOM   964  C  C   . GLN A 1 145 ? 5.262   0.626   -7.848  1.00 30.64 ? 250 GLN A C   1 
ATOM   965  O  O   . GLN A 1 145 ? 4.176   0.752   -8.405  1.00 30.40 ? 250 GLN A O   1 
ATOM   966  C  CB  . GLN A 1 145 ? 5.641   1.135   -5.412  1.00 29.57 ? 250 GLN A CB  1 
ATOM   967  C  CG  . GLN A 1 145 ? 4.586   2.219   -5.429  1.00 27.63 ? 250 GLN A CG  1 
ATOM   968  C  CD  . GLN A 1 145 ? 4.788   3.249   -4.344  1.00 27.65 ? 250 GLN A CD  1 
ATOM   969  O  OE1 . GLN A 1 145 ? 5.103   2.917   -3.194  1.00 26.69 ? 250 GLN A OE1 1 
ATOM   970  N  NE2 . GLN A 1 145 ? 4.618   4.506   -4.702  1.00 25.79 ? 250 GLN A NE2 1 
ATOM   971  N  N   . LEU A 1 146 ? 6.409   0.959   -8.420  1.00 31.09 ? 251 LEU A N   1 
ATOM   972  C  CA  . LEU A 1 146 ? 6.470   1.414   -9.805  1.00 31.95 ? 251 LEU A CA  1 
ATOM   973  C  C   . LEU A 1 146 ? 5.744   0.458   -10.728 1.00 31.80 ? 251 LEU A C   1 
ATOM   974  O  O   . LEU A 1 146 ? 4.963   0.882   -11.582 1.00 32.27 ? 251 LEU A O   1 
ATOM   975  C  CB  . LEU A 1 146 ? 7.922   1.560   -10.255 1.00 32.51 ? 251 LEU A CB  1 
ATOM   976  C  CG  . LEU A 1 146 ? 8.721   2.800   -9.863  1.00 33.99 ? 251 LEU A CG  1 
ATOM   977  C  CD1 . LEU A 1 146 ? 10.219  2.479   -10.023 1.00 38.60 ? 251 LEU A CD1 1 
ATOM   978  C  CD2 . LEU A 1 146 ? 8.310   4.029   -10.728 1.00 34.68 ? 251 LEU A CD2 1 
ATOM   979  N  N   . ALA A 1 147 ? 5.995   -0.830  -10.541 1.00 31.32 ? 252 ALA A N   1 
ATOM   980  C  CA  . ALA A 1 147 ? 5.386   -1.848  -11.369 1.00 31.30 ? 252 ALA A CA  1 
ATOM   981  C  C   . ALA A 1 147 ? 3.873   -1.847  -11.216 1.00 30.67 ? 252 ALA A C   1 
ATOM   982  O  O   . ALA A 1 147 ? 3.153   -1.870  -12.217 1.00 30.96 ? 252 ALA A O   1 
ATOM   983  C  CB  . ALA A 1 147 ? 5.957   -3.223  -11.046 1.00 31.39 ? 252 ALA A CB  1 
ATOM   984  N  N   . LEU A 1 148 ? 3.406   -1.802  -9.969  1.00 29.22 ? 253 LEU A N   1 
ATOM   985  C  CA  . LEU A 1 148 ? 1.990   -1.844  -9.675  1.00 28.35 ? 253 LEU A CA  1 
ATOM   986  C  C   . LEU A 1 148 ? 1.239   -0.669  -10.317 1.00 27.25 ? 253 LEU A C   1 
ATOM   987  O  O   . LEU A 1 148 ? 0.162   -0.844  -10.904 1.00 25.95 ? 253 LEU A O   1 
ATOM   988  C  CB  . LEU A 1 148 ? 1.765   -1.840  -8.157  1.00 29.10 ? 253 LEU A CB  1 
ATOM   989  C  CG  . LEU A 1 148 ? 2.023   -3.093  -7.308  1.00 30.10 ? 253 LEU A CG  1 
ATOM   990  C  CD1 . LEU A 1 148 ? 2.006   -2.684  -5.848  1.00 30.92 ? 253 LEU A CD1 1 
ATOM   991  C  CD2 . LEU A 1 148 ? 0.992   -4.188  -7.571  1.00 30.18 ? 253 LEU A CD2 1 
ATOM   992  N  N   . ASN A 1 149 ? 1.819   0.523   -10.208 1.00 25.65 ? 254 ASN A N   1 
ATOM   993  C  CA  . ASN A 1 149 ? 1.152   1.721   -10.681 1.00 25.32 ? 254 ASN A CA  1 
ATOM   994  C  C   . ASN A 1 149 ? 1.296   2.003   -12.170 1.00 25.54 ? 254 ASN A C   1 
ATOM   995  O  O   . ASN A 1 149 ? 0.624   2.877   -12.690 1.00 25.81 ? 254 ASN A O   1 
ATOM   996  C  CB  . ASN A 1 149 ? 1.558   2.913   -9.824  1.00 25.39 ? 254 ASN A CB  1 
ATOM   997  C  CG  . ASN A 1 149 ? 1.123   2.739   -8.392  1.00 25.37 ? 254 ASN A CG  1 
ATOM   998  O  OD1 . ASN A 1 149 ? 0.020   2.226   -8.132  1.00 26.10 ? 254 ASN A OD1 1 
ATOM   999  N  ND2 . ASN A 1 149 ? 1.982   3.116   -7.457  1.00 22.63 ? 254 ASN A ND2 1 
ATOM   1000 N  N   . ASN A 1 150 ? 2.135   1.227   -12.857 1.00 25.78 ? 255 ASN A N   1 
ATOM   1001 C  CA  . ASN A 1 150 ? 2.398   1.429   -14.281 1.00 26.41 ? 255 ASN A CA  1 
ATOM   1002 C  C   . ASN A 1 150 ? 2.118   0.160   -15.088 1.00 26.87 ? 255 ASN A C   1 
ATOM   1003 O  O   . ASN A 1 150 ? 2.747   -0.108  -16.104 1.00 26.43 ? 255 ASN A O   1 
ATOM   1004 C  CB  . ASN A 1 150 ? 3.821   1.936   -14.472 1.00 26.05 ? 255 ASN A CB  1 
ATOM   1005 C  CG  . ASN A 1 150 ? 4.021   3.301   -13.846 1.00 27.17 ? 255 ASN A CG  1 
ATOM   1006 O  OD1 . ASN A 1 150 ? 3.750   4.321   -14.477 1.00 25.49 ? 255 ASN A OD1 1 
ATOM   1007 N  ND2 . ASN A 1 150 ? 4.474   3.328   -12.587 1.00 26.16 ? 255 ASN A ND2 1 
ATOM   1008 N  N   . THR A 1 151 ? 1.147   -0.601  -14.591 1.00 27.80 ? 256 THR A N   1 
ATOM   1009 C  CA  . THR A 1 151 ? 0.650   -1.829  -15.195 1.00 28.97 ? 256 THR A CA  1 
ATOM   1010 C  C   . THR A 1 151 ? -0.877  -1.698  -15.333 1.00 29.06 ? 256 THR A C   1 
ATOM   1011 O  O   . THR A 1 151 ? -1.536  -1.067  -14.504 1.00 28.98 ? 256 THR A O   1 
ATOM   1012 C  CB  . THR A 1 151 ? 1.024   -3.043  -14.297 1.00 29.03 ? 256 THR A CB  1 
ATOM   1013 O  OG1 . THR A 1 151 ? 2.423   -3.301  -14.424 1.00 29.89 ? 256 THR A OG1 1 
ATOM   1014 C  CG2 . THR A 1 151 ? 0.259   -4.311  -14.707 1.00 30.86 ? 256 THR A CG2 1 
ATOM   1015 N  N   . TYR A 1 152 ? -1.425  -2.278  -16.390 1.00 29.61 ? 257 TYR A N   1 
ATOM   1016 C  CA  . TYR A 1 152 ? -2.855  -2.230  -16.655 1.00 30.08 ? 257 TYR A CA  1 
ATOM   1017 C  C   . TYR A 1 152 ? -3.630  -3.295  -15.892 1.00 31.96 ? 257 TYR A C   1 
ATOM   1018 O  O   . TYR A 1 152 ? -3.188  -4.444  -15.758 1.00 32.20 ? 257 TYR A O   1 
ATOM   1019 C  CB  . TYR A 1 152 ? -3.111  -2.340  -18.161 1.00 28.65 ? 257 TYR A CB  1 
ATOM   1020 C  CG  . TYR A 1 152 ? -2.537  -1.172  -18.908 1.00 26.28 ? 257 TYR A CG  1 
ATOM   1021 C  CD1 . TYR A 1 152 ? -3.306  -0.025  -19.155 1.00 24.65 ? 257 TYR A CD1 1 
ATOM   1022 C  CD2 . TYR A 1 152 ? -1.206  -1.180  -19.318 1.00 24.31 ? 257 TYR A CD2 1 
ATOM   1023 C  CE1 . TYR A 1 152 ? -2.763  1.067   -19.820 1.00 23.81 ? 257 TYR A CE1 1 
ATOM   1024 C  CE2 . TYR A 1 152 ? -0.655  -0.103  -19.978 1.00 24.55 ? 257 TYR A CE2 1 
ATOM   1025 C  CZ  . TYR A 1 152 ? -1.434  1.018   -20.235 1.00 25.06 ? 257 TYR A CZ  1 
ATOM   1026 O  OH  . TYR A 1 152 ? -0.861  2.079   -20.892 1.00 24.82 ? 257 TYR A OH  1 
ATOM   1027 N  N   . SER A 1 153 ? -4.788  -2.887  -15.381 1.00 34.06 ? 258 SER A N   1 
ATOM   1028 C  CA  . SER A 1 153 ? -5.738  -3.799  -14.744 1.00 35.95 ? 258 SER A CA  1 
ATOM   1029 C  C   . SER A 1 153 ? -6.572  -4.492  -15.815 1.00 36.40 ? 258 SER A C   1 
ATOM   1030 O  O   . SER A 1 153 ? -6.683  -3.975  -16.929 1.00 36.64 ? 258 SER A O   1 
ATOM   1031 C  CB  . SER A 1 153 ? -6.634  -3.026  -13.779 1.00 36.32 ? 258 SER A CB  1 
ATOM   1032 O  OG  . SER A 1 153 ? -5.838  -2.200  -12.940 1.00 38.83 ? 258 SER A OG  1 
ATOM   1033 N  N   . PRO A 1 154 ? -7.140  -5.679  -15.494 1.00 37.22 ? 259 PRO A N   1 
ATOM   1034 C  CA  . PRO A 1 154 ? -7.958  -6.443  -16.445 1.00 37.51 ? 259 PRO A CA  1 
ATOM   1035 C  C   . PRO A 1 154 ? -9.051  -5.641  -17.173 1.00 37.53 ? 259 PRO A C   1 
ATOM   1036 O  O   . PRO A 1 154 ? -9.182  -5.774  -18.397 1.00 38.27 ? 259 PRO A O   1 
ATOM   1037 C  CB  . PRO A 1 154 ? -8.582  -7.543  -15.574 1.00 37.51 ? 259 PRO A CB  1 
ATOM   1038 C  CG  . PRO A 1 154 ? -7.601  -7.742  -14.480 1.00 37.50 ? 259 PRO A CG  1 
ATOM   1039 C  CD  . PRO A 1 154 ? -7.018  -6.385  -14.199 1.00 37.54 ? 259 PRO A CD  1 
ATOM   1040 N  N   . VAL A 1 155 ? -9.819  -4.822  -16.452 1.00 36.90 ? 260 VAL A N   1 
ATOM   1041 C  CA  . VAL A 1 155 ? -10.996 -4.186  -17.078 1.00 36.54 ? 260 VAL A CA  1 
ATOM   1042 C  C   . VAL A 1 155 ? -10.809 -2.701  -17.404 1.00 35.36 ? 260 VAL A C   1 
ATOM   1043 O  O   . VAL A 1 155 ? -11.606 -2.109  -18.133 1.00 35.78 ? 260 VAL A O   1 
ATOM   1044 C  CB  . VAL A 1 155 ? -12.315 -4.371  -16.248 1.00 36.82 ? 260 VAL A CB  1 
ATOM   1045 C  CG1 . VAL A 1 155 ? -13.479 -4.685  -17.177 1.00 36.42 ? 260 VAL A CG1 1 
ATOM   1046 C  CG2 . VAL A 1 155 ? -12.176 -5.474  -15.191 1.00 37.58 ? 260 VAL A CG2 1 
ATOM   1047 N  N   . LEU A 1 156 ? -9.744  -2.111  -16.885 1.00 34.03 ? 261 LEU A N   1 
ATOM   1048 C  CA  . LEU A 1 156 ? -9.519  -0.678  -17.047 1.00 32.60 ? 261 LEU A CA  1 
ATOM   1049 C  C   . LEU A 1 156 ? -8.589  -0.376  -18.234 1.00 31.01 ? 261 LEU A C   1 
ATOM   1050 O  O   . LEU A 1 156 ? -7.802  -1.218  -18.654 1.00 31.11 ? 261 LEU A O   1 
ATOM   1051 C  CB  . LEU A 1 156 ? -9.000  -0.080  -15.738 1.00 32.80 ? 261 LEU A CB  1 
ATOM   1052 C  CG  . LEU A 1 156 ? -9.832  -0.317  -14.465 1.00 34.13 ? 261 LEU A CG  1 
ATOM   1053 C  CD1 . LEU A 1 156 ? -9.053  0.085   -13.196 1.00 34.25 ? 261 LEU A CD1 1 
ATOM   1054 C  CD2 . LEU A 1 156 ? -11.173 0.425   -14.520 1.00 34.99 ? 261 LEU A CD2 1 
ATOM   1055 N  N   . LYS A 1 157 ? -8.696  0.829   -18.774 1.00 29.16 ? 262 LYS A N   1 
ATOM   1056 C  CA  . LYS A 1 157 ? -7.945  1.211   -19.961 1.00 27.77 ? 262 LYS A CA  1 
ATOM   1057 C  C   . LYS A 1 157 ? -6.674  2.014   -19.626 1.00 26.55 ? 262 LYS A C   1 
ATOM   1058 O  O   . LYS A 1 157 ? -5.840  2.267   -20.492 1.00 25.60 ? 262 LYS A O   1 
ATOM   1059 C  CB  . LYS A 1 157 ? -8.863  1.974   -20.915 1.00 27.80 ? 262 LYS A CB  1 
ATOM   1060 C  CG  . LYS A 1 157 ? -10.121 1.181   -21.274 1.00 28.72 ? 262 LYS A CG  1 
ATOM   1061 C  CD  . LYS A 1 157 ? -10.968 1.858   -22.334 1.00 29.09 ? 262 LYS A CD  1 
ATOM   1062 C  CE  . LYS A 1 157 ? -12.032 0.897   -22.852 1.00 29.36 ? 262 LYS A CE  1 
ATOM   1063 N  NZ  . LYS A 1 157 ? -12.792 1.449   -24.023 1.00 29.60 ? 262 LYS A NZ  1 
ATOM   1064 N  N   . TYR A 1 158 ? -6.533  2.387   -18.360 1.00 25.71 ? 263 TYR A N   1 
ATOM   1065 C  CA  . TYR A 1 158 ? -5.415  3.216   -17.908 1.00 25.25 ? 263 TYR A CA  1 
ATOM   1066 C  C   . TYR A 1 158 ? -4.736  2.620   -16.690 1.00 24.90 ? 263 TYR A C   1 
ATOM   1067 O  O   . TYR A 1 158 ? -5.355  1.899   -15.909 1.00 25.31 ? 263 TYR A O   1 
ATOM   1068 C  CB  . TYR A 1 158 ? -5.887  4.653   -17.619 1.00 24.72 ? 263 TYR A CB  1 
ATOM   1069 C  CG  . TYR A 1 158 ? -6.484  5.328   -18.837 1.00 24.33 ? 263 TYR A CG  1 
ATOM   1070 C  CD1 . TYR A 1 158 ? -5.669  5.933   -19.783 1.00 22.91 ? 263 TYR A CD1 1 
ATOM   1071 C  CD2 . TYR A 1 158 ? -7.868  5.350   -19.038 1.00 23.99 ? 263 TYR A CD2 1 
ATOM   1072 C  CE1 . TYR A 1 158 ? -6.205  6.541   -20.907 1.00 24.26 ? 263 TYR A CE1 1 
ATOM   1073 C  CE2 . TYR A 1 158 ? -8.417  5.955   -20.154 1.00 25.41 ? 263 TYR A CE2 1 
ATOM   1074 C  CZ  . TYR A 1 158 ? -7.574  6.546   -21.093 1.00 24.72 ? 263 TYR A CZ  1 
ATOM   1075 O  OH  . TYR A 1 158 ? -8.100  7.142   -22.209 1.00 24.85 ? 263 TYR A OH  1 
ATOM   1076 N  N   . THR A 1 159 ? -3.454  2.922   -16.530 1.00 24.66 ? 264 THR A N   1 
ATOM   1077 C  CA  . THR A 1 159 ? -2.723  2.526   -15.329 1.00 24.01 ? 264 THR A CA  1 
ATOM   1078 C  C   . THR A 1 159 ? -3.114  3.466   -14.163 1.00 24.08 ? 264 THR A C   1 
ATOM   1079 O  O   . THR A 1 159 ? -3.584  4.595   -14.398 1.00 22.98 ? 264 THR A O   1 
ATOM   1080 C  CB  . THR A 1 159 ? -1.202  2.596   -15.555 1.00 24.49 ? 264 THR A CB  1 
ATOM   1081 O  OG1 . THR A 1 159 ? -0.792  3.970   -15.650 1.00 25.41 ? 264 THR A OG1 1 
ATOM   1082 C  CG2 . THR A 1 159 ? -0.777  1.837   -16.845 1.00 22.86 ? 264 THR A CG2 1 
ATOM   1083 N  N   . PRO A 1 160 ? -2.940  3.001   -12.908 1.00 23.86 ? 265 PRO A N   1 
ATOM   1084 C  CA  . PRO A 1 160 ? -3.135  3.896   -11.761 1.00 24.15 ? 265 PRO A CA  1 
ATOM   1085 C  C   . PRO A 1 160 ? -2.320  5.196   -11.853 1.00 25.00 ? 265 PRO A C   1 
ATOM   1086 O  O   . PRO A 1 160 ? -2.833  6.251   -11.511 1.00 24.85 ? 265 PRO A O   1 
ATOM   1087 C  CB  . PRO A 1 160 ? -2.677  3.037   -10.570 1.00 24.02 ? 265 PRO A CB  1 
ATOM   1088 C  CG  . PRO A 1 160 ? -2.933  1.618   -11.019 1.00 23.21 ? 265 PRO A CG  1 
ATOM   1089 C  CD  . PRO A 1 160 ? -2.575  1.630   -12.481 1.00 23.07 ? 265 PRO A CD  1 
ATOM   1090 N  N   . HIS A 1 161 ? -1.062  5.120   -12.314 1.00 25.87 ? 266 HIS A N   1 
ATOM   1091 C  CA  . HIS A 1 161 ? -0.240  6.321   -12.516 1.00 25.79 ? 266 HIS A CA  1 
ATOM   1092 C  C   . HIS A 1 161 ? -0.898  7.301   -13.478 1.00 25.71 ? 266 HIS A C   1 
ATOM   1093 O  O   . HIS A 1 161 ? -0.994  8.492   -13.159 1.00 26.84 ? 266 HIS A O   1 
ATOM   1094 C  CB  . HIS A 1 161 ? 1.163   5.959   -13.008 1.00 26.26 ? 266 HIS A CB  1 
ATOM   1095 C  CG  . HIS A 1 161 ? 2.123   7.115   -13.040 1.00 26.58 ? 266 HIS A CG  1 
ATOM   1096 N  ND1 . HIS A 1 161 ? 2.207   7.988   -14.108 1.00 28.28 ? 266 HIS A ND1 1 
ATOM   1097 C  CD2 . HIS A 1 161 ? 3.055   7.523   -12.148 1.00 26.15 ? 266 HIS A CD2 1 
ATOM   1098 C  CE1 . HIS A 1 161 ? 3.141   8.891   -13.868 1.00 27.32 ? 266 HIS A CE1 1 
ATOM   1099 N  NE2 . HIS A 1 161 ? 3.672   8.632   -12.685 1.00 28.35 ? 266 HIS A NE2 1 
ATOM   1100 N  N   . GLN A 1 162 ? -1.364  6.810   -14.631 1.00 25.07 ? 267 GLN A N   1 
ATOM   1101 C  CA  . GLN A 1 162 ? -2.045  7.659   -15.621 1.00 24.56 ? 267 GLN A CA  1 
ATOM   1102 C  C   . GLN A 1 162 ? -3.283  8.363   -15.029 1.00 24.91 ? 267 GLN A C   1 
ATOM   1103 O  O   . GLN A 1 162 ? -3.518  9.539   -15.288 1.00 24.57 ? 267 GLN A O   1 
ATOM   1104 C  CB  . GLN A 1 162 ? -2.409  6.868   -16.895 1.00 24.63 ? 267 GLN A CB  1 
ATOM   1105 C  CG  . GLN A 1 162 ? -1.198  6.361   -17.710 1.00 23.30 ? 267 GLN A CG  1 
ATOM   1106 C  CD  . GLN A 1 162 ? -1.510  5.153   -18.607 1.00 23.83 ? 267 GLN A CD  1 
ATOM   1107 O  OE1 . GLN A 1 162 ? -2.618  4.636   -18.610 1.00 23.70 ? 267 GLN A OE1 1 
ATOM   1108 N  NE2 . GLN A 1 162 ? -0.522  4.717   -19.389 1.00 22.31 ? 267 GLN A NE2 1 
ATOM   1109 N  N   . LEU A 1 163 ? -4.049  7.645   -14.215 1.00 25.23 ? 268 LEU A N   1 
ATOM   1110 C  CA  . LEU A 1 163 ? -5.252  8.201   -13.587 1.00 26.35 ? 268 LEU A CA  1 
ATOM   1111 C  C   . LEU A 1 163 ? -4.927  9.255   -12.516 1.00 27.33 ? 268 LEU A C   1 
ATOM   1112 O  O   . LEU A 1 163 ? -5.590  10.271  -12.432 1.00 27.50 ? 268 LEU A O   1 
ATOM   1113 C  CB  . LEU A 1 163 ? -6.122  7.074   -13.024 1.00 25.43 ? 268 LEU A CB  1 
ATOM   1114 C  CG  . LEU A 1 163 ? -6.668  6.146   -14.110 1.00 24.35 ? 268 LEU A CG  1 
ATOM   1115 C  CD1 . LEU A 1 163 ? -7.292  4.901   -13.516 1.00 24.94 ? 268 LEU A CD1 1 
ATOM   1116 C  CD2 . LEU A 1 163 ? -7.668  6.894   -14.987 1.00 23.44 ? 268 LEU A CD2 1 
ATOM   1117 N  N   . LEU A 1 164 ? -3.884  9.008   -11.723 1.00 28.46 ? 269 LEU A N   1 
ATOM   1118 C  CA  . LEU A 1 164 ? -3.452  9.965   -10.715 1.00 29.91 ? 269 LEU A CA  1 
ATOM   1119 C  C   . LEU A 1 164 ? -2.817  11.242  -11.306 1.00 30.44 ? 269 LEU A C   1 
ATOM   1120 O  O   . LEU A 1 164 ? -3.178  12.350  -10.911 1.00 31.39 ? 269 LEU A O   1 
ATOM   1121 C  CB  . LEU A 1 164 ? -2.511  9.302   -9.697  1.00 29.54 ? 269 LEU A CB  1 
ATOM   1122 C  CG  . LEU A 1 164 ? -2.150  10.124  -8.440  1.00 30.96 ? 269 LEU A CG  1 
ATOM   1123 C  CD1 . LEU A 1 164 ? -3.384  10.536  -7.626  1.00 30.77 ? 269 LEU A CD1 1 
ATOM   1124 C  CD2 . LEU A 1 164 ? -1.179  9.351   -7.558  1.00 29.97 ? 269 LEU A CD2 1 
ATOM   1125 N  N   . PHE A 1 165 ? -1.886  11.098  -12.242 1.00 30.77 ? 270 PHE A N   1 
ATOM   1126 C  CA  . PHE A 1 165 ? -1.145  12.272  -12.761 1.00 31.47 ? 270 PHE A CA  1 
ATOM   1127 C  C   . PHE A 1 165 ? -1.667  12.870  -14.073 1.00 31.80 ? 270 PHE A C   1 
ATOM   1128 O  O   . PHE A 1 165 ? -0.910  13.546  -14.787 1.00 32.45 ? 270 PHE A O   1 
ATOM   1129 C  CB  . PHE A 1 165 ? 0.349   11.933  -12.910 1.00 30.83 ? 270 PHE A CB  1 
ATOM   1130 C  CG  . PHE A 1 165 ? 1.030   11.659  -11.604 1.00 30.56 ? 270 PHE A CG  1 
ATOM   1131 C  CD1 . PHE A 1 165 ? 1.212   10.344  -11.162 1.00 30.43 ? 270 PHE A CD1 1 
ATOM   1132 C  CD2 . PHE A 1 165 ? 1.479   12.710  -10.804 1.00 28.80 ? 270 PHE A CD2 1 
ATOM   1133 C  CE1 . PHE A 1 165 ? 1.843   10.080  -9.946  1.00 29.51 ? 270 PHE A CE1 1 
ATOM   1134 C  CE2 . PHE A 1 165 ? 2.101   12.461  -9.583  1.00 29.06 ? 270 PHE A CE2 1 
ATOM   1135 C  CZ  . PHE A 1 165 ? 2.283   11.143  -9.148  1.00 30.50 ? 270 PHE A CZ  1 
ATOM   1136 N  N   . GLY A 1 166 ? -2.944  12.640  -14.386 1.00 32.32 ? 271 GLY A N   1 
ATOM   1137 C  CA  . GLY A 1 166 ? -3.497  12.993  -15.707 1.00 32.93 ? 271 GLY A CA  1 
ATOM   1138 C  C   . GLY A 1 166 ? -2.870  12.123  -16.789 1.00 33.47 ? 271 GLY A C   1 
ATOM   1139 O  O   . GLY A 1 166 ? -3.471  11.837  -17.834 1.00 34.02 ? 271 GLY A O   1 
ATOM   1140 N  N   . SER A 1 188 ? 14.428  -7.049  -15.907 1.00 34.87 ? 293 SER A N   1 
ATOM   1141 C  CA  . SER A 1 188 ? 14.305  -8.440  -15.466 1.00 34.92 ? 293 SER A CA  1 
ATOM   1142 C  C   . SER A 1 188 ? 13.423  -8.516  -14.230 1.00 35.00 ? 293 SER A C   1 
ATOM   1143 O  O   . SER A 1 188 ? 12.448  -9.276  -14.196 1.00 35.17 ? 293 SER A O   1 
ATOM   1144 C  CB  . SER A 1 188 ? 15.682  -9.077  -15.208 1.00 34.88 ? 293 SER A CB  1 
ATOM   1145 O  OG  . SER A 1 188 ? 16.469  -8.297  -14.325 1.00 34.79 ? 293 SER A OG  1 
ATOM   1146 N  N   . LEU A 1 189 ? 13.766  -7.713  -13.225 1.00 34.70 ? 294 LEU A N   1 
ATOM   1147 C  CA  . LEU A 1 189 ? 12.905  -7.499  -12.078 1.00 34.66 ? 294 LEU A CA  1 
ATOM   1148 C  C   . LEU A 1 189 ? 11.512  -7.041  -12.522 1.00 34.43 ? 294 LEU A C   1 
ATOM   1149 O  O   . LEU A 1 189 ? 10.503  -7.620  -12.119 1.00 34.24 ? 294 LEU A O   1 
ATOM   1150 C  CB  . LEU A 1 189 ? 13.532  -6.469  -11.140 1.00 34.79 ? 294 LEU A CB  1 
ATOM   1151 C  CG  . LEU A 1 189 ? 12.785  -6.170  -9.839  1.00 35.21 ? 294 LEU A CG  1 
ATOM   1152 C  CD1 . LEU A 1 189 ? 12.412  -7.452  -9.114  1.00 35.38 ? 294 LEU A CD1 1 
ATOM   1153 C  CD2 . LEU A 1 189 ? 13.622  -5.269  -8.945  1.00 34.82 ? 294 LEU A CD2 1 
ATOM   1154 N  N   . LEU A 1 190 ? 11.477  -6.015  -13.369 1.00 34.39 ? 295 LEU A N   1 
ATOM   1155 C  CA  . LEU A 1 190 ? 10.241  -5.481  -13.930 1.00 34.16 ? 295 LEU A CA  1 
ATOM   1156 C  C   . LEU A 1 190 ? 9.510   -6.544  -14.763 1.00 34.46 ? 295 LEU A C   1 
ATOM   1157 O  O   . LEU A 1 190 ? 8.278   -6.634  -14.737 1.00 34.71 ? 295 LEU A O   1 
ATOM   1158 C  CB  . LEU A 1 190 ? 10.557  -4.253  -14.795 1.00 34.03 ? 295 LEU A CB  1 
ATOM   1159 C  CG  . LEU A 1 190 ? 9.711   -2.973  -14.740 1.00 33.77 ? 295 LEU A CG  1 
ATOM   1160 C  CD1 . LEU A 1 190 ? 8.224   -3.253  -14.515 1.00 32.67 ? 295 LEU A CD1 1 
ATOM   1161 C  CD2 . LEU A 1 190 ? 10.236  -2.030  -13.671 1.00 33.13 ? 295 LEU A CD2 1 
ATOM   1162 N  N   . GLN A 1 191 ? 10.281  -7.349  -15.493 1.00 34.52 ? 296 GLN A N   1 
ATOM   1163 C  CA  . GLN A 1 191 ? 9.735   -8.434  -16.311 1.00 34.58 ? 296 GLN A CA  1 
ATOM   1164 C  C   . GLN A 1 191 ? 9.101   -9.538  -15.453 1.00 34.23 ? 296 GLN A C   1 
ATOM   1165 O  O   . GLN A 1 191 ? 7.985   -9.979  -15.737 1.00 34.12 ? 296 GLN A O   1 
ATOM   1166 C  CB  . GLN A 1 191 ? 10.828  -9.009  -17.228 1.00 34.66 ? 296 GLN A CB  1 
ATOM   1167 C  CG  . GLN A 1 191 ? 10.323  -9.667  -18.515 1.00 34.65 ? 296 GLN A CG  1 
ATOM   1168 C  CD  . GLN A 1 191 ? 11.429  -9.842  -19.545 1.00 35.18 ? 296 GLN A CD  1 
ATOM   1169 O  OE1 . GLN A 1 191 ? 12.559  -10.198 -19.202 1.00 35.94 ? 296 GLN A OE1 1 
ATOM   1170 N  NE2 . GLN A 1 191 ? 11.110  -9.589  -20.820 1.00 35.94 ? 296 GLN A NE2 1 
ATOM   1171 N  N   . GLU A 1 192 ? 9.810   -9.972  -14.408 1.00 34.23 ? 297 GLU A N   1 
ATOM   1172 C  CA  . GLU A 1 192 ? 9.306   -10.995 -13.487 1.00 34.32 ? 297 GLU A CA  1 
ATOM   1173 C  C   . GLU A 1 192 ? 8.010   -10.554 -12.811 1.00 34.40 ? 297 GLU A C   1 
ATOM   1174 O  O   . GLU A 1 192 ? 7.073   -11.338 -12.668 1.00 34.40 ? 297 GLU A O   1 
ATOM   1175 C  CB  . GLU A 1 192 ? 10.355  -11.343 -12.425 1.00 33.95 ? 297 GLU A CB  1 
ATOM   1176 C  CG  . GLU A 1 192 ? 11.299  -12.476 -12.814 1.00 35.77 ? 297 GLU A CG  1 
ATOM   1177 C  CD  . GLU A 1 192 ? 12.667  -12.174 -12.126 0.00 20.00 ? 297 GLU A CD  1 
ATOM   1178 O  OE1 . GLU A 1 192 ? 12.621  -11.641 -10.998 0.00 20.00 ? 297 GLU A OE1 1 
ATOM   1179 O  OE2 . GLU A 1 192 ? 13.725  -12.594 -12.638 0.00 20.00 ? 297 GLU A OE2 1 
ATOM   1180 N  N   . ILE A 1 193 ? 7.981   -9.291  -12.386 1.00 34.50 ? 298 ILE A N   1 
ATOM   1181 C  CA  . ILE A 1 193 ? 6.810   -8.690  -11.765 1.00 34.57 ? 298 ILE A CA  1 
ATOM   1182 C  C   . ILE A 1 193 ? 5.632   -8.725  -12.741 1.00 34.87 ? 298 ILE A C   1 
ATOM   1183 O  O   . ILE A 1 193 ? 4.545   -9.200  -12.381 1.00 35.63 ? 298 ILE A O   1 
ATOM   1184 C  CB  . ILE A 1 193 ? 7.090   -7.234  -11.292 1.00 34.35 ? 298 ILE A CB  1 
ATOM   1185 C  CG1 . ILE A 1 193 ? 8.159   -7.204  -10.188 1.00 35.07 ? 298 ILE A CG1 1 
ATOM   1186 C  CG2 . ILE A 1 193 ? 5.819   -6.583  -10.799 1.00 34.96 ? 298 ILE A CG2 1 
ATOM   1187 C  CD1 . ILE A 1 193 ? 8.811   -5.830  -9.975  1.00 34.41 ? 298 ILE A CD1 1 
ATOM   1188 N  N   . ARG A 1 194 ? 5.848   -8.238  -13.967 1.00 34.14 ? 299 ARG A N   1 
ATOM   1189 C  CA  . ARG A 1 194 ? 4.793   -8.226  -14.984 1.00 34.20 ? 299 ARG A CA  1 
ATOM   1190 C  C   . ARG A 1 194 ? 4.260   -9.623  -15.297 1.00 33.70 ? 299 ARG A C   1 
ATOM   1191 O  O   . ARG A 1 194 ? 3.090   -9.770  -15.660 1.00 33.78 ? 299 ARG A O   1 
ATOM   1192 C  CB  . ARG A 1 194 ? 5.247   -7.516  -16.264 1.00 34.28 ? 299 ARG A CB  1 
ATOM   1193 C  CG  . ARG A 1 194 ? 5.321   -6.005  -16.110 1.00 36.15 ? 299 ARG A CG  1 
ATOM   1194 C  CD  . ARG A 1 194 ? 5.392   -5.294  -17.447 1.00 40.25 ? 299 ARG A CD  1 
ATOM   1195 N  NE  . ARG A 1 194 ? 4.929   -3.911  -17.327 1.00 41.52 ? 299 ARG A NE  1 
ATOM   1196 C  CZ  . ARG A 1 194 ? 5.728   -2.847  -17.283 1.00 42.56 ? 299 ARG A CZ  1 
ATOM   1197 N  NH1 . ARG A 1 194 ? 7.047   -2.990  -17.369 1.00 43.02 ? 299 ARG A NH1 1 
ATOM   1198 N  NH2 . ARG A 1 194 ? 5.204   -1.634  -17.168 1.00 42.09 ? 299 ARG A NH2 1 
ATOM   1199 N  N   . THR A 1 195 ? 5.121   -10.634 -15.162 1.00 32.91 ? 300 THR A N   1 
ATOM   1200 C  CA  . THR A 1 195 ? 4.719   -12.035 -15.299 1.00 32.39 ? 300 THR A CA  1 
ATOM   1201 C  C   . THR A 1 195 ? 3.622   -12.366 -14.296 1.00 31.73 ? 300 THR A C   1 
ATOM   1202 O  O   . THR A 1 195 ? 2.597   -12.941 -14.658 1.00 31.77 ? 300 THR A O   1 
ATOM   1203 C  CB  . THR A 1 195 ? 5.915   -12.994 -15.107 1.00 32.53 ? 300 THR A CB  1 
ATOM   1204 O  OG1 . THR A 1 195 ? 6.700   -13.010 -16.304 1.00 33.11 ? 300 THR A OG1 1 
ATOM   1205 C  CG2 . THR A 1 195 ? 5.447   -14.416 -14.824 1.00 33.10 ? 300 THR A CG2 1 
ATOM   1206 N  N   . SER A 1 196 ? 3.833   -11.971 -13.043 1.00 30.72 ? 301 SER A N   1 
ATOM   1207 C  CA  . SER A 1 196 ? 2.902   -12.279 -11.977 1.00 29.77 ? 301 SER A CA  1 
ATOM   1208 C  C   . SER A 1 196 ? 1.592   -11.510 -12.169 1.00 29.35 ? 301 SER A C   1 
ATOM   1209 O  O   . SER A 1 196 ? 0.510   -12.049 -11.943 1.00 28.97 ? 301 SER A O   1 
ATOM   1210 C  CB  . SER A 1 196 ? 3.543   -11.974 -10.621 1.00 29.77 ? 301 SER A CB  1 
ATOM   1211 O  OG  . SER A 1 196 ? 2.747   -12.468 -9.564  1.00 29.12 ? 301 SER A OG  1 
ATOM   1212 N  N   . LEU A 1 197 ? 1.702   -10.265 -12.628 1.00 28.96 ? 302 LEU A N   1 
ATOM   1213 C  CA  . LEU A 1 197 ? 0.539   -9.391  -12.825 1.00 28.47 ? 302 LEU A CA  1 
ATOM   1214 C  C   . LEU A 1 197 ? -0.320  -9.697  -14.050 1.00 28.58 ? 302 LEU A C   1 
ATOM   1215 O  O   . LEU A 1 197 ? -1.538  -9.510  -14.013 1.00 28.71 ? 302 LEU A O   1 
ATOM   1216 C  CB  . LEU A 1 197 ? 0.979   -7.919  -12.852 1.00 28.34 ? 302 LEU A CB  1 
ATOM   1217 C  CG  . LEU A 1 197 ? 1.531   -7.354  -11.537 1.00 26.96 ? 302 LEU A CG  1 
ATOM   1218 C  CD1 . LEU A 1 197 ? 1.957   -5.894  -11.712 1.00 25.92 ? 302 LEU A CD1 1 
ATOM   1219 C  CD2 . LEU A 1 197 ? 0.504   -7.480  -10.408 1.00 27.66 ? 302 LEU A CD2 1 
ATOM   1220 N  N   . TYR A 1 198 ? 0.301   -10.142 -15.140 1.00 28.45 ? 303 TYR A N   1 
ATOM   1221 C  CA  . TYR A 1 198 ? -0.436  -10.367 -16.382 1.00 28.64 ? 303 TYR A CA  1 
ATOM   1222 C  C   . TYR A 1 198 ? -0.914  -11.815 -16.607 1.00 28.65 ? 303 TYR A C   1 
ATOM   1223 O  O   . TYR A 1 198 ? -1.984  -12.022 -17.174 1.00 28.87 ? 303 TYR A O   1 
ATOM   1224 C  CB  . TYR A 1 198 ? 0.339   -9.842  -17.594 1.00 28.38 ? 303 TYR A CB  1 
ATOM   1225 C  CG  . TYR A 1 198 ? 0.377   -8.332  -17.691 1.00 28.76 ? 303 TYR A CG  1 
ATOM   1226 C  CD1 . TYR A 1 198 ? 1.557   -7.673  -18.042 1.00 28.21 ? 303 TYR A CD1 1 
ATOM   1227 C  CD2 . TYR A 1 198 ? -0.764  -7.553  -17.424 1.00 28.41 ? 303 TYR A CD2 1 
ATOM   1228 C  CE1 . TYR A 1 198 ? 1.604   -6.283  -18.140 1.00 27.73 ? 303 TYR A CE1 1 
ATOM   1229 C  CE2 . TYR A 1 198 ? -0.726  -6.159  -17.526 1.00 27.97 ? 303 TYR A CE2 1 
ATOM   1230 C  CZ  . TYR A 1 198 ? 0.465   -5.531  -17.879 1.00 28.05 ? 303 TYR A CZ  1 
ATOM   1231 O  OH  . TYR A 1 198 ? 0.531   -4.157  -17.981 1.00 27.76 ? 303 TYR A OH  1 
ATOM   1232 N  N   . HIS A 1 199 ? -0.131  -12.800 -16.167 1.00 28.73 ? 304 HIS A N   1 
ATOM   1233 C  CA  . HIS A 1 199 ? -0.554  -14.205 -16.218 1.00 28.79 ? 304 HIS A CA  1 
ATOM   1234 C  C   . HIS A 1 199 ? -1.726  -14.494 -15.276 1.00 28.59 ? 304 HIS A C   1 
ATOM   1235 O  O   . HIS A 1 199 ? -1.746  -14.049 -14.126 1.00 28.28 ? 304 HIS A O   1 
ATOM   1236 C  CB  . HIS A 1 199 ? 0.614   -15.142 -15.905 1.00 28.91 ? 304 HIS A CB  1 
ATOM   1237 C  CG  . HIS A 1 199 ? 1.592   -15.284 -17.029 1.00 29.62 ? 304 HIS A CG  1 
ATOM   1238 N  ND1 . HIS A 1 199 ? 1.496   -16.284 -17.976 1.00 30.39 ? 304 HIS A ND1 1 
ATOM   1239 C  CD2 . HIS A 1 199 ? 2.681   -14.552 -17.362 1.00 29.98 ? 304 HIS A CD2 1 
ATOM   1240 C  CE1 . HIS A 1 199 ? 2.489   -16.163 -18.840 1.00 30.85 ? 304 HIS A CE1 1 
ATOM   1241 N  NE2 . HIS A 1 199 ? 3.221   -15.120 -18.491 1.00 30.13 ? 304 HIS A NE2 1 
HETATM 1242 MG MG  . MG  B 2 .   ? -4.760  -7.031  7.774   1.00 38.25 ? 49  MG  A MG  1 
HETATM 1243 O  O   . HOH C 3 .   ? -0.644  18.972  -2.628  1.00 19.81 ? 1   HOH A O   1 
HETATM 1244 O  O   . HOH C 3 .   ? 4.715   13.493  0.684   1.00 19.41 ? 2   HOH A O   1 
HETATM 1245 O  O   . HOH C 3 .   ? -9.163  3.745   15.549  1.00 23.73 ? 3   HOH A O   1 
HETATM 1246 O  O   . HOH C 3 .   ? -10.115 7.883   -3.982  1.00 30.61 ? 4   HOH A O   1 
HETATM 1247 O  O   . HOH C 3 .   ? 19.323  -12.524 1.123   1.00 22.03 ? 5   HOH A O   1 
HETATM 1248 O  O   . HOH C 3 .   ? 8.718   1.514   11.245  1.00 23.83 ? 6   HOH A O   1 
HETATM 1249 O  O   . HOH C 3 .   ? 5.968   11.303  8.878   1.00 22.49 ? 7   HOH A O   1 
HETATM 1250 O  O   . HOH C 3 .   ? 5.619   4.779   -0.949  1.00 23.33 ? 8   HOH A O   1 
HETATM 1251 O  O   . HOH C 3 .   ? 4.384   4.464   -8.273  1.00 22.70 ? 9   HOH A O   1 
HETATM 1252 O  O   . HOH C 3 .   ? -1.599  0.032   -7.988  1.00 16.35 ? 10  HOH A O   1 
HETATM 1253 O  O   . HOH C 3 .   ? 2.008   2.066   18.228  1.00 28.80 ? 11  HOH A O   1 
HETATM 1254 O  O   . HOH C 3 .   ? 0.045   -0.180  17.616  1.00 43.23 ? 12  HOH A O   1 
HETATM 1255 O  O   . HOH C 3 .   ? 1.146   12.950  13.652  1.00 35.31 ? 13  HOH A O   1 
HETATM 1256 O  O   . HOH C 3 .   ? 18.298  -8.394  -6.367  1.00 47.79 ? 14  HOH A O   1 
HETATM 1257 O  O   . HOH C 3 .   ? 5.482   15.470  5.788   1.00 26.14 ? 15  HOH A O   1 
HETATM 1258 O  O   . HOH C 3 .   ? -4.838  -1.936  1.080   1.00 34.12 ? 16  HOH A O   1 
HETATM 1259 O  O   . HOH C 3 .   ? -9.657  2.661   9.158   1.00 26.78 ? 17  HOH A O   1 
HETATM 1260 O  O   . HOH C 3 .   ? 7.804   7.483   6.190   1.00 33.29 ? 18  HOH A O   1 
HETATM 1261 O  O   . HOH C 3 .   ? 4.667   8.759   -0.441  1.00 26.22 ? 19  HOH A O   1 
HETATM 1262 O  O   . HOH C 3 .   ? 5.515   13.937  8.022   1.00 20.03 ? 20  HOH A O   1 
HETATM 1263 O  O   . HOH C 3 .   ? 0.667   -10.934 5.223   1.00 35.00 ? 21  HOH A O   1 
HETATM 1264 O  O   . HOH C 3 .   ? -11.799 9.005   14.422  1.00 34.62 ? 22  HOH A O   1 
HETATM 1265 O  O   . HOH C 3 .   ? 13.074  0.958   -0.272  1.00 24.87 ? 23  HOH A O   1 
HETATM 1266 O  O   . HOH C 3 .   ? 10.706  4.293   4.907   1.00 29.82 ? 24  HOH A O   1 
HETATM 1267 O  O   . HOH C 3 .   ? 9.033   3.173   8.511   1.00 39.85 ? 25  HOH A O   1 
HETATM 1268 O  O   . HOH C 3 .   ? -3.103  10.178  17.928  1.00 41.23 ? 26  HOH A O   1 
HETATM 1269 O  O   . HOH C 3 .   ? 17.383  -6.804  8.975   1.00 37.10 ? 27  HOH A O   1 
HETATM 1270 O  O   . HOH C 3 .   ? 8.201   3.733   5.272   1.00 28.95 ? 28  HOH A O   1 
HETATM 1271 O  O   . HOH C 3 .   ? -13.177 9.130   12.078  1.00 38.53 ? 29  HOH A O   1 
HETATM 1272 O  O   . HOH C 3 .   ? -5.821  -1.497  18.938  1.00 42.73 ? 30  HOH A O   1 
HETATM 1273 O  O   . HOH C 3 .   ? -3.571  3.668   21.482  1.00 39.96 ? 31  HOH A O   1 
HETATM 1274 O  O   . HOH C 3 .   ? 1.745   4.219   -16.205 1.00 26.64 ? 32  HOH A O   1 
HETATM 1275 O  O   . HOH C 3 .   ? 1.647   2.104   -21.205 1.00 31.21 ? 33  HOH A O   1 
HETATM 1276 O  O   . HOH C 3 .   ? 2.511   -2.863  -19.126 1.00 41.96 ? 34  HOH A O   1 
HETATM 1277 O  O   . HOH C 3 .   ? -6.800  -3.621  6.427   1.00 29.92 ? 35  HOH A O   1 
HETATM 1278 O  O   . HOH C 3 .   ? -5.068  -8.106  9.581   1.00 30.52 ? 36  HOH A O   1 
HETATM 1279 O  O   . HOH C 3 .   ? 7.233   3.928   14.561  1.00 34.71 ? 37  HOH A O   1 
HETATM 1280 O  O   . HOH C 3 .   ? -5.537  0.377   -13.349 1.00 35.32 ? 38  HOH A O   1 
HETATM 1281 O  O   . HOH C 3 .   ? -5.307  -7.973  6.011   1.00 43.82 ? 39  HOH A O   1 
HETATM 1282 O  O   . HOH C 3 .   ? -1.989  -4.062  13.298  1.00 26.24 ? 40  HOH A O   1 
HETATM 1283 O  O   . HOH C 3 .   ? 6.668   5.196   7.062   1.00 26.32 ? 41  HOH A O   1 
HETATM 1284 O  O   . HOH C 3 .   ? -5.967  -1.029  -16.713 1.00 42.46 ? 42  HOH A O   1 
HETATM 1285 O  O   . HOH C 3 .   ? -2.946  -7.550  7.891   1.00 32.96 ? 43  HOH A O   1 
HETATM 1286 O  O   . HOH C 3 .   ? -4.353  -5.253  9.411   1.00 34.61 ? 44  HOH A O   1 
HETATM 1287 O  O   . HOH C 3 .   ? -2.509  -5.364  11.053  1.00 33.76 ? 45  HOH A O   1 
HETATM 1288 O  O   . HOH C 3 .   ? -0.879  -7.195  10.372  1.00 32.69 ? 46  HOH A O   1 
HETATM 1289 O  O   . HOH C 3 .   ? 19.314  -6.575  5.332   1.00 38.08 ? 47  HOH A O   1 
HETATM 1290 O  O   . HOH C 3 .   ? -10.984 2.464   -17.847 1.00 36.49 ? 48  HOH A O   1 
# 
